data_1ZZ0
#
_entry.id   1ZZ0
#
_cell.length_a   93.586
_cell.length_b   127.886
_cell.length_c   251.681
_cell.angle_alpha   90.00
_cell.angle_beta   90.00
_cell.angle_gamma   90.00
#
_symmetry.space_group_name_H-M   'I 2 2 2'
#
loop_
_entity.id
_entity.type
_entity.pdbx_description
1 polymer 'Histone deacetylase-like amidohydrolase'
2 non-polymer 'ZINC ION'
3 non-polymer 'POTASSIUM ION'
4 non-polymer 'ACETATE ION'
5 water water
#
_entity_poly.entity_id   1
_entity_poly.type   'polypeptide(L)'
_entity_poly.pdbx_seq_one_letter_code
;MAIGYVWNTLYGWVDTGTGSLAAANLTARMQPISHHLAHPDTKRRFHELVCASGQIEHLTPIAAVAATDADILRAHSAAH
LENMKRVSNLPTGGDTGDGITMMGNGGLEIARLSAGGAVELTRRVATGELSAGYALVNPPGHHAPHNAAMGFCIFNNTSV
AAGYARAVLGMERVAILDWDVHHGNGTQDIWWNDPSVLTISLHQHLCFPPDSGYSTERGAGNGHGYNINVPLPPGSGNAA
YLHAMDQVVLPALRAYRPQLIIVGSGFDASMLDPLARMMVTADGFRQMARRTIDCAADICDGRIVFVQEGGYSPHYLPFC
GLAVIEELTGVRSLPDPYHEFLAGMGGNTLLDAERAAIEEIVPLLADIR
;
_entity_poly.pdbx_strand_id   A,B,C,D
#
loop_
_chem_comp.id
_chem_comp.type
_chem_comp.name
_chem_comp.formula
ACT non-polymer 'ACETATE ION' 'C2 H3 O2 -1'
K non-polymer 'POTASSIUM ION' 'K 1'
ZN non-polymer 'ZINC ION' 'Zn 2'
#
# COMPACT_ATOMS: atom_id res chain seq x y z
N ALA A 2 18.17 -22.86 -25.37
CA ALA A 2 16.80 -22.92 -24.77
C ALA A 2 16.91 -22.73 -23.27
N ILE A 3 16.43 -21.57 -22.80
CA ILE A 3 16.53 -21.19 -21.39
C ILE A 3 15.11 -21.18 -20.78
N GLY A 4 14.88 -22.01 -19.79
CA GLY A 4 13.57 -22.11 -19.19
C GLY A 4 13.38 -21.05 -18.12
N TYR A 5 12.13 -20.74 -17.88
CA TYR A 5 11.76 -19.69 -16.93
C TYR A 5 10.48 -20.09 -16.26
N VAL A 6 10.49 -20.16 -14.93
CA VAL A 6 9.28 -20.48 -14.17
C VAL A 6 8.80 -19.29 -13.35
N TRP A 7 7.56 -18.90 -13.61
CA TRP A 7 6.78 -18.04 -12.71
C TRP A 7 5.38 -18.64 -12.59
N ASN A 8 4.80 -18.59 -11.40
CA ASN A 8 3.41 -18.97 -11.21
C ASN A 8 2.75 -17.83 -10.51
N THR A 9 1.54 -17.46 -10.94
CA THR A 9 0.80 -16.35 -10.34
C THR A 9 0.78 -16.44 -8.81
N LEU A 10 0.64 -17.66 -8.31
CA LEU A 10 0.49 -17.85 -6.86
C LEU A 10 1.75 -17.53 -6.07
N TYR A 11 2.91 -17.59 -6.71
CA TYR A 11 4.13 -17.08 -6.06
C TYR A 11 3.93 -15.66 -5.54
N GLY A 12 3.10 -14.88 -6.22
CA GLY A 12 2.82 -13.53 -5.80
C GLY A 12 1.70 -13.35 -4.82
N TRP A 13 1.09 -14.47 -4.41
CA TRP A 13 -0.08 -14.45 -3.50
C TRP A 13 0.26 -14.94 -2.10
N VAL A 14 1.55 -15.20 -1.86
CA VAL A 14 1.98 -15.66 -0.53
C VAL A 14 1.50 -14.67 0.51
N ASP A 15 0.87 -15.18 1.58
CA ASP A 15 0.34 -14.29 2.62
C ASP A 15 1.35 -14.21 3.76
N THR A 16 2.00 -13.06 3.84
CA THR A 16 3.05 -12.84 4.84
C THR A 16 2.48 -12.19 6.10
N GLY A 17 1.18 -11.98 6.12
CA GLY A 17 0.50 -11.51 7.36
C GLY A 17 0.47 -10.00 7.48
N THR A 18 0.50 -9.48 8.73
CA THR A 18 0.36 -8.05 8.95
C THR A 18 1.48 -7.46 9.81
N GLY A 19 2.50 -8.28 10.08
CA GLY A 19 3.67 -7.82 10.81
C GLY A 19 4.79 -7.41 9.88
N SER A 20 5.87 -6.91 10.47
CA SER A 20 7.08 -6.50 9.75
C SER A 20 8.02 -7.68 9.52
N LEU A 21 8.08 -8.55 10.53
CA LEU A 21 9.06 -9.64 10.54
C LEU A 21 8.43 -10.74 11.35
N ALA A 22 8.35 -10.54 12.67
CA ALA A 22 7.38 -11.28 13.46
C ALA A 22 5.96 -10.71 13.25
N ALA A 23 4.98 -11.30 13.89
CA ALA A 23 3.60 -10.80 13.81
C ALA A 23 3.51 -9.41 14.47
N ALA A 24 2.52 -8.62 14.04
CA ALA A 24 2.20 -7.40 14.77
C ALA A 24 1.84 -7.82 16.20
N ASN A 25 2.11 -6.94 17.17
CA ASN A 25 1.84 -7.27 18.56
C ASN A 25 1.58 -5.98 19.29
N LEU A 26 0.37 -5.83 19.81
CA LEU A 26 -0.02 -4.55 20.37
C LEU A 26 0.70 -4.22 21.69
N THR A 27 0.87 -5.20 22.57
CA THR A 27 1.56 -4.83 23.82
C THR A 27 3.00 -4.41 23.58
N ALA A 28 3.65 -5.01 22.59
CA ALA A 28 5.01 -4.62 22.20
C ALA A 28 5.05 -3.32 21.41
N ARG A 29 3.85 -2.86 21.02
CA ARG A 29 3.62 -1.63 20.19
C ARG A 29 4.30 -1.76 18.83
N MET A 30 4.22 -2.98 18.28
CA MET A 30 4.62 -3.23 16.91
C MET A 30 3.41 -3.03 16.03
N GLN A 31 3.35 -1.85 15.42
CA GLN A 31 2.19 -1.47 14.63
C GLN A 31 2.06 -2.38 13.40
N PRO A 32 0.82 -2.79 13.04
CA PRO A 32 0.65 -3.56 11.79
C PRO A 32 1.13 -2.75 10.57
N ILE A 33 1.50 -3.44 9.52
CA ILE A 33 2.02 -2.77 8.33
C ILE A 33 1.56 -3.53 7.09
N SER A 34 1.36 -2.82 5.98
CA SER A 34 0.80 -3.46 4.76
C SER A 34 1.77 -4.46 4.16
N HIS A 35 3.06 -4.11 4.16
CA HIS A 35 4.09 -4.96 3.53
C HIS A 35 5.11 -5.45 4.53
N HIS A 36 5.01 -6.72 4.87
CA HIS A 36 6.05 -7.41 5.63
C HIS A 36 7.37 -7.32 4.85
N LEU A 37 8.49 -7.41 5.55
CA LEU A 37 9.78 -7.41 4.84
C LEU A 37 9.82 -8.39 3.66
N ALA A 38 9.19 -9.56 3.82
CA ALA A 38 9.25 -10.62 2.82
C ALA A 38 8.04 -10.62 1.89
N HIS A 39 7.30 -9.51 1.84
CA HIS A 39 6.08 -9.43 1.02
C HIS A 39 6.38 -9.87 -0.45
N PRO A 40 5.44 -10.61 -1.07
CA PRO A 40 5.69 -11.11 -2.43
C PRO A 40 5.89 -10.05 -3.53
N ASP A 41 5.54 -8.78 -3.29
CA ASP A 41 5.68 -7.80 -4.38
C ASP A 41 7.12 -7.69 -4.88
N THR A 42 8.10 -7.94 -4.02
CA THR A 42 9.49 -7.77 -4.48
C THR A 42 9.80 -8.74 -5.64
N LYS A 43 9.41 -10.00 -5.46
CA LYS A 43 9.70 -11.00 -6.46
C LYS A 43 8.74 -10.82 -7.66
N ARG A 44 7.52 -10.34 -7.41
CA ARG A 44 6.58 -10.14 -8.53
C ARG A 44 7.16 -9.04 -9.41
N ARG A 45 7.74 -8.01 -8.78
CA ARG A 45 8.33 -6.88 -9.58
C ARG A 45 9.50 -7.39 -10.47
N PHE A 46 10.23 -8.41 -9.98
CA PHE A 46 11.26 -9.04 -10.80
C PHE A 46 10.60 -9.75 -12.02
N HIS A 47 9.58 -10.58 -11.77
CA HIS A 47 8.87 -11.21 -12.88
C HIS A 47 8.37 -10.16 -13.88
N GLU A 48 7.75 -9.10 -13.36
CA GLU A 48 7.15 -8.14 -14.27
C GLU A 48 8.23 -7.46 -15.11
N LEU A 49 9.43 -7.29 -14.56
CA LEU A 49 10.50 -6.67 -15.35
C LEU A 49 11.01 -7.65 -16.39
N VAL A 50 11.08 -8.93 -16.04
CA VAL A 50 11.47 -9.94 -17.06
C VAL A 50 10.54 -9.81 -18.26
N CYS A 51 9.24 -9.65 -17.98
CA CYS A 51 8.26 -9.52 -19.04
C CYS A 51 8.37 -8.15 -19.75
N ALA A 52 8.37 -7.07 -18.98
CA ALA A 52 8.30 -5.71 -19.57
C ALA A 52 9.55 -5.33 -20.32
N SER A 53 10.67 -5.89 -19.90
CA SER A 53 11.96 -5.64 -20.57
C SER A 53 12.05 -6.32 -21.94
N GLY A 54 11.14 -7.25 -22.21
CA GLY A 54 11.18 -8.11 -23.41
C GLY A 54 12.12 -9.28 -23.27
N GLN A 55 12.72 -9.45 -22.09
CA GLN A 55 13.58 -10.61 -21.87
C GLN A 55 12.78 -11.91 -22.03
N ILE A 56 11.50 -11.87 -21.64
CA ILE A 56 10.61 -13.03 -21.71
C ILE A 56 10.54 -13.63 -23.14
N GLU A 57 10.80 -12.78 -24.14
CA GLU A 57 10.76 -13.22 -25.53
C GLU A 57 11.90 -14.18 -25.88
N HIS A 58 12.92 -14.23 -25.02
CA HIS A 58 14.10 -15.05 -25.23
C HIS A 58 14.13 -16.25 -24.28
N LEU A 59 13.01 -16.42 -23.56
CA LEU A 59 12.86 -17.48 -22.58
C LEU A 59 11.78 -18.44 -22.99
N THR A 60 11.90 -19.68 -22.51
CA THR A 60 10.90 -20.71 -22.68
C THR A 60 10.12 -20.83 -21.38
N PRO A 61 8.88 -20.29 -21.33
CA PRO A 61 8.09 -20.42 -20.11
C PRO A 61 7.77 -21.87 -19.80
N ILE A 62 8.01 -22.26 -18.55
CA ILE A 62 7.81 -23.60 -18.07
C ILE A 62 6.82 -23.48 -16.91
N ALA A 63 5.73 -24.24 -16.98
CA ALA A 63 4.72 -24.26 -15.93
C ALA A 63 5.22 -25.05 -14.71
N ALA A 64 5.01 -24.47 -13.52
CA ALA A 64 5.34 -25.17 -12.28
C ALA A 64 4.39 -26.37 -12.15
N VAL A 65 4.88 -27.43 -11.55
CA VAL A 65 4.01 -28.60 -11.31
C VAL A 65 4.06 -28.77 -9.79
N ALA A 66 2.93 -28.98 -9.10
CA ALA A 66 2.99 -29.09 -7.64
C ALA A 66 3.82 -30.29 -7.19
N ALA A 67 4.77 -30.03 -6.30
CA ALA A 67 5.56 -31.10 -5.70
C ALA A 67 4.69 -32.06 -4.91
N THR A 68 4.94 -33.35 -5.10
CA THR A 68 4.12 -34.38 -4.48
C THR A 68 4.67 -34.61 -3.09
N ASP A 69 3.91 -35.31 -2.24
CA ASP A 69 4.47 -35.72 -0.96
C ASP A 69 5.81 -36.46 -1.15
N ALA A 70 5.88 -37.38 -2.11
CA ALA A 70 7.11 -38.14 -2.37
C ALA A 70 8.27 -37.20 -2.66
N ASP A 71 8.03 -36.19 -3.49
CA ASP A 71 9.06 -35.21 -3.83
C ASP A 71 9.54 -34.51 -2.56
N ILE A 72 8.59 -34.04 -1.78
CA ILE A 72 8.94 -33.33 -0.56
C ILE A 72 9.71 -34.21 0.42
N LEU A 73 9.28 -35.47 0.52
CA LEU A 73 9.89 -36.40 1.48
C LEU A 73 11.32 -36.81 1.15
N ARG A 74 11.80 -36.51 -0.06
CA ARG A 74 13.21 -36.72 -0.38
C ARG A 74 14.10 -35.76 0.41
N ALA A 75 13.53 -34.62 0.84
CA ALA A 75 14.30 -33.59 1.56
C ALA A 75 13.86 -33.41 3.01
N HIS A 76 12.62 -33.79 3.32
CA HIS A 76 11.96 -33.42 4.57
C HIS A 76 11.33 -34.61 5.30
N SER A 77 11.18 -34.46 6.62
CA SER A 77 10.53 -35.50 7.43
C SER A 77 9.03 -35.51 7.19
N ALA A 78 8.41 -36.68 7.41
CA ALA A 78 6.94 -36.79 7.34
C ALA A 78 6.27 -35.86 8.36
N ALA A 79 6.84 -35.71 9.56
CA ALA A 79 6.23 -34.83 10.57
C ALA A 79 6.21 -33.36 10.10
N HIS A 80 7.28 -32.94 9.42
CA HIS A 80 7.33 -31.57 8.90
C HIS A 80 6.23 -31.37 7.85
N LEU A 81 6.15 -32.27 6.87
CA LEU A 81 5.07 -32.19 5.87
C LEU A 81 3.67 -32.17 6.49
N GLU A 82 3.43 -33.05 7.47
CA GLU A 82 2.15 -33.08 8.15
C GLU A 82 1.88 -31.77 8.89
N ASN A 83 2.92 -31.21 9.54
CA ASN A 83 2.76 -29.94 10.21
C ASN A 83 2.37 -28.79 9.24
N MET A 84 2.92 -28.84 8.01
CA MET A 84 2.63 -27.77 7.05
C MET A 84 1.20 -27.93 6.52
N LYS A 85 0.76 -29.17 6.35
CA LYS A 85 -0.65 -29.44 6.01
C LYS A 85 -1.58 -28.88 7.10
N ARG A 86 -1.23 -29.11 8.37
CA ARG A 86 -2.01 -28.57 9.49
C ARG A 86 -2.15 -27.04 9.46
N VAL A 87 -1.02 -26.32 9.33
CA VAL A 87 -1.02 -24.86 9.37
C VAL A 87 -1.79 -24.32 8.15
N SER A 88 -1.56 -24.94 7.00
CA SER A 88 -2.21 -24.50 5.77
C SER A 88 -3.74 -24.56 5.84
N ASN A 89 -4.25 -25.56 6.57
CA ASN A 89 -5.69 -25.78 6.74
C ASN A 89 -6.37 -24.81 7.72
N LEU A 90 -5.60 -24.09 8.51
CA LEU A 90 -6.18 -23.08 9.41
C LEU A 90 -6.87 -21.94 8.66
N PRO A 91 -7.92 -21.34 9.25
CA PRO A 91 -8.71 -20.41 8.41
C PRO A 91 -7.90 -19.21 7.92
N THR A 92 -6.92 -18.77 8.71
CA THR A 92 -6.05 -17.69 8.27
C THR A 92 -4.59 -18.11 8.19
N GLY A 93 -4.36 -19.41 8.12
CA GLY A 93 -3.01 -19.95 8.18
C GLY A 93 -2.42 -19.66 9.53
N GLY A 94 -1.10 -19.45 9.59
CA GLY A 94 -0.43 -19.17 10.84
C GLY A 94 1.07 -19.27 10.75
N ASP A 95 1.74 -18.94 11.85
CA ASP A 95 3.18 -19.12 11.89
C ASP A 95 3.52 -20.60 11.86
N THR A 96 4.65 -20.92 11.24
CA THR A 96 5.01 -22.33 11.05
C THR A 96 5.99 -22.86 12.07
N GLY A 97 6.38 -22.05 13.05
CA GLY A 97 7.21 -22.54 14.15
C GLY A 97 8.18 -21.55 14.71
N ASP A 98 8.87 -20.80 13.85
CA ASP A 98 9.97 -19.92 14.33
C ASP A 98 9.60 -18.48 14.73
N GLY A 99 8.32 -18.15 14.60
CA GLY A 99 7.87 -16.79 14.91
C GLY A 99 7.99 -15.78 13.76
N ILE A 100 8.68 -16.14 12.68
CA ILE A 100 8.82 -15.18 11.55
C ILE A 100 8.42 -15.75 10.19
N THR A 101 7.86 -16.95 10.19
CA THR A 101 7.52 -17.67 8.96
C THR A 101 6.02 -17.97 8.88
N MET A 102 5.30 -17.00 8.37
CA MET A 102 3.85 -17.08 8.21
C MET A 102 3.54 -17.91 6.96
N MET A 103 2.55 -18.78 7.06
CA MET A 103 1.97 -19.39 5.88
C MET A 103 0.50 -19.01 5.89
N GLY A 104 -0.01 -18.52 4.78
CA GLY A 104 -1.42 -18.13 4.71
C GLY A 104 -2.32 -19.34 4.62
N ASN A 105 -3.63 -19.12 4.72
CA ASN A 105 -4.58 -20.22 4.49
C ASN A 105 -4.34 -20.84 3.09
N GLY A 106 -4.25 -22.15 3.03
CA GLY A 106 -4.02 -22.86 1.77
C GLY A 106 -2.61 -22.68 1.22
N GLY A 107 -1.73 -22.08 2.00
CA GLY A 107 -0.37 -21.71 1.53
C GLY A 107 0.49 -22.93 1.21
N LEU A 108 0.05 -24.11 1.64
CA LEU A 108 0.79 -25.31 1.28
C LEU A 108 0.77 -25.51 -0.23
N GLU A 109 -0.33 -25.13 -0.90
CA GLU A 109 -0.41 -25.20 -2.35
C GLU A 109 0.73 -24.40 -2.97
N ILE A 110 0.99 -23.21 -2.42
CA ILE A 110 2.05 -22.36 -3.00
C ILE A 110 3.44 -22.94 -2.70
N ALA A 111 3.65 -23.43 -1.50
CA ALA A 111 4.91 -24.08 -1.18
C ALA A 111 5.15 -25.29 -2.10
N ARG A 112 4.11 -26.09 -2.35
CA ARG A 112 4.25 -27.18 -3.32
C ARG A 112 4.63 -26.68 -4.72
N LEU A 113 4.00 -25.59 -5.18
CA LEU A 113 4.34 -25.08 -6.49
C LEU A 113 5.74 -24.47 -6.55
N SER A 114 6.18 -23.89 -5.45
CA SER A 114 7.52 -23.33 -5.38
C SER A 114 8.56 -24.47 -5.54
N ALA A 115 8.42 -25.52 -4.74
CA ALA A 115 9.35 -26.63 -4.83
C ALA A 115 9.22 -27.34 -6.18
N GLY A 116 7.99 -27.47 -6.67
CA GLY A 116 7.71 -28.09 -7.96
C GLY A 116 8.22 -27.30 -9.15
N GLY A 117 8.28 -25.98 -9.01
CA GLY A 117 8.88 -25.14 -10.07
C GLY A 117 10.35 -25.47 -10.21
N ALA A 118 11.04 -25.61 -9.07
CA ALA A 118 12.44 -26.01 -9.11
C ALA A 118 12.59 -27.39 -9.73
N VAL A 119 11.75 -28.33 -9.31
CA VAL A 119 11.87 -29.72 -9.79
C VAL A 119 11.60 -29.79 -11.30
N GLU A 120 10.55 -29.11 -11.77
CA GLU A 120 10.17 -29.20 -13.17
C GLU A 120 11.28 -28.61 -14.06
N LEU A 121 11.89 -27.51 -13.63
CA LEU A 121 12.97 -26.92 -14.40
C LEU A 121 14.16 -27.88 -14.44
N THR A 122 14.49 -28.45 -13.28
CA THR A 122 15.61 -29.38 -13.19
C THR A 122 15.39 -30.56 -14.13
N ARG A 123 14.20 -31.13 -14.08
CA ARG A 123 13.85 -32.25 -14.95
C ARG A 123 14.15 -31.92 -16.41
N ARG A 124 13.67 -30.77 -16.89
CA ARG A 124 13.81 -30.39 -18.30
C ARG A 124 15.25 -30.03 -18.70
N VAL A 125 16.02 -29.49 -17.77
CA VAL A 125 17.42 -29.20 -18.03
C VAL A 125 18.21 -30.52 -18.06
N ALA A 126 18.00 -31.36 -17.06
CA ALA A 126 18.71 -32.65 -17.00
C ALA A 126 18.41 -33.54 -18.21
N THR A 127 17.18 -33.52 -18.71
CA THR A 127 16.80 -34.31 -19.89
C THR A 127 17.41 -33.78 -21.18
N GLY A 128 17.94 -32.56 -21.14
CA GLY A 128 18.46 -31.91 -22.34
C GLY A 128 17.42 -31.17 -23.15
N GLU A 129 16.19 -31.09 -22.65
CA GLU A 129 15.15 -30.32 -23.34
C GLU A 129 15.45 -28.83 -23.29
N LEU A 130 16.03 -28.40 -22.17
CA LEU A 130 16.52 -27.03 -22.01
C LEU A 130 17.99 -27.08 -21.66
N SER A 131 18.74 -26.01 -21.95
CA SER A 131 20.14 -25.94 -21.56
C SER A 131 20.31 -25.51 -20.08
N ALA A 132 19.39 -24.66 -19.61
CA ALA A 132 19.55 -24.02 -18.30
C ALA A 132 18.25 -23.31 -18.01
N GLY A 133 18.12 -22.74 -16.83
CA GLY A 133 16.93 -21.96 -16.57
C GLY A 133 16.93 -21.25 -15.25
N TYR A 134 15.89 -20.45 -15.07
CA TYR A 134 15.70 -19.68 -13.83
C TYR A 134 14.30 -19.94 -13.31
N ALA A 135 14.19 -20.45 -12.08
CA ALA A 135 12.90 -20.63 -11.46
C ALA A 135 12.67 -19.54 -10.44
N LEU A 136 11.77 -18.61 -10.77
CA LEU A 136 11.52 -17.47 -9.93
C LEU A 136 10.43 -17.82 -8.94
N VAL A 137 10.80 -18.65 -7.95
CA VAL A 137 9.83 -19.22 -7.04
C VAL A 137 9.69 -18.37 -5.78
N ASN A 138 8.59 -18.63 -5.06
CA ASN A 138 8.33 -18.03 -3.75
C ASN A 138 7.25 -18.92 -3.15
N PRO A 139 7.37 -19.31 -1.87
CA PRO A 139 8.38 -18.96 -0.86
C PRO A 139 9.76 -19.60 -1.11
N PRO A 140 10.79 -19.02 -0.48
CA PRO A 140 12.18 -19.46 -0.65
C PRO A 140 12.43 -20.73 0.16
N GLY A 141 13.63 -21.29 0.08
CA GLY A 141 13.83 -22.63 0.60
C GLY A 141 14.97 -22.86 1.55
N HIS A 142 16.06 -22.11 1.38
CA HIS A 142 17.37 -22.58 1.89
C HIS A 142 17.54 -22.66 3.41
N HIS A 143 16.68 -21.98 4.18
CA HIS A 143 16.75 -22.09 5.65
C HIS A 143 15.98 -23.28 6.23
N ALA A 144 15.14 -23.94 5.43
CA ALA A 144 14.29 -25.02 5.92
C ALA A 144 15.18 -26.27 5.99
N PRO A 145 15.43 -26.78 7.21
CA PRO A 145 16.19 -28.03 7.33
C PRO A 145 15.28 -29.26 7.17
N HIS A 146 15.80 -30.47 7.43
CA HIS A 146 14.98 -31.64 7.13
C HIS A 146 13.61 -31.62 7.86
N ASN A 147 13.62 -31.14 9.10
CA ASN A 147 12.46 -31.28 9.93
C ASN A 147 11.76 -30.00 10.36
N ALA A 148 11.94 -28.90 9.64
CA ALA A 148 11.27 -27.67 10.10
C ALA A 148 11.15 -26.66 8.96
N ALA A 149 10.23 -25.70 9.14
CA ALA A 149 10.24 -24.47 8.36
C ALA A 149 11.02 -23.45 9.15
N MET A 150 11.66 -22.50 8.47
CA MET A 150 12.47 -21.53 9.18
C MET A 150 12.78 -20.37 8.25
N GLY A 151 12.90 -19.15 8.80
CA GLY A 151 13.46 -18.02 8.00
C GLY A 151 12.74 -17.80 6.68
N PHE A 152 11.40 -17.79 6.73
CA PHE A 152 10.51 -17.57 5.58
C PHE A 152 10.39 -18.77 4.64
N CYS A 153 11.10 -19.86 4.97
CA CYS A 153 11.17 -21.02 4.09
C CYS A 153 10.33 -22.16 4.61
N ILE A 154 9.48 -22.70 3.75
CA ILE A 154 8.58 -23.80 4.14
C ILE A 154 9.21 -25.17 3.77
N PHE A 155 9.58 -25.29 2.50
CA PHE A 155 10.34 -26.45 2.01
C PHE A 155 11.61 -25.97 1.35
N ASN A 156 12.61 -26.84 1.40
CA ASN A 156 13.89 -26.49 0.81
C ASN A 156 13.87 -26.80 -0.69
N ASN A 157 13.48 -25.80 -1.49
CA ASN A 157 13.26 -26.02 -2.93
C ASN A 157 14.44 -26.63 -3.67
N THR A 158 15.62 -26.07 -3.42
CA THR A 158 16.79 -26.61 -4.12
C THR A 158 17.12 -28.03 -3.67
N SER A 159 16.89 -28.38 -2.38
CA SER A 159 17.08 -29.77 -1.96
C SER A 159 16.03 -30.75 -2.49
N VAL A 160 14.77 -30.29 -2.62
CA VAL A 160 13.75 -31.10 -3.26
C VAL A 160 14.19 -31.36 -4.72
N ALA A 161 14.65 -30.32 -5.41
CA ALA A 161 15.17 -30.51 -6.77
C ALA A 161 16.39 -31.44 -6.84
N ALA A 162 17.37 -31.24 -5.97
CA ALA A 162 18.55 -32.14 -5.95
C ALA A 162 18.16 -33.58 -5.63
N GLY A 163 17.26 -33.76 -4.68
CA GLY A 163 16.77 -35.10 -4.32
C GLY A 163 16.12 -35.79 -5.52
N TYR A 164 15.41 -35.01 -6.32
CA TYR A 164 14.76 -35.52 -7.51
C TYR A 164 15.84 -35.90 -8.53
N ALA A 165 16.83 -35.03 -8.68
CA ALA A 165 17.87 -35.30 -9.68
C ALA A 165 18.63 -36.57 -9.29
N ARG A 166 18.81 -36.75 -7.99
CA ARG A 166 19.50 -37.94 -7.48
C ARG A 166 18.65 -39.21 -7.65
N ALA A 167 17.43 -39.19 -7.13
CA ALA A 167 16.65 -40.41 -6.97
C ALA A 167 15.90 -40.80 -8.25
N VAL A 168 15.45 -39.79 -9.01
CA VAL A 168 14.62 -40.04 -10.19
C VAL A 168 15.45 -40.00 -11.46
N LEU A 169 16.34 -39.01 -11.56
CA LEU A 169 17.14 -38.83 -12.76
C LEU A 169 18.42 -39.65 -12.73
N GLY A 170 18.80 -40.16 -11.57
CA GLY A 170 19.97 -41.01 -11.44
C GLY A 170 21.33 -40.28 -11.44
N MET A 171 21.33 -38.96 -11.27
CA MET A 171 22.58 -38.23 -11.13
C MET A 171 23.29 -38.64 -9.86
N GLU A 172 24.62 -38.74 -9.95
CA GLU A 172 25.44 -39.17 -8.84
C GLU A 172 26.00 -38.01 -8.01
N ARG A 173 26.17 -36.86 -8.65
CA ARG A 173 26.74 -35.70 -7.95
C ARG A 173 26.03 -34.45 -8.39
N VAL A 174 25.57 -33.69 -7.41
CA VAL A 174 24.85 -32.43 -7.70
C VAL A 174 25.53 -31.38 -6.82
N ALA A 175 25.69 -30.16 -7.30
CA ALA A 175 26.21 -29.10 -6.41
C ALA A 175 25.11 -28.07 -6.22
N ILE A 176 24.92 -27.60 -4.99
CA ILE A 176 24.03 -26.47 -4.72
C ILE A 176 24.89 -25.31 -4.21
N LEU A 177 24.90 -24.24 -5.00
CA LEU A 177 25.71 -23.06 -4.70
C LEU A 177 24.73 -21.98 -4.28
N ASP A 178 24.84 -21.55 -3.03
CA ASP A 178 23.83 -20.64 -2.44
C ASP A 178 24.47 -19.27 -2.23
N TRP A 179 24.11 -18.25 -3.03
CA TRP A 179 24.69 -16.92 -2.80
C TRP A 179 23.69 -15.92 -2.18
N ASP A 180 22.57 -16.43 -1.73
CA ASP A 180 21.70 -15.64 -0.85
C ASP A 180 22.60 -15.17 0.31
N VAL A 181 22.37 -13.98 0.85
CA VAL A 181 23.34 -13.37 1.79
C VAL A 181 23.30 -14.06 3.15
N HIS A 182 22.25 -14.85 3.36
CA HIS A 182 22.09 -15.57 4.64
C HIS A 182 22.60 -16.99 4.49
N HIS A 183 23.05 -17.56 5.60
CA HIS A 183 23.54 -18.94 5.54
C HIS A 183 22.46 -19.93 5.15
N GLY A 184 22.77 -20.80 4.18
CA GLY A 184 21.86 -21.89 3.77
C GLY A 184 21.92 -23.03 4.80
N ASN A 185 21.49 -22.76 6.01
CA ASN A 185 21.55 -23.80 7.07
C ASN A 185 20.67 -24.99 6.79
N GLY A 186 19.56 -24.79 6.07
CA GLY A 186 18.61 -25.89 5.86
C GLY A 186 19.24 -26.87 4.87
N THR A 187 19.81 -26.32 3.79
CA THR A 187 20.48 -27.15 2.79
C THR A 187 21.64 -27.90 3.39
N GLN A 188 22.42 -27.19 4.21
CA GLN A 188 23.54 -27.79 4.93
C GLN A 188 23.08 -28.98 5.75
N ASP A 189 22.00 -28.77 6.49
CA ASP A 189 21.42 -29.84 7.30
C ASP A 189 21.04 -31.07 6.49
N ILE A 190 20.31 -30.85 5.41
CA ILE A 190 19.71 -31.94 4.67
C ILE A 190 20.77 -32.87 4.09
N TRP A 191 21.85 -32.29 3.57
CA TRP A 191 22.89 -33.11 2.92
C TRP A 191 24.14 -33.28 3.78
N TRP A 192 24.02 -32.99 5.07
CA TRP A 192 25.17 -32.98 5.99
C TRP A 192 26.07 -34.22 5.89
N ASN A 193 25.42 -35.39 5.79
CA ASN A 193 26.14 -36.67 5.81
C ASN A 193 26.36 -37.25 4.42
N ASP A 194 26.14 -36.43 3.39
CA ASP A 194 25.97 -36.97 2.06
C ASP A 194 26.96 -36.30 1.11
N PRO A 195 27.92 -37.05 0.56
CA PRO A 195 28.88 -36.47 -0.38
C PRO A 195 28.31 -36.31 -1.80
N SER A 196 27.10 -36.82 -2.02
CA SER A 196 26.51 -36.81 -3.37
C SER A 196 25.84 -35.47 -3.68
N VAL A 197 25.77 -34.60 -2.68
CA VAL A 197 25.33 -33.21 -2.96
C VAL A 197 26.30 -32.25 -2.26
N LEU A 198 27.12 -31.55 -3.04
CA LEU A 198 28.08 -30.59 -2.50
C LEU A 198 27.27 -29.33 -2.22
N THR A 199 27.32 -28.87 -0.97
CA THR A 199 26.58 -27.69 -0.56
C THR A 199 27.57 -26.57 -0.24
N ILE A 200 27.41 -25.45 -0.93
CA ILE A 200 28.27 -24.30 -0.76
C ILE A 200 27.40 -23.12 -0.41
N SER A 201 27.79 -22.39 0.63
CA SER A 201 27.07 -21.17 1.00
C SER A 201 28.03 -19.96 1.17
N LEU A 202 27.82 -18.86 0.41
CA LEU A 202 28.49 -17.61 0.68
C LEU A 202 27.48 -16.79 1.44
N HIS A 203 27.90 -16.13 2.50
CA HIS A 203 26.93 -15.36 3.30
C HIS A 203 27.60 -14.34 4.18
N GLN A 204 26.83 -13.34 4.64
CA GLN A 204 27.31 -12.46 5.67
C GLN A 204 27.42 -13.24 6.99
N HIS A 205 28.58 -13.12 7.64
CA HIS A 205 28.83 -13.99 8.81
C HIS A 205 27.82 -13.68 9.92
N LEU A 206 27.12 -14.72 10.39
CA LEU A 206 26.16 -14.63 11.51
C LEU A 206 25.01 -13.65 11.26
N CYS A 207 24.71 -13.40 9.99
CA CYS A 207 23.57 -12.52 9.67
C CYS A 207 22.25 -13.24 9.97
N PHE A 208 22.00 -14.38 9.32
CA PHE A 208 20.91 -15.27 9.73
C PHE A 208 21.22 -16.66 9.22
N PRO A 209 21.13 -17.70 10.08
CA PRO A 209 20.91 -17.71 11.56
C PRO A 209 22.10 -17.06 12.27
N PRO A 210 21.90 -16.67 13.54
CA PRO A 210 22.96 -16.02 14.30
C PRO A 210 24.05 -16.99 14.82
N ASP A 211 23.89 -18.27 14.54
CA ASP A 211 24.70 -19.29 15.25
C ASP A 211 25.21 -20.35 14.29
N SER A 212 25.26 -20.05 13.00
CA SER A 212 25.71 -21.06 12.05
C SER A 212 26.39 -20.41 10.85
N GLY A 213 27.00 -21.24 10.02
CA GLY A 213 27.67 -20.69 8.84
C GLY A 213 29.19 -20.55 8.98
N TYR A 214 29.73 -21.03 10.11
CA TYR A 214 31.18 -21.01 10.27
C TYR A 214 31.84 -21.99 9.29
N SER A 215 33.07 -21.69 8.91
CA SER A 215 33.74 -22.58 7.94
C SER A 215 34.17 -23.91 8.54
N THR A 216 34.05 -24.04 9.86
CA THR A 216 34.33 -25.32 10.52
C THR A 216 33.22 -26.34 10.29
N GLU A 217 32.08 -25.91 9.74
CA GLU A 217 30.93 -26.79 9.49
C GLU A 217 31.17 -27.45 8.16
N ARG A 218 31.71 -28.67 8.19
CA ARG A 218 32.23 -29.28 6.95
C ARG A 218 31.49 -30.55 6.50
N GLY A 219 30.39 -30.86 7.18
CA GLY A 219 29.70 -32.11 6.95
C GLY A 219 30.25 -33.20 7.88
N ALA A 220 29.70 -34.40 7.80
CA ALA A 220 30.07 -35.50 8.71
C ALA A 220 30.04 -36.82 7.97
N GLY A 221 30.82 -37.77 8.49
CA GLY A 221 30.92 -39.11 7.93
C GLY A 221 31.36 -39.06 6.49
N ASN A 222 30.63 -39.80 5.64
CA ASN A 222 30.91 -39.85 4.22
C ASN A 222 30.76 -38.44 3.63
N GLY A 223 29.99 -37.60 4.32
CA GLY A 223 29.80 -36.21 3.88
C GLY A 223 30.86 -35.23 4.29
N HIS A 224 31.84 -35.66 5.08
CA HIS A 224 32.86 -34.72 5.54
C HIS A 224 33.68 -34.18 4.39
N GLY A 225 33.75 -32.85 4.29
CA GLY A 225 34.48 -32.17 3.21
C GLY A 225 33.55 -31.73 2.09
N TYR A 226 32.28 -32.07 2.20
CA TYR A 226 31.31 -31.79 1.13
C TYR A 226 30.26 -30.77 1.52
N ASN A 227 30.56 -29.99 2.55
CA ASN A 227 29.83 -28.75 2.86
C ASN A 227 30.89 -27.66 3.03
N ILE A 228 30.73 -26.56 2.31
CA ILE A 228 31.66 -25.44 2.38
C ILE A 228 30.92 -24.12 2.64
N ASN A 229 31.23 -23.49 3.77
CA ASN A 229 30.70 -22.18 4.11
C ASN A 229 31.78 -21.15 3.90
N VAL A 230 31.38 -20.01 3.31
CA VAL A 230 32.25 -18.88 3.13
C VAL A 230 31.62 -17.65 3.78
N PRO A 231 31.78 -17.53 5.11
CA PRO A 231 31.23 -16.34 5.77
C PRO A 231 32.10 -15.14 5.47
N LEU A 232 31.43 -14.02 5.19
CA LEU A 232 32.09 -12.78 4.79
C LEU A 232 31.70 -11.65 5.72
N PRO A 233 32.58 -10.66 5.89
CA PRO A 233 32.21 -9.57 6.81
C PRO A 233 31.15 -8.64 6.22
N PRO A 234 30.35 -8.03 7.09
CA PRO A 234 29.46 -6.96 6.61
C PRO A 234 30.23 -5.95 5.80
N GLY A 235 29.59 -5.41 4.76
CA GLY A 235 30.20 -4.39 3.96
C GLY A 235 30.91 -4.93 2.72
N SER A 236 30.96 -6.24 2.59
CA SER A 236 31.58 -6.88 1.42
C SER A 236 30.76 -6.59 0.20
N GLY A 237 31.47 -6.29 -0.89
CA GLY A 237 30.76 -6.00 -2.15
C GLY A 237 31.27 -6.81 -3.34
N ASN A 238 31.17 -6.20 -4.52
CA ASN A 238 31.50 -6.93 -5.72
C ASN A 238 32.88 -7.56 -5.71
N ALA A 239 33.87 -6.83 -5.19
CA ALA A 239 35.25 -7.32 -5.25
C ALA A 239 35.37 -8.54 -4.36
N ALA A 240 34.78 -8.46 -3.17
CA ALA A 240 34.87 -9.62 -2.23
C ALA A 240 34.16 -10.84 -2.82
N TYR A 241 32.94 -10.63 -3.32
CA TYR A 241 32.18 -11.72 -3.89
C TYR A 241 32.89 -12.37 -5.08
N LEU A 242 33.48 -11.54 -5.96
CA LEU A 242 34.18 -12.12 -7.09
C LEU A 242 35.46 -12.84 -6.66
N HIS A 243 36.13 -12.32 -5.61
CA HIS A 243 37.32 -12.99 -5.06
C HIS A 243 36.90 -14.35 -4.49
N ALA A 244 35.75 -14.39 -3.81
CA ALA A 244 35.27 -15.69 -3.29
C ALA A 244 34.94 -16.66 -4.42
N MET A 245 34.29 -16.16 -5.47
CA MET A 245 33.95 -17.01 -6.62
C MET A 245 35.20 -17.64 -7.21
N ASP A 246 36.21 -16.80 -7.48
CA ASP A 246 37.38 -17.28 -8.20
C ASP A 246 38.29 -18.13 -7.31
N GLN A 247 38.34 -17.81 -6.03
CA GLN A 247 39.33 -18.46 -5.16
C GLN A 247 38.77 -19.69 -4.50
N VAL A 248 37.46 -19.75 -4.31
CA VAL A 248 36.85 -20.86 -3.54
C VAL A 248 35.75 -21.57 -4.34
N VAL A 249 34.75 -20.83 -4.84
CA VAL A 249 33.58 -21.49 -5.39
C VAL A 249 33.90 -22.24 -6.69
N LEU A 250 34.52 -21.56 -7.65
CA LEU A 250 34.76 -22.21 -8.94
C LEU A 250 35.74 -23.38 -8.79
N PRO A 251 36.83 -23.21 -8.01
CA PRO A 251 37.70 -24.38 -7.76
C PRO A 251 37.00 -25.53 -7.05
N ALA A 252 36.07 -25.22 -6.14
CA ALA A 252 35.33 -26.29 -5.44
C ALA A 252 34.49 -27.09 -6.45
N LEU A 253 33.80 -26.37 -7.33
CA LEU A 253 32.95 -27.03 -8.31
C LEU A 253 33.79 -27.86 -9.27
N ARG A 254 34.94 -27.30 -9.69
CA ARG A 254 35.84 -28.02 -10.61
C ARG A 254 36.40 -29.27 -9.97
N ALA A 255 36.71 -29.18 -8.68
CA ALA A 255 37.22 -30.34 -7.96
C ALA A 255 36.14 -31.41 -7.82
N TYR A 256 34.89 -30.98 -7.64
CA TYR A 256 33.79 -31.90 -7.31
C TYR A 256 33.20 -32.62 -8.52
N ARG A 257 33.22 -31.92 -9.66
CA ARG A 257 32.68 -32.45 -10.92
C ARG A 257 31.18 -32.81 -10.81
N PRO A 258 30.32 -31.82 -10.49
CA PRO A 258 28.92 -32.15 -10.36
C PRO A 258 28.39 -32.42 -11.75
N GLN A 259 27.27 -33.12 -11.84
CA GLN A 259 26.57 -33.37 -13.12
C GLN A 259 25.54 -32.28 -13.38
N LEU A 260 25.26 -31.50 -12.34
CA LEU A 260 24.26 -30.46 -12.39
C LEU A 260 24.61 -29.45 -11.31
N ILE A 261 24.48 -28.16 -11.64
CA ILE A 261 24.70 -27.13 -10.64
C ILE A 261 23.36 -26.43 -10.43
N ILE A 262 22.94 -26.37 -9.18
CA ILE A 262 21.75 -25.61 -8.78
C ILE A 262 22.24 -24.41 -8.01
N VAL A 263 21.79 -23.22 -8.41
CA VAL A 263 22.17 -22.01 -7.71
C VAL A 263 21.00 -21.52 -6.87
N GLY A 264 21.22 -21.42 -5.56
CA GLY A 264 20.26 -20.71 -4.70
C GLY A 264 20.52 -19.24 -4.89
N SER A 265 19.71 -18.62 -5.73
CA SER A 265 19.95 -17.29 -6.25
C SER A 265 19.17 -16.25 -5.45
N GLY A 266 19.74 -15.78 -4.35
CA GLY A 266 19.11 -14.65 -3.66
C GLY A 266 19.81 -13.35 -4.07
N PHE A 267 19.13 -12.23 -3.84
CA PHE A 267 19.70 -10.90 -4.16
C PHE A 267 19.76 -10.02 -2.93
N ASP A 268 19.69 -10.66 -1.76
CA ASP A 268 19.73 -9.87 -0.54
C ASP A 268 21.14 -9.46 -0.11
N ALA A 269 22.16 -9.81 -0.92
CA ALA A 269 23.50 -9.22 -0.74
C ALA A 269 23.58 -7.86 -1.45
N SER A 270 22.47 -7.41 -2.06
CA SER A 270 22.48 -6.14 -2.77
C SER A 270 22.74 -4.95 -1.86
N MET A 271 23.31 -3.94 -2.49
CA MET A 271 23.61 -2.68 -1.85
C MET A 271 22.39 -2.06 -1.14
N LEU A 272 21.17 -2.31 -1.61
CA LEU A 272 20.01 -1.62 -1.04
C LEU A 272 19.12 -2.56 -0.22
N ASP A 273 19.63 -3.72 0.20
CA ASP A 273 18.76 -4.65 0.89
C ASP A 273 18.67 -4.29 2.36
N PRO A 274 17.46 -4.32 2.95
CA PRO A 274 17.35 -4.06 4.40
C PRO A 274 17.83 -5.21 5.31
N LEU A 275 17.85 -6.43 4.79
CA LEU A 275 18.09 -7.60 5.67
C LEU A 275 19.52 -8.13 5.66
N ALA A 276 20.42 -7.35 5.07
CA ALA A 276 21.84 -7.62 5.22
C ALA A 276 22.61 -6.33 4.91
N ARG A 277 23.93 -6.37 5.12
CA ARG A 277 24.79 -5.21 5.09
C ARG A 277 25.85 -5.29 4.00
N MET A 278 25.52 -6.02 2.91
CA MET A 278 26.49 -6.22 1.83
C MET A 278 26.29 -5.20 0.72
N MET A 279 27.20 -5.19 -0.24
CA MET A 279 27.31 -4.06 -1.17
C MET A 279 27.33 -4.51 -2.64
N VAL A 280 26.82 -5.70 -2.92
CA VAL A 280 26.77 -6.24 -4.29
C VAL A 280 25.79 -5.41 -5.14
N THR A 281 26.17 -5.11 -6.38
CA THR A 281 25.27 -4.46 -7.30
C THR A 281 24.87 -5.42 -8.42
N ALA A 282 23.93 -5.00 -9.26
CA ALA A 282 23.47 -5.81 -10.36
C ALA A 282 24.66 -6.28 -11.17
N ASP A 283 25.67 -5.43 -11.38
CA ASP A 283 26.84 -5.93 -12.15
C ASP A 283 27.59 -7.03 -11.43
N GLY A 284 27.65 -6.92 -10.11
CA GLY A 284 28.25 -8.00 -9.34
C GLY A 284 27.53 -9.31 -9.57
N PHE A 285 26.20 -9.29 -9.44
CA PHE A 285 25.41 -10.49 -9.71
C PHE A 285 25.60 -10.98 -11.15
N ARG A 286 25.63 -10.04 -12.08
CA ARG A 286 25.92 -10.40 -13.46
C ARG A 286 27.23 -11.19 -13.59
N GLN A 287 28.31 -10.67 -12.99
CA GLN A 287 29.61 -11.33 -13.12
C GLN A 287 29.65 -12.68 -12.40
N MET A 288 28.93 -12.76 -11.28
CA MET A 288 28.83 -14.03 -10.55
C MET A 288 28.11 -15.07 -11.40
N ALA A 289 26.99 -14.68 -12.01
CA ALA A 289 26.21 -15.57 -12.89
C ALA A 289 27.06 -16.00 -14.08
N ARG A 290 27.73 -15.05 -14.72
CA ARG A 290 28.56 -15.34 -15.90
C ARG A 290 29.63 -16.38 -15.56
N ARG A 291 30.34 -16.15 -14.45
CA ARG A 291 31.36 -17.10 -14.02
C ARG A 291 30.79 -18.49 -13.74
N THR A 292 29.62 -18.53 -13.09
CA THR A 292 29.06 -19.85 -12.72
C THR A 292 28.54 -20.58 -13.95
N ILE A 293 27.92 -19.84 -14.85
CA ILE A 293 27.41 -20.43 -16.07
C ILE A 293 28.57 -20.95 -16.92
N ASP A 294 29.64 -20.16 -17.02
CA ASP A 294 30.81 -20.60 -17.81
C ASP A 294 31.42 -21.85 -17.19
N CYS A 295 31.44 -21.91 -15.85
CA CYS A 295 31.91 -23.12 -15.18
C CYS A 295 31.02 -24.33 -15.53
N ALA A 296 29.70 -24.15 -15.49
CA ALA A 296 28.79 -25.25 -15.84
C ALA A 296 29.05 -25.72 -17.29
N ALA A 297 29.27 -24.78 -18.19
CA ALA A 297 29.54 -25.11 -19.60
C ALA A 297 30.78 -25.99 -19.72
N ASP A 298 31.76 -25.71 -18.87
CA ASP A 298 33.04 -26.42 -18.89
C ASP A 298 32.94 -27.81 -18.24
N ILE A 299 32.19 -27.93 -17.16
CA ILE A 299 32.28 -29.15 -16.37
C ILE A 299 31.05 -30.06 -16.39
N CYS A 300 29.88 -29.52 -16.72
CA CYS A 300 28.67 -30.34 -16.74
C CYS A 300 27.70 -30.05 -17.88
N ASP A 301 28.29 -29.81 -19.05
CA ASP A 301 27.50 -29.68 -20.29
C ASP A 301 26.48 -28.56 -20.19
N GLY A 302 26.84 -27.55 -19.41
CA GLY A 302 26.01 -26.35 -19.26
C GLY A 302 24.80 -26.51 -18.37
N ARG A 303 24.70 -27.66 -17.66
CA ARG A 303 23.48 -27.93 -16.89
C ARG A 303 23.49 -27.13 -15.59
N ILE A 304 22.76 -26.01 -15.62
CA ILE A 304 22.70 -25.12 -14.46
C ILE A 304 21.28 -24.58 -14.32
N VAL A 305 20.80 -24.59 -13.07
CA VAL A 305 19.42 -24.19 -12.78
C VAL A 305 19.51 -23.20 -11.62
N PHE A 306 18.97 -22.00 -11.84
CA PHE A 306 18.90 -20.97 -10.80
C PHE A 306 17.56 -21.04 -10.17
N VAL A 307 17.54 -20.96 -8.83
CA VAL A 307 16.29 -21.01 -8.12
C VAL A 307 16.25 -19.85 -7.13
N GLN A 308 15.19 -19.05 -7.21
CA GLN A 308 15.12 -17.83 -6.37
C GLN A 308 15.16 -18.16 -4.87
N GLU A 309 16.01 -17.43 -4.13
CA GLU A 309 15.94 -17.48 -2.66
C GLU A 309 15.47 -16.10 -2.22
N GLY A 310 16.21 -15.44 -1.33
CA GLY A 310 15.77 -14.17 -0.76
C GLY A 310 16.05 -12.93 -1.59
N GLY A 311 15.84 -11.78 -0.95
CA GLY A 311 15.99 -10.48 -1.61
C GLY A 311 14.78 -9.64 -1.26
N TYR A 312 15.04 -8.43 -0.77
CA TYR A 312 14.00 -7.64 -0.07
C TYR A 312 13.94 -6.19 -0.50
N SER A 313 14.56 -5.84 -1.64
CA SER A 313 14.41 -4.50 -2.19
C SER A 313 13.50 -4.53 -3.40
N PRO A 314 12.26 -4.05 -3.25
CA PRO A 314 11.36 -4.06 -4.41
C PRO A 314 11.83 -3.08 -5.46
N HIS A 315 12.66 -2.13 -5.07
CA HIS A 315 13.19 -1.13 -5.98
C HIS A 315 14.27 -1.73 -6.87
N TYR A 316 15.23 -2.40 -6.23
CA TYR A 316 16.46 -2.80 -6.91
C TYR A 316 16.53 -4.28 -7.30
N LEU A 317 15.89 -5.16 -6.51
CA LEU A 317 16.00 -6.59 -6.79
C LEU A 317 15.64 -6.91 -8.27
N PRO A 318 14.59 -6.29 -8.83
CA PRO A 318 14.31 -6.63 -10.23
C PRO A 318 15.49 -6.48 -11.17
N PHE A 319 16.31 -5.44 -11.00
CA PHE A 319 17.48 -5.26 -11.87
C PHE A 319 18.59 -6.24 -11.60
N CYS A 320 18.76 -6.60 -10.33
CA CYS A 320 19.74 -7.65 -10.02
C CYS A 320 19.34 -8.99 -10.66
N GLY A 321 18.06 -9.34 -10.56
CA GLY A 321 17.52 -10.55 -11.13
C GLY A 321 17.61 -10.54 -12.63
N LEU A 322 17.21 -9.41 -13.22
CA LEU A 322 17.25 -9.31 -14.69
C LEU A 322 18.67 -9.57 -15.21
N ALA A 323 19.67 -9.04 -14.50
CA ALA A 323 21.08 -9.22 -14.89
C ALA A 323 21.44 -10.70 -14.99
N VAL A 324 21.01 -11.51 -14.02
CA VAL A 324 21.27 -12.94 -14.07
C VAL A 324 20.58 -13.60 -15.25
N ILE A 325 19.34 -13.22 -15.51
CA ILE A 325 18.59 -13.84 -16.60
C ILE A 325 19.20 -13.47 -17.95
N GLU A 326 19.64 -12.21 -18.06
CA GLU A 326 20.40 -11.76 -19.26
C GLU A 326 21.67 -12.58 -19.49
N GLU A 327 22.32 -13.02 -18.41
CA GLU A 327 23.51 -13.86 -18.57
C GLU A 327 23.15 -15.26 -19.05
N LEU A 328 21.96 -15.72 -18.69
CA LEU A 328 21.46 -17.02 -19.17
C LEU A 328 21.10 -17.00 -20.64
N THR A 329 20.38 -15.97 -21.07
CA THR A 329 19.95 -15.90 -22.47
C THR A 329 21.04 -15.34 -23.39
N GLY A 330 21.97 -14.61 -22.82
CA GLY A 330 23.01 -13.94 -23.62
C GLY A 330 22.46 -12.76 -24.40
N VAL A 331 21.25 -12.32 -24.05
CA VAL A 331 20.60 -11.18 -24.70
C VAL A 331 20.36 -10.08 -23.70
N ARG A 332 20.90 -8.92 -24.00
CA ARG A 332 20.80 -7.80 -23.10
C ARG A 332 19.55 -6.99 -23.40
N SER A 333 18.75 -6.71 -22.36
CA SER A 333 17.52 -5.92 -22.55
C SER A 333 17.61 -4.49 -22.03
N LEU A 334 18.27 -4.30 -20.89
CA LEU A 334 18.24 -2.98 -20.24
C LEU A 334 19.52 -2.68 -19.47
N PRO A 335 19.90 -1.39 -19.39
CA PRO A 335 20.93 -1.05 -18.42
C PRO A 335 20.37 -1.07 -17.00
N ASP A 336 21.25 -1.19 -16.01
CA ASP A 336 20.88 -0.96 -14.62
C ASP A 336 20.84 0.56 -14.42
N PRO A 337 19.63 1.11 -14.21
CA PRO A 337 19.55 2.58 -14.13
C PRO A 337 20.19 3.13 -12.84
N TYR A 338 20.44 2.26 -11.86
CA TYR A 338 21.08 2.66 -10.62
C TYR A 338 22.62 2.58 -10.70
N HIS A 339 23.16 2.21 -11.87
CA HIS A 339 24.58 1.86 -11.92
C HIS A 339 25.50 2.91 -11.33
N GLU A 340 25.40 4.12 -11.86
CA GLU A 340 26.29 5.21 -11.45
C GLU A 340 26.04 5.59 -10.00
N PHE A 341 24.76 5.70 -9.64
CA PHE A 341 24.33 6.09 -8.29
C PHE A 341 25.01 5.17 -7.28
N LEU A 342 25.04 3.88 -7.56
CA LEU A 342 25.59 2.93 -6.57
C LEU A 342 27.11 2.76 -6.67
N ALA A 343 27.64 2.95 -7.87
CA ALA A 343 29.08 2.81 -8.14
C ALA A 343 29.92 3.64 -7.15
N GLY A 344 29.49 4.88 -6.88
CA GLY A 344 30.18 5.80 -5.99
C GLY A 344 30.25 5.35 -4.54
N MET A 345 29.44 4.37 -4.18
CA MET A 345 29.36 3.99 -2.77
C MET A 345 30.44 3.01 -2.37
N GLY A 346 31.10 2.39 -3.34
CA GLY A 346 32.18 1.48 -2.99
C GLY A 346 31.80 0.02 -3.02
N GLY A 347 32.60 -0.82 -2.35
CA GLY A 347 32.40 -2.25 -2.41
C GLY A 347 33.23 -2.85 -3.53
N ASN A 348 33.82 -2.00 -4.38
CA ASN A 348 34.52 -2.48 -5.59
C ASN A 348 36.01 -2.66 -5.43
N THR A 349 36.46 -2.59 -4.18
CA THR A 349 37.86 -2.78 -3.80
C THR A 349 37.93 -3.90 -2.78
N LEU A 350 38.83 -4.86 -3.00
CA LEU A 350 38.92 -5.97 -2.04
C LEU A 350 39.62 -5.44 -0.80
N LEU A 351 38.93 -5.50 0.35
CA LEU A 351 39.53 -5.09 1.60
C LEU A 351 40.30 -6.25 2.25
N ASP A 352 41.34 -5.90 3.02
CA ASP A 352 42.16 -6.94 3.64
C ASP A 352 41.37 -7.93 4.50
N ALA A 353 40.39 -7.44 5.27
CA ALA A 353 39.61 -8.38 6.12
C ALA A 353 38.76 -9.32 5.26
N GLU A 354 38.29 -8.83 4.10
CA GLU A 354 37.50 -9.65 3.17
C GLU A 354 38.41 -10.72 2.57
N ARG A 355 39.60 -10.30 2.14
CA ARG A 355 40.57 -11.23 1.57
C ARG A 355 40.88 -12.35 2.60
N ALA A 356 41.12 -11.95 3.86
CA ALA A 356 41.49 -12.88 4.91
C ALA A 356 40.39 -13.91 5.16
N ALA A 357 39.15 -13.44 5.19
CA ALA A 357 38.01 -14.36 5.37
C ALA A 357 37.93 -15.43 4.29
N ILE A 358 38.18 -15.02 3.05
CA ILE A 358 38.10 -15.95 1.95
C ILE A 358 39.29 -16.89 1.93
N GLU A 359 40.46 -16.36 2.25
CA GLU A 359 41.65 -17.17 2.17
C GLU A 359 41.64 -18.29 3.22
N GLU A 360 40.93 -18.06 4.33
CA GLU A 360 40.63 -19.11 5.33
C GLU A 360 40.02 -20.38 4.76
N ILE A 361 39.30 -20.24 3.65
CA ILE A 361 38.54 -21.37 3.12
C ILE A 361 39.35 -22.17 2.10
N VAL A 362 40.35 -21.55 1.49
CA VAL A 362 41.10 -22.21 0.42
C VAL A 362 41.68 -23.60 0.82
N PRO A 363 42.23 -23.73 2.05
CA PRO A 363 42.72 -25.07 2.45
C PRO A 363 41.70 -26.20 2.41
N LEU A 364 40.40 -25.87 2.55
CA LEU A 364 39.35 -26.90 2.57
C LEU A 364 39.13 -27.53 1.19
N LEU A 365 39.59 -26.86 0.14
CA LEU A 365 39.42 -27.38 -1.20
C LEU A 365 40.10 -28.75 -1.40
N ALA A 366 41.15 -28.97 -0.61
CA ALA A 366 41.99 -30.17 -0.77
C ALA A 366 41.19 -31.43 -0.51
N ASP A 367 40.14 -31.30 0.28
CA ASP A 367 39.40 -32.47 0.73
C ASP A 367 38.22 -32.83 -0.16
N ILE A 368 38.00 -32.05 -1.21
CA ILE A 368 36.93 -32.33 -2.13
C ILE A 368 37.42 -33.34 -3.16
N ALA B 2 11.61 19.66 31.37
CA ALA B 2 10.50 19.95 30.39
C ALA B 2 10.97 19.76 28.93
N ILE B 3 10.41 18.75 28.26
CA ILE B 3 10.96 18.27 26.96
C ILE B 3 9.94 18.54 25.88
N GLY B 4 10.35 19.33 24.90
CA GLY B 4 9.45 19.70 23.82
C GLY B 4 9.43 18.65 22.73
N TYR B 5 8.33 18.61 22.01
CA TYR B 5 8.15 17.62 20.94
C TYR B 5 7.39 18.26 19.80
N VAL B 6 7.95 18.23 18.58
CA VAL B 6 7.23 18.79 17.44
C VAL B 6 6.84 17.70 16.43
N TRP B 7 5.55 17.62 16.11
CA TRP B 7 5.04 16.85 14.98
C TRP B 7 3.94 17.70 14.40
N ASN B 8 3.86 17.75 13.09
CA ASN B 8 2.78 18.41 12.40
C ASN B 8 2.18 17.40 11.46
N THR B 9 0.84 17.33 11.42
CA THR B 9 0.17 16.39 10.49
C THR B 9 0.78 16.40 9.09
N LEU B 10 1.10 17.58 8.57
CA LEU B 10 1.58 17.70 7.20
C LEU B 10 2.95 17.05 6.96
N TYR B 11 3.77 16.88 8.01
CA TYR B 11 4.99 16.10 7.85
C TYR B 11 4.70 14.70 7.30
N GLY B 12 3.50 14.17 7.61
CA GLY B 12 3.09 12.87 7.12
C GLY B 12 2.47 12.91 5.71
N TRP B 13 2.30 14.13 5.17
CA TRP B 13 1.65 14.29 3.86
C TRP B 13 2.61 14.62 2.72
N VAL B 14 3.90 14.60 3.00
CA VAL B 14 4.89 14.93 1.99
C VAL B 14 4.67 13.96 0.84
N ASP B 15 4.63 14.49 -0.38
CA ASP B 15 4.40 13.69 -1.57
C ASP B 15 5.74 13.36 -2.21
N THR B 16 6.16 12.10 -2.06
CA THR B 16 7.44 11.63 -2.62
C THR B 16 7.27 11.05 -4.02
N GLY B 17 6.07 11.16 -4.58
CA GLY B 17 5.82 10.77 -5.98
C GLY B 17 5.51 9.29 -6.14
N THR B 18 5.83 8.74 -7.31
CA THR B 18 5.50 7.36 -7.58
C THR B 18 6.72 6.56 -7.97
N GLY B 19 7.90 7.12 -7.76
CA GLY B 19 9.14 6.40 -8.06
C GLY B 19 9.74 5.78 -6.81
N SER B 20 10.83 5.01 -7.00
CA SER B 20 11.55 4.39 -5.84
C SER B 20 12.54 5.34 -5.20
N LEU B 21 13.18 6.14 -6.02
CA LEU B 21 14.31 6.93 -5.59
C LEU B 21 14.31 8.11 -6.56
N ALA B 22 14.70 7.86 -7.80
CA ALA B 22 14.31 8.77 -8.86
C ALA B 22 12.84 8.51 -9.24
N ALA B 23 12.32 9.30 -10.17
CA ALA B 23 10.96 9.13 -10.67
C ALA B 23 10.84 7.78 -11.36
N ALA B 24 9.60 7.27 -11.41
CA ALA B 24 9.31 6.15 -12.27
C ALA B 24 9.65 6.57 -13.69
N ASN B 25 10.14 5.63 -14.48
CA ASN B 25 10.49 5.94 -15.86
C ASN B 25 10.24 4.75 -16.75
N LEU B 26 9.35 4.89 -17.72
CA LEU B 26 8.91 3.73 -18.44
C LEU B 26 9.97 3.20 -19.41
N THR B 27 10.72 4.08 -20.06
CA THR B 27 11.73 3.55 -21.00
C THR B 27 12.83 2.77 -20.28
N ALA B 28 13.18 3.23 -19.08
CA ALA B 28 14.15 2.51 -18.24
C ALA B 28 13.53 1.31 -17.57
N ARG B 29 12.22 1.18 -17.70
CA ARG B 29 11.43 0.10 -17.05
C ARG B 29 11.58 0.10 -15.54
N MET B 30 11.57 1.32 -14.98
CA MET B 30 11.51 1.52 -13.53
C MET B 30 10.03 1.67 -13.19
N GLN B 31 9.47 0.57 -12.69
CA GLN B 31 8.04 0.46 -12.46
C GLN B 31 7.62 1.39 -11.33
N PRO B 32 6.46 2.04 -11.44
CA PRO B 32 6.02 2.89 -10.33
C PRO B 32 5.77 2.05 -9.07
N ILE B 33 5.80 2.70 -7.91
CA ILE B 33 5.66 1.97 -6.65
C ILE B 33 4.93 2.91 -5.69
N SER B 34 4.14 2.32 -4.79
CA SER B 34 3.32 3.11 -3.85
C SER B 34 4.18 3.88 -2.88
N HIS B 35 5.23 3.21 -2.40
CA HIS B 35 6.09 3.78 -1.36
C HIS B 35 7.52 3.97 -1.86
N HIS B 36 7.83 5.23 -2.20
CA HIS B 36 9.19 5.70 -2.44
C HIS B 36 10.03 5.37 -1.20
N LEU B 37 11.35 5.18 -1.38
CA LEU B 37 12.21 4.91 -0.22
C LEU B 37 12.00 5.91 0.94
N ALA B 38 11.77 7.17 0.59
CA ALA B 38 11.63 8.28 1.57
C ALA B 38 10.21 8.60 1.97
N HIS B 39 9.29 7.68 1.66
CA HIS B 39 7.85 7.87 1.91
C HIS B 39 7.66 8.30 3.38
N PRO B 40 6.74 9.23 3.66
CA PRO B 40 6.55 9.77 5.01
C PRO B 40 6.03 8.77 6.05
N ASP B 41 5.56 7.59 5.64
CA ASP B 41 5.05 6.61 6.61
C ASP B 41 6.12 6.23 7.65
N THR B 42 7.37 6.17 7.25
CA THR B 42 8.42 5.77 8.20
C THR B 42 8.42 6.72 9.40
N LYS B 43 8.44 8.03 9.11
CA LYS B 43 8.46 9.00 10.21
C LYS B 43 7.12 9.08 10.93
N ARG B 44 6.03 8.86 10.19
CA ARG B 44 4.71 8.89 10.84
C ARG B 44 4.60 7.74 11.84
N ARG B 45 5.18 6.58 11.52
CA ARG B 45 5.14 5.42 12.44
C ARG B 45 5.97 5.72 13.67
N PHE B 46 7.04 6.51 13.53
CA PHE B 46 7.78 6.95 14.73
C PHE B 46 6.86 7.84 15.60
N HIS B 47 6.19 8.82 15.00
CA HIS B 47 5.30 9.70 15.77
C HIS B 47 4.21 8.88 16.46
N GLU B 48 3.61 7.94 15.75
CA GLU B 48 2.52 7.16 16.31
C GLU B 48 3.03 6.29 17.47
N LEU B 49 4.27 5.84 17.41
CA LEU B 49 4.82 5.05 18.57
C LEU B 49 5.10 5.97 19.75
N VAL B 50 5.54 7.20 19.48
CA VAL B 50 5.72 8.18 20.58
C VAL B 50 4.39 8.32 21.35
N CYS B 51 3.28 8.35 20.60
CA CYS B 51 1.95 8.49 21.18
C CYS B 51 1.51 7.18 21.83
N ALA B 52 1.60 6.07 21.11
CA ALA B 52 1.04 4.80 21.60
C ALA B 52 1.82 4.20 22.76
N SER B 53 3.11 4.51 22.81
CA SER B 53 3.96 4.06 23.93
C SER B 53 3.69 4.84 25.22
N GLY B 54 2.91 5.89 25.13
CA GLY B 54 2.70 6.81 26.26
C GLY B 54 3.80 7.84 26.51
N GLN B 55 4.85 7.85 25.69
CA GLN B 55 5.89 8.90 25.82
C GLN B 55 5.32 10.31 25.67
N ILE B 56 4.31 10.45 24.81
CA ILE B 56 3.72 11.76 24.55
C ILE B 56 3.23 12.43 25.85
N GLU B 57 2.81 11.62 26.84
CA GLU B 57 2.35 12.16 28.14
C GLU B 57 3.49 12.83 28.94
N HIS B 58 4.72 12.48 28.62
CA HIS B 58 5.89 13.05 29.25
C HIS B 58 6.54 14.15 28.43
N LEU B 59 5.87 14.53 27.35
CA LEU B 59 6.40 15.55 26.45
C LEU B 59 5.48 16.76 26.40
N THR B 60 6.06 17.91 26.05
CA THR B 60 5.32 19.15 25.83
C THR B 60 5.18 19.39 24.34
N PRO B 61 3.98 19.17 23.79
CA PRO B 61 3.82 19.42 22.36
C PRO B 61 4.02 20.88 22.01
N ILE B 62 4.81 21.09 20.96
CA ILE B 62 5.14 22.41 20.47
C ILE B 62 4.67 22.47 19.00
N ALA B 63 3.89 23.48 18.67
CA ALA B 63 3.41 23.67 17.32
C ALA B 63 4.50 24.25 16.41
N ALA B 64 4.67 23.65 15.24
CA ALA B 64 5.54 24.25 14.23
C ALA B 64 4.96 25.60 13.79
N VAL B 65 5.86 26.52 13.44
CA VAL B 65 5.50 27.81 12.88
C VAL B 65 6.25 27.90 11.55
N ALA B 66 5.52 28.19 10.48
CA ALA B 66 6.10 28.20 9.16
C ALA B 66 7.27 29.21 9.07
N ALA B 67 8.42 28.75 8.59
CA ALA B 67 9.57 29.63 8.38
C ALA B 67 9.23 30.64 7.29
N THR B 68 9.57 31.92 7.52
CA THR B 68 9.37 32.94 6.50
C THR B 68 10.51 32.89 5.48
N ASP B 69 10.31 33.61 4.36
CA ASP B 69 11.40 33.78 3.40
C ASP B 69 12.64 34.31 4.10
N ALA B 70 12.49 35.33 4.94
CA ALA B 70 13.64 35.86 5.69
C ALA B 70 14.34 34.82 6.57
N ASP B 71 13.59 33.92 7.23
CA ASP B 71 14.20 32.86 8.03
C ASP B 71 15.06 31.95 7.15
N ILE B 72 14.50 31.57 6.00
CA ILE B 72 15.15 30.63 5.10
C ILE B 72 16.40 31.27 4.49
N LEU B 73 16.31 32.57 4.23
CA LEU B 73 17.42 33.31 3.62
C LEU B 73 18.65 33.47 4.50
N ARG B 74 18.53 33.20 5.82
CA ARG B 74 19.71 33.16 6.67
C ARG B 74 20.63 32.03 6.25
N ALA B 75 20.06 30.96 5.65
CA ALA B 75 20.83 29.74 5.34
C ALA B 75 20.96 29.50 3.86
N HIS B 76 20.02 30.03 3.08
CA HIS B 76 19.92 29.72 1.65
C HIS B 76 19.88 30.93 0.77
N SER B 77 20.19 30.69 -0.50
CA SER B 77 20.17 31.75 -1.51
C SER B 77 18.75 32.09 -1.97
N ALA B 78 18.61 33.34 -2.46
CA ALA B 78 17.33 33.79 -2.99
C ALA B 78 16.90 32.95 -4.19
N ALA B 79 17.85 32.56 -5.05
CA ALA B 79 17.53 31.72 -6.22
C ALA B 79 16.96 30.37 -5.82
N HIS B 80 17.52 29.78 -4.77
CA HIS B 80 17.03 28.49 -4.30
C HIS B 80 15.62 28.64 -3.76
N LEU B 81 15.37 29.65 -2.94
CA LEU B 81 14.02 29.84 -2.42
C LEU B 81 12.99 30.01 -3.57
N GLU B 82 13.34 30.86 -4.53
CA GLU B 82 12.45 31.08 -5.68
C GLU B 82 12.18 29.81 -6.48
N ASN B 83 13.22 28.99 -6.64
CA ASN B 83 13.08 27.72 -7.37
C ASN B 83 12.13 26.76 -6.63
N MET B 84 12.19 26.77 -5.31
CA MET B 84 11.27 25.94 -4.53
C MET B 84 9.83 26.42 -4.65
N LYS B 85 9.61 27.72 -4.69
CA LYS B 85 8.26 28.23 -4.89
C LYS B 85 7.74 27.82 -6.25
N ARG B 86 8.62 27.90 -7.24
CA ARG B 86 8.24 27.53 -8.61
C ARG B 86 7.75 26.08 -8.68
N VAL B 87 8.53 25.15 -8.11
CA VAL B 87 8.18 23.73 -8.16
C VAL B 87 6.92 23.43 -7.34
N SER B 88 6.82 24.03 -6.18
CA SER B 88 5.65 23.83 -5.32
C SER B 88 4.33 24.25 -6.00
N ASN B 89 4.44 25.27 -6.86
CA ASN B 89 3.26 25.80 -7.51
C ASN B 89 2.77 24.95 -8.68
N LEU B 90 3.60 24.02 -9.16
CA LEU B 90 3.21 23.12 -10.26
C LEU B 90 2.07 22.19 -9.79
N PRO B 91 1.19 21.79 -10.74
CA PRO B 91 -0.05 21.04 -10.43
C PRO B 91 0.20 19.76 -9.65
N THR B 92 1.29 19.07 -9.95
CA THR B 92 1.62 17.87 -9.18
C THR B 92 3.00 18.00 -8.54
N GLY B 93 3.48 19.23 -8.40
CA GLY B 93 4.86 19.45 -7.96
C GLY B 93 5.87 18.91 -8.96
N GLY B 94 7.03 18.50 -8.46
CA GLY B 94 8.02 17.95 -9.37
C GLY B 94 9.37 17.83 -8.74
N ASP B 95 10.35 17.37 -9.52
CA ASP B 95 11.71 17.25 -8.99
C ASP B 95 12.31 18.63 -8.77
N THR B 96 13.12 18.75 -7.72
CA THR B 96 13.65 20.04 -7.33
C THR B 96 15.05 20.33 -7.86
N GLY B 97 15.59 19.42 -8.69
CA GLY B 97 16.86 19.67 -9.37
C GLY B 97 17.80 18.50 -9.52
N ASP B 98 17.96 17.69 -8.48
CA ASP B 98 18.97 16.63 -8.51
C ASP B 98 18.47 15.25 -8.99
N GLY B 99 17.19 15.15 -9.34
CA GLY B 99 16.65 13.93 -9.90
C GLY B 99 16.13 12.93 -8.88
N ILE B 100 16.39 13.18 -7.61
CA ILE B 100 15.89 12.27 -6.58
C ILE B 100 15.12 12.98 -5.48
N THR B 101 14.78 14.25 -5.70
CA THR B 101 14.17 15.06 -4.65
C THR B 101 12.86 15.68 -5.13
N MET B 102 11.81 14.89 -4.99
CA MET B 102 10.46 15.29 -5.42
C MET B 102 9.86 16.18 -4.33
N MET B 103 9.06 17.14 -4.76
CA MET B 103 8.23 17.90 -3.87
C MET B 103 6.84 17.96 -4.49
N GLY B 104 5.81 17.75 -3.69
CA GLY B 104 4.44 17.69 -4.18
C GLY B 104 3.89 19.07 -4.40
N ASN B 105 2.70 19.13 -4.99
CA ASN B 105 1.99 20.36 -5.06
C ASN B 105 1.85 20.98 -3.69
N GLY B 106 2.22 22.25 -3.56
CA GLY B 106 2.10 22.91 -2.26
C GLY B 106 3.13 22.49 -1.26
N GLY B 107 4.06 21.60 -1.67
CA GLY B 107 5.05 21.01 -0.76
C GLY B 107 5.93 22.05 -0.08
N LEU B 108 6.03 23.25 -0.65
CA LEU B 108 6.80 24.30 0.02
C LEU B 108 6.22 24.62 1.41
N GLU B 109 4.89 24.54 1.55
CA GLU B 109 4.24 24.78 2.85
C GLU B 109 4.82 23.80 3.86
N ILE B 110 4.96 22.56 3.42
CA ILE B 110 5.49 21.54 4.34
C ILE B 110 6.98 21.79 4.70
N ALA B 111 7.78 22.14 3.69
CA ALA B 111 9.18 22.45 3.92
C ALA B 111 9.31 23.63 4.87
N ARG B 112 8.42 24.61 4.74
CA ARG B 112 8.42 25.75 5.68
C ARG B 112 8.11 25.32 7.11
N LEU B 113 7.17 24.39 7.26
CA LEU B 113 6.82 23.88 8.58
C LEU B 113 7.91 23.00 9.16
N SER B 114 8.62 22.30 8.28
CA SER B 114 9.69 21.46 8.76
C SER B 114 10.85 22.32 9.34
N ALA B 115 11.29 23.30 8.56
CA ALA B 115 12.32 24.20 9.06
C ALA B 115 11.81 24.99 10.27
N GLY B 116 10.55 25.42 10.20
CA GLY B 116 9.93 26.25 11.24
C GLY B 116 9.71 25.45 12.53
N GLY B 117 9.50 24.14 12.40
CA GLY B 117 9.41 23.26 13.57
C GLY B 117 10.74 23.23 14.29
N ALA B 118 11.82 23.14 13.53
CA ALA B 118 13.16 23.17 14.14
C ALA B 118 13.41 24.50 14.82
N VAL B 119 13.05 25.59 14.12
CA VAL B 119 13.24 26.92 14.68
C VAL B 119 12.45 27.12 15.99
N GLU B 120 11.19 26.72 16.00
CA GLU B 120 10.32 26.98 17.15
C GLU B 120 10.83 26.26 18.36
N LEU B 121 11.28 25.02 18.16
CA LEU B 121 11.74 24.25 19.29
C LEU B 121 13.04 24.85 19.80
N THR B 122 13.90 25.28 18.87
CA THR B 122 15.18 25.89 19.22
C THR B 122 14.93 27.14 20.06
N ARG B 123 13.94 27.94 19.64
CA ARG B 123 13.61 29.18 20.34
C ARG B 123 13.22 28.90 21.79
N ARG B 124 12.37 27.90 21.99
CA ARG B 124 11.91 27.63 23.35
C ARG B 124 12.98 26.99 24.21
N VAL B 125 13.84 26.16 23.63
CA VAL B 125 14.93 25.57 24.43
C VAL B 125 15.98 26.63 24.78
N ALA B 126 16.46 27.34 23.75
CA ALA B 126 17.53 28.34 23.92
C ALA B 126 17.10 29.44 24.90
N THR B 127 15.80 29.65 24.98
CA THR B 127 15.14 30.63 25.85
C THR B 127 14.98 30.21 27.32
N GLY B 128 15.08 28.92 27.59
CA GLY B 128 14.87 28.41 28.93
C GLY B 128 13.44 28.01 29.25
N GLU B 129 12.55 28.14 28.28
CA GLU B 129 11.18 27.67 28.44
C GLU B 129 11.09 26.13 28.50
N LEU B 130 11.93 25.48 27.71
CA LEU B 130 12.08 24.03 27.71
C LEU B 130 13.54 23.70 27.98
N SER B 131 13.82 22.50 28.50
CA SER B 131 15.21 22.10 28.73
C SER B 131 15.86 21.45 27.51
N ALA B 132 15.03 20.84 26.65
CA ALA B 132 15.55 20.11 25.50
C ALA B 132 14.34 19.71 24.68
N GLY B 133 14.58 19.09 23.53
CA GLY B 133 13.41 18.68 22.75
C GLY B 133 13.74 17.86 21.54
N TYR B 134 12.71 17.31 20.91
CA TYR B 134 12.88 16.52 19.68
C TYR B 134 11.89 17.02 18.65
N ALA B 135 12.40 17.48 17.52
CA ALA B 135 11.58 17.92 16.42
C ALA B 135 11.52 16.86 15.34
N LEU B 136 10.36 16.19 15.26
CA LEU B 136 10.20 15.06 14.32
C LEU B 136 9.66 15.62 13.03
N VAL B 137 10.56 16.28 12.32
CA VAL B 137 10.17 17.02 11.10
C VAL B 137 10.35 16.17 9.86
N ASN B 138 9.72 16.60 8.77
CA ASN B 138 9.89 16.02 7.47
C ASN B 138 9.34 17.09 6.50
N PRO B 139 10.04 17.34 5.38
CA PRO B 139 11.25 16.71 4.83
C PRO B 139 12.52 17.04 5.62
N PRO B 140 13.57 16.24 5.45
CA PRO B 140 14.86 16.42 6.18
C PRO B 140 15.67 17.54 5.55
N GLY B 141 16.84 17.82 6.10
CA GLY B 141 17.52 19.05 5.71
C GLY B 141 18.99 18.98 5.37
N HIS B 142 19.73 18.00 5.91
CA HIS B 142 21.18 18.22 5.98
C HIS B 142 21.97 18.18 4.66
N HIS B 143 21.34 17.70 3.58
CA HIS B 143 22.05 17.64 2.31
C HIS B 143 21.83 18.92 1.53
N ALA B 144 20.94 19.80 1.97
CA ALA B 144 20.67 21.03 1.13
C ALA B 144 21.72 22.06 1.46
N PRO B 145 22.54 22.43 0.46
CA PRO B 145 23.58 23.45 0.65
C PRO B 145 22.95 24.83 0.47
N HIS B 146 23.75 25.89 0.46
CA HIS B 146 23.19 27.23 0.43
C HIS B 146 22.27 27.41 -0.80
N ASN B 147 22.65 26.84 -1.93
CA ASN B 147 22.02 27.20 -3.22
C ASN B 147 21.26 26.07 -3.90
N ALA B 148 20.88 25.01 -3.19
CA ALA B 148 20.14 23.89 -3.84
C ALA B 148 19.35 23.01 -2.88
N ALA B 149 18.39 22.26 -3.44
CA ALA B 149 17.77 21.10 -2.77
C ALA B 149 18.62 19.89 -3.17
N MET B 150 18.70 18.88 -2.31
CA MET B 150 19.49 17.71 -2.66
C MET B 150 19.13 16.59 -1.71
N GLY B 151 19.15 15.36 -2.23
CA GLY B 151 19.05 14.20 -1.33
C GLY B 151 17.84 14.20 -0.42
N PHE B 152 16.68 14.50 -0.99
CA PHE B 152 15.40 14.52 -0.23
C PHE B 152 15.20 15.76 0.60
N CYS B 153 16.21 16.62 0.63
CA CYS B 153 16.18 17.84 1.46
C CYS B 153 15.86 19.09 0.64
N ILE B 154 14.89 19.87 1.10
CA ILE B 154 14.50 21.11 0.45
C ILE B 154 15.25 22.30 1.10
N PHE B 155 15.17 22.44 2.43
CA PHE B 155 15.91 23.48 3.16
C PHE B 155 16.62 22.78 4.28
N ASN B 156 17.72 23.37 4.68
CA ASN B 156 18.56 22.78 5.68
C ASN B 156 18.01 23.19 7.04
N ASN B 157 17.11 22.36 7.59
CA ASN B 157 16.41 22.69 8.83
C ASN B 157 17.30 23.06 10.01
N THR B 158 18.34 22.26 10.21
CA THR B 158 19.20 22.51 11.38
C THR B 158 20.01 23.80 11.17
N SER B 159 20.31 24.13 9.92
CA SER B 159 21.02 25.42 9.65
C SER B 159 20.08 26.61 9.76
N VAL B 160 18.83 26.45 9.34
CA VAL B 160 17.84 27.51 9.59
C VAL B 160 17.67 27.76 11.09
N ALA B 161 17.57 26.67 11.88
CA ALA B 161 17.52 26.80 13.31
C ALA B 161 18.80 27.43 13.90
N ALA B 162 19.99 26.98 13.48
CA ALA B 162 21.24 27.54 14.00
C ALA B 162 21.30 29.04 13.62
N GLY B 163 20.86 29.35 12.41
CA GLY B 163 20.87 30.74 11.97
C GLY B 163 19.95 31.64 12.82
N TYR B 164 18.83 31.07 13.25
CA TYR B 164 17.90 31.78 14.13
C TYR B 164 18.58 31.98 15.51
N ALA B 165 19.19 30.93 16.03
CA ALA B 165 19.83 31.02 17.34
C ALA B 165 20.97 32.05 17.34
N ARG B 166 21.73 32.10 16.24
CA ARG B 166 22.83 33.05 16.05
C ARG B 166 22.28 34.45 15.85
N ALA B 167 21.43 34.62 14.85
CA ALA B 167 21.03 35.97 14.44
C ALA B 167 20.01 36.60 15.39
N VAL B 168 19.00 35.84 15.81
CA VAL B 168 17.89 36.43 16.54
C VAL B 168 18.17 36.35 18.02
N LEU B 169 18.57 35.17 18.50
CA LEU B 169 18.88 35.02 19.92
C LEU B 169 20.24 35.58 20.32
N GLY B 170 21.17 35.67 19.39
CA GLY B 170 22.47 36.27 19.71
C GLY B 170 23.46 35.32 20.35
N MET B 171 23.20 34.04 20.20
CA MET B 171 24.18 33.04 20.60
C MET B 171 25.44 33.16 19.77
N GLU B 172 26.60 33.11 20.44
CA GLU B 172 27.89 33.24 19.81
C GLU B 172 28.33 31.98 19.08
N ARG B 173 28.02 30.83 19.68
CA ARG B 173 28.54 29.56 19.18
C ARG B 173 27.44 28.50 19.26
N VAL B 174 27.27 27.79 18.16
CA VAL B 174 26.30 26.71 18.08
C VAL B 174 27.02 25.50 17.49
N ALA B 175 26.70 24.28 17.95
CA ALA B 175 27.26 23.09 17.31
C ALA B 175 26.15 22.27 16.67
N ILE B 176 26.36 21.82 15.42
CA ILE B 176 25.39 20.92 14.79
C ILE B 176 26.09 19.56 14.67
N LEU B 177 25.61 18.57 15.42
CA LEU B 177 26.15 17.20 15.37
C LEU B 177 25.19 16.37 14.52
N ASP B 178 25.69 15.83 13.42
CA ASP B 178 24.85 15.15 12.49
C ASP B 178 25.22 13.67 12.46
N TRP B 179 24.38 12.81 13.06
CA TRP B 179 24.66 11.39 12.99
C TRP B 179 23.78 10.58 12.02
N ASP B 180 23.03 11.29 11.17
CA ASP B 180 22.43 10.63 10.00
C ASP B 180 23.62 9.93 9.30
N VAL B 181 23.37 8.78 8.72
CA VAL B 181 24.43 7.95 8.13
C VAL B 181 25.10 8.57 6.88
N HIS B 182 24.43 9.57 6.31
CA HIS B 182 24.95 10.23 5.11
C HIS B 182 25.66 11.52 5.48
N HIS B 183 26.64 11.89 4.66
CA HIS B 183 27.40 13.11 4.93
C HIS B 183 26.50 14.38 4.90
N GLY B 184 26.56 15.17 5.96
CA GLY B 184 25.85 16.46 6.02
C GLY B 184 26.51 17.53 5.13
N ASN B 185 26.52 17.29 3.82
CA ASN B 185 27.26 18.17 2.89
C ASN B 185 26.63 19.54 2.85
N GLY B 186 25.30 19.59 2.96
CA GLY B 186 24.58 20.90 2.94
C GLY B 186 25.01 21.77 4.11
N THR B 187 24.98 21.21 5.31
CA THR B 187 25.37 21.95 6.51
C THR B 187 26.85 22.37 6.48
N GLN B 188 27.70 21.48 5.97
CA GLN B 188 29.11 21.76 5.84
C GLN B 188 29.28 22.96 4.89
N ASP B 189 28.51 22.98 3.80
CA ASP B 189 28.59 24.08 2.83
C ASP B 189 28.20 25.43 3.46
N ILE B 190 27.06 25.41 4.13
CA ILE B 190 26.47 26.64 4.63
C ILE B 190 27.40 27.37 5.58
N TRP B 191 28.03 26.61 6.46
CA TRP B 191 28.88 27.21 7.51
C TRP B 191 30.37 27.08 7.25
N TRP B 192 30.73 26.76 6.01
CA TRP B 192 32.11 26.45 5.63
C TRP B 192 33.14 27.48 6.12
N ASN B 193 32.81 28.77 5.99
CA ASN B 193 33.74 29.88 6.30
C ASN B 193 33.52 30.41 7.72
N ASP B 194 32.71 29.69 8.48
CA ASP B 194 32.12 30.28 9.69
C ASP B 194 32.48 29.47 10.94
N PRO B 195 33.29 30.04 11.83
CA PRO B 195 33.64 29.34 13.09
C PRO B 195 32.55 29.38 14.18
N SER B 196 31.47 30.14 13.95
CA SER B 196 30.47 30.33 14.98
C SER B 196 29.43 29.21 14.96
N VAL B 197 29.53 28.33 13.94
CA VAL B 197 28.76 27.07 13.93
C VAL B 197 29.70 25.92 13.67
N LEU B 198 29.97 25.12 14.69
CA LEU B 198 30.80 23.95 14.50
C LEU B 198 29.95 22.84 13.90
N THR B 199 30.37 22.35 12.73
CA THR B 199 29.61 21.32 12.04
C THR B 199 30.36 20.00 12.11
N ILE B 200 29.71 18.98 12.69
CA ILE B 200 30.31 17.65 12.80
C ILE B 200 29.39 16.65 12.11
N SER B 201 29.97 15.80 11.26
CA SER B 201 29.19 14.76 10.57
C SER B 201 29.86 13.40 10.72
N LEU B 202 29.17 12.47 11.38
CA LEU B 202 29.55 11.04 11.34
C LEU B 202 28.78 10.44 10.16
N HIS B 203 29.43 9.60 9.36
CA HIS B 203 28.73 9.05 8.21
C HIS B 203 29.44 7.88 7.64
N GLN B 204 28.70 7.04 6.93
CA GLN B 204 29.33 6.00 6.13
C GLN B 204 30.12 6.67 5.00
N HIS B 205 31.41 6.33 4.90
CA HIS B 205 32.27 6.97 3.92
C HIS B 205 31.73 6.79 2.49
N LEU B 206 31.51 7.92 1.81
CA LEU B 206 31.10 7.97 0.38
C LEU B 206 29.73 7.36 0.11
N CYS B 207 28.90 7.26 1.15
CA CYS B 207 27.55 6.72 0.94
C CYS B 207 26.68 7.71 0.14
N PHE B 208 26.53 8.93 0.66
CA PHE B 208 25.91 10.01 -0.13
C PHE B 208 26.21 11.34 0.53
N PRO B 209 26.58 12.37 -0.24
CA PRO B 209 26.81 12.34 -1.71
C PRO B 209 28.08 11.60 -2.07
N PRO B 210 28.22 11.27 -3.36
CA PRO B 210 29.50 10.70 -3.73
C PRO B 210 30.60 11.77 -3.64
N ASP B 211 31.83 11.31 -3.52
CA ASP B 211 32.98 12.22 -3.53
C ASP B 211 32.89 13.38 -2.52
N SER B 212 32.37 13.10 -1.31
CA SER B 212 32.10 14.15 -0.34
C SER B 212 32.28 13.55 1.06
N GLY B 213 32.66 14.36 2.05
CA GLY B 213 32.68 13.90 3.45
C GLY B 213 34.05 13.37 3.90
N TYR B 214 35.10 13.63 3.12
CA TYR B 214 36.50 13.34 3.52
C TYR B 214 36.91 14.15 4.75
N SER B 215 37.79 13.58 5.59
CA SER B 215 38.19 14.34 6.76
C SER B 215 39.11 15.50 6.46
N THR B 216 39.55 15.62 5.20
CA THR B 216 40.32 16.78 4.77
C THR B 216 39.45 18.03 4.53
N GLU B 217 38.12 17.86 4.51
CA GLU B 217 37.19 18.98 4.33
C GLU B 217 37.01 19.63 5.72
N ARG B 218 37.77 20.69 5.97
CA ARG B 218 37.91 21.25 7.33
C ARG B 218 37.42 22.68 7.49
N GLY B 219 36.77 23.22 6.46
CA GLY B 219 36.35 24.62 6.51
C GLY B 219 37.40 25.51 5.86
N ALA B 220 37.16 26.81 5.84
CA ALA B 220 38.08 27.74 5.17
C ALA B 220 38.09 29.04 5.89
N GLY B 221 39.18 29.79 5.74
CA GLY B 221 39.27 31.11 6.36
C GLY B 221 39.13 30.98 7.87
N ASN B 222 38.34 31.88 8.45
CA ASN B 222 38.07 31.90 9.88
C ASN B 222 37.40 30.61 10.31
N GLY B 223 36.77 29.96 9.36
CA GLY B 223 36.08 28.69 9.59
C GLY B 223 36.96 27.45 9.56
N HIS B 224 38.22 27.60 9.18
CA HIS B 224 39.14 26.44 9.16
C HIS B 224 39.31 25.83 10.53
N GLY B 225 39.02 24.54 10.60
CA GLY B 225 39.05 23.78 11.86
C GLY B 225 37.66 23.63 12.52
N TYR B 226 36.63 24.18 11.90
CA TYR B 226 35.30 24.19 12.52
C TYR B 226 34.27 23.41 11.68
N ASN B 227 34.79 22.52 10.83
CA ASN B 227 34.02 21.47 10.21
C ASN B 227 34.81 20.20 10.41
N ILE B 228 34.16 19.18 10.98
CA ILE B 228 34.81 17.88 11.24
C ILE B 228 33.96 16.73 10.66
N ASN B 229 34.52 16.03 9.67
CA ASN B 229 33.91 14.84 9.07
C ASN B 229 34.55 13.61 9.70
N VAL B 230 33.72 12.66 10.11
CA VAL B 230 34.16 11.37 10.61
C VAL B 230 33.59 10.26 9.70
N PRO B 231 34.24 10.03 8.54
CA PRO B 231 33.77 8.95 7.67
C PRO B 231 34.14 7.60 8.27
N LEU B 232 33.18 6.70 8.26
CA LEU B 232 33.33 5.37 8.84
C LEU B 232 33.08 4.32 7.77
N PRO B 233 33.76 3.17 7.88
CA PRO B 233 33.59 2.13 6.87
C PRO B 233 32.20 1.46 6.93
N PRO B 234 31.65 1.02 5.79
CA PRO B 234 30.46 0.19 5.79
C PRO B 234 30.58 -0.97 6.76
N GLY B 235 29.48 -1.33 7.39
CA GLY B 235 29.49 -2.41 8.37
C GLY B 235 29.78 -1.97 9.81
N SER B 236 30.04 -0.69 10.02
CA SER B 236 30.32 -0.12 11.36
C SER B 236 29.05 -0.16 12.19
N GLY B 237 29.16 -0.58 13.46
CA GLY B 237 28.00 -0.62 14.33
C GLY B 237 28.19 0.14 15.62
N ASN B 238 27.54 -0.34 16.68
CA ASN B 238 27.50 0.41 17.95
C ASN B 238 28.90 0.69 18.49
N ALA B 239 29.79 -0.31 18.40
CA ALA B 239 31.13 -0.12 18.95
C ALA B 239 31.85 1.03 18.24
N ALA B 240 31.80 1.03 16.92
CA ALA B 240 32.43 2.13 16.16
C ALA B 240 31.80 3.50 16.44
N TYR B 241 30.47 3.58 16.45
CA TYR B 241 29.80 4.86 16.69
C TYR B 241 30.12 5.38 18.08
N LEU B 242 30.08 4.52 19.09
CA LEU B 242 30.35 4.98 20.46
C LEU B 242 31.82 5.36 20.61
N HIS B 243 32.72 4.63 19.94
CA HIS B 243 34.14 5.01 19.97
C HIS B 243 34.36 6.37 19.30
N ALA B 244 33.66 6.64 18.20
CA ALA B 244 33.74 7.95 17.56
C ALA B 244 33.17 9.05 18.47
N MET B 245 32.08 8.75 19.19
CA MET B 245 31.52 9.71 20.14
C MET B 245 32.57 10.04 21.21
N ASP B 246 33.20 9.02 21.75
CA ASP B 246 34.12 9.23 22.88
C ASP B 246 35.46 9.85 22.48
N GLN B 247 35.98 9.48 21.31
CA GLN B 247 37.28 9.96 20.86
C GLN B 247 37.27 11.29 20.12
N VAL B 248 36.18 11.54 19.40
CA VAL B 248 36.12 12.72 18.53
C VAL B 248 35.00 13.67 18.93
N VAL B 249 33.76 13.16 18.96
CA VAL B 249 32.62 14.07 19.04
C VAL B 249 32.56 14.79 20.37
N LEU B 250 32.54 14.04 21.47
CA LEU B 250 32.43 14.69 22.77
C LEU B 250 33.62 15.61 23.09
N PRO B 251 34.88 15.13 22.87
CA PRO B 251 36.04 16.05 22.98
C PRO B 251 35.88 17.33 22.13
N ALA B 252 35.33 17.21 20.91
CA ALA B 252 35.21 18.40 20.04
C ALA B 252 34.23 19.40 20.64
N LEU B 253 33.09 18.89 21.14
CA LEU B 253 32.08 19.74 21.78
C LEU B 253 32.66 20.41 23.02
N ARG B 254 33.36 19.63 23.85
CA ARG B 254 33.93 20.22 25.05
C ARG B 254 34.97 21.32 24.75
N ALA B 255 35.74 21.14 23.68
CA ALA B 255 36.76 22.10 23.28
C ALA B 255 36.10 23.36 22.73
N TYR B 256 35.00 23.17 21.98
CA TYR B 256 34.35 24.27 21.29
C TYR B 256 33.47 25.15 22.20
N ARG B 257 32.89 24.54 23.22
CA ARG B 257 31.98 25.23 24.15
C ARG B 257 30.82 25.90 23.44
N PRO B 258 29.98 25.11 22.73
CA PRO B 258 28.82 25.75 22.14
C PRO B 258 27.83 26.19 23.22
N GLN B 259 26.98 27.16 22.89
CA GLN B 259 25.90 27.55 23.80
C GLN B 259 24.60 26.77 23.59
N LEU B 260 24.59 25.98 22.51
CA LEU B 260 23.44 25.18 22.11
C LEU B 260 24.00 24.05 21.24
N ILE B 261 23.49 22.83 21.46
CA ILE B 261 23.84 21.70 20.57
C ILE B 261 22.58 21.32 19.82
N ILE B 262 22.67 21.34 18.49
CA ILE B 262 21.59 20.81 17.66
C ILE B 262 22.05 19.49 17.09
N VAL B 263 21.25 18.45 17.24
CA VAL B 263 21.64 17.14 16.70
C VAL B 263 20.80 16.85 15.47
N GLY B 264 21.45 16.61 14.32
CA GLY B 264 20.78 16.09 13.13
C GLY B 264 20.61 14.59 13.37
N SER B 265 19.42 14.24 13.83
CA SER B 265 19.14 12.90 14.31
C SER B 265 18.48 12.08 13.20
N GLY B 266 19.30 11.43 12.38
CA GLY B 266 18.76 10.38 11.54
C GLY B 266 18.99 8.99 12.11
N PHE B 267 18.22 8.03 11.63
CA PHE B 267 18.36 6.64 12.10
C PHE B 267 18.69 5.71 10.96
N ASP B 268 19.17 6.28 9.86
CA ASP B 268 19.54 5.44 8.71
C ASP B 268 20.88 4.69 8.87
N ALA B 269 21.55 4.87 10.02
CA ALA B 269 22.67 3.99 10.34
C ALA B 269 22.19 2.71 10.97
N SER B 270 20.86 2.51 11.07
CA SER B 270 20.37 1.33 11.77
C SER B 270 20.67 0.08 10.96
N MET B 271 20.68 -1.03 11.68
CA MET B 271 20.96 -2.33 11.13
C MET B 271 20.03 -2.76 10.00
N LEU B 272 18.83 -2.19 9.96
CA LEU B 272 17.85 -2.60 8.96
C LEU B 272 17.60 -1.56 7.89
N ASP B 273 18.45 -0.54 7.78
CA ASP B 273 18.16 0.51 6.78
C ASP B 273 18.55 0.09 5.38
N PRO B 274 17.67 0.35 4.40
CA PRO B 274 18.10 0.01 3.05
C PRO B 274 19.10 1.00 2.42
N LEU B 275 19.19 2.22 2.96
CA LEU B 275 19.97 3.27 2.29
C LEU B 275 21.36 3.49 2.87
N ALA B 276 21.79 2.58 3.76
CA ALA B 276 23.18 2.50 4.15
C ALA B 276 23.48 1.09 4.65
N ARG B 277 24.76 0.86 4.97
CA ARG B 277 25.26 -0.46 5.31
C ARG B 277 25.76 -0.53 6.76
N MET B 278 25.23 0.32 7.64
CA MET B 278 25.73 0.34 9.01
C MET B 278 24.89 -0.54 9.94
N MET B 279 25.39 -0.73 11.15
CA MET B 279 24.85 -1.77 12.04
C MET B 279 24.45 -1.26 13.43
N VAL B 280 24.03 -0.01 13.50
CA VAL B 280 23.61 0.55 14.77
C VAL B 280 22.25 0.02 15.17
N THR B 281 22.06 -0.27 16.45
CA THR B 281 20.74 -0.71 16.92
C THR B 281 20.14 0.38 17.82
N ALA B 282 18.90 0.20 18.22
CA ALA B 282 18.20 1.21 19.05
C ALA B 282 19.01 1.44 20.32
N ASP B 283 19.63 0.38 20.86
CA ASP B 283 20.47 0.58 22.06
C ASP B 283 21.70 1.45 21.74
N GLY B 284 22.24 1.33 20.53
CA GLY B 284 23.34 2.21 20.08
C GLY B 284 22.88 3.67 20.06
N PHE B 285 21.76 3.92 19.39
CA PHE B 285 21.22 5.29 19.38
C PHE B 285 20.93 5.81 20.79
N ARG B 286 20.44 4.93 21.66
CA ARG B 286 20.13 5.30 23.05
C ARG B 286 21.40 5.82 23.70
N GLN B 287 22.50 5.07 23.55
CA GLN B 287 23.76 5.46 24.19
C GLN B 287 24.32 6.72 23.57
N MET B 288 24.16 6.90 22.26
CA MET B 288 24.69 8.09 21.62
C MET B 288 23.90 9.31 22.14
N ALA B 289 22.59 9.17 22.24
CA ALA B 289 21.74 10.23 22.78
C ALA B 289 22.11 10.57 24.23
N ARG B 290 22.21 9.54 25.05
CA ARG B 290 22.58 9.71 26.46
C ARG B 290 23.88 10.50 26.63
N ARG B 291 24.90 10.11 25.88
CA ARG B 291 26.22 10.77 25.92
C ARG B 291 26.13 12.25 25.53
N THR B 292 25.38 12.53 24.47
CA THR B 292 25.24 13.90 23.98
C THR B 292 24.43 14.80 24.91
N ILE B 293 23.34 14.26 25.45
CA ILE B 293 22.53 15.01 26.41
C ILE B 293 23.35 15.30 27.67
N ASP B 294 24.07 14.29 28.13
CA ASP B 294 24.94 14.51 29.32
C ASP B 294 26.01 15.56 29.05
N CYS B 295 26.58 15.55 27.84
CA CYS B 295 27.53 16.58 27.41
C CYS B 295 26.89 17.97 27.46
N ALA B 296 25.70 18.12 26.87
CA ALA B 296 24.96 19.40 26.91
C ALA B 296 24.75 19.82 28.37
N ALA B 297 24.44 18.88 29.24
CA ALA B 297 24.21 19.20 30.66
C ALA B 297 25.48 19.78 31.27
N ASP B 298 26.63 19.21 30.92
CA ASP B 298 27.93 19.66 31.45
C ASP B 298 28.34 21.04 30.89
N ILE B 299 28.12 21.29 29.59
CA ILE B 299 28.78 22.44 28.96
C ILE B 299 27.89 23.58 28.51
N CYS B 300 26.60 23.34 28.32
CA CYS B 300 25.73 24.41 27.87
C CYS B 300 24.36 24.37 28.51
N ASP B 301 24.34 24.10 29.82
CA ASP B 301 23.10 24.14 30.60
C ASP B 301 21.98 23.29 30.04
N GLY B 302 22.38 22.21 29.37
CA GLY B 302 21.44 21.17 28.97
C GLY B 302 20.70 21.55 27.71
N ARG B 303 21.14 22.61 27.04
CA ARG B 303 20.43 23.08 25.86
C ARG B 303 20.76 22.26 24.63
N ILE B 304 19.84 21.37 24.30
CA ILE B 304 20.04 20.40 23.21
C ILE B 304 18.72 20.18 22.48
N VAL B 305 18.80 20.23 21.15
CA VAL B 305 17.62 20.13 20.32
C VAL B 305 17.92 19.03 19.30
N PHE B 306 17.12 17.97 19.30
CA PHE B 306 17.22 16.97 18.25
C PHE B 306 16.28 17.30 17.10
N VAL B 307 16.77 17.15 15.86
CA VAL B 307 15.93 17.43 14.67
C VAL B 307 16.05 16.25 13.73
N GLN B 308 14.91 15.66 13.38
CA GLN B 308 14.91 14.47 12.56
C GLN B 308 15.58 14.71 11.21
N GLU B 309 16.45 13.78 10.83
CA GLU B 309 17.02 13.74 9.49
C GLU B 309 16.48 12.49 8.81
N GLY B 310 17.35 11.64 8.27
CA GLY B 310 16.89 10.45 7.54
C GLY B 310 16.56 9.23 8.37
N GLY B 311 16.41 8.12 7.66
CA GLY B 311 15.91 6.87 8.26
C GLY B 311 14.81 6.33 7.40
N TYR B 312 14.98 5.07 6.98
CA TYR B 312 14.17 4.49 5.88
C TYR B 312 13.60 3.12 6.19
N SER B 313 13.65 2.68 7.45
CA SER B 313 13.01 1.40 7.85
C SER B 313 11.70 1.68 8.59
N PRO B 314 10.56 1.48 7.93
CA PRO B 314 9.32 1.74 8.66
C PRO B 314 9.13 0.78 9.81
N HIS B 315 9.83 -0.36 9.74
CA HIS B 315 9.71 -1.41 10.76
C HIS B 315 10.48 -1.01 12.02
N TYR B 316 11.71 -0.55 11.82
CA TYR B 316 12.65 -0.41 12.93
C TYR B 316 12.89 1.04 13.38
N LEU B 317 12.79 1.99 12.46
CA LEU B 317 13.05 3.37 12.81
C LEU B 317 12.25 3.82 14.07
N PRO B 318 10.97 3.45 14.16
CA PRO B 318 10.21 3.92 15.33
C PRO B 318 10.87 3.54 16.66
N PHE B 319 11.46 2.35 16.74
CA PHE B 319 12.13 1.95 18.00
C PHE B 319 13.44 2.64 18.25
N CYS B 320 14.16 2.96 17.17
CA CYS B 320 15.38 3.75 17.30
C CYS B 320 15.05 5.16 17.79
N GLY B 321 14.03 5.78 17.16
CA GLY B 321 13.58 7.10 17.58
C GLY B 321 13.10 7.10 19.01
N LEU B 322 12.33 6.08 19.37
CA LEU B 322 11.73 6.03 20.68
C LEU B 322 12.84 6.00 21.71
N ALA B 323 13.89 5.24 21.43
CA ALA B 323 15.02 5.16 22.38
C ALA B 323 15.61 6.54 22.68
N VAL B 324 15.75 7.40 21.66
CA VAL B 324 16.26 8.74 21.88
C VAL B 324 15.27 9.57 22.70
N ILE B 325 13.97 9.49 22.39
CA ILE B 325 12.94 10.21 23.16
C ILE B 325 13.00 9.79 24.65
N GLU B 326 13.17 8.49 24.88
CA GLU B 326 13.24 8.01 26.27
C GLU B 326 14.43 8.54 27.01
N GLU B 327 15.53 8.78 26.31
CA GLU B 327 16.71 9.36 26.94
C GLU B 327 16.48 10.83 27.29
N LEU B 328 15.63 11.50 26.54
CA LEU B 328 15.20 12.88 26.85
C LEU B 328 14.27 12.95 28.07
N THR B 329 13.27 12.08 28.09
CA THR B 329 12.24 12.10 29.14
C THR B 329 12.69 11.36 30.40
N GLY B 330 13.64 10.44 30.24
CA GLY B 330 14.06 9.55 31.35
C GLY B 330 13.05 8.48 31.73
N VAL B 331 12.05 8.28 30.87
CA VAL B 331 11.00 7.30 31.12
C VAL B 331 11.23 6.16 30.15
N ARG B 332 11.74 5.05 30.66
CA ARG B 332 12.18 3.93 29.82
C ARG B 332 11.20 2.77 29.91
N SER B 333 10.12 2.86 29.14
CA SER B 333 8.95 2.02 29.43
C SER B 333 8.60 1.01 28.35
N LEU B 334 9.42 0.89 27.30
CA LEU B 334 9.11 -0.10 26.26
C LEU B 334 10.38 -0.74 25.74
N PRO B 335 10.42 -2.08 25.69
CA PRO B 335 11.61 -2.73 25.11
C PRO B 335 11.69 -2.51 23.61
N ASP B 336 12.89 -2.67 23.08
CA ASP B 336 13.08 -2.81 21.63
C ASP B 336 12.78 -4.28 21.33
N PRO B 337 11.70 -4.58 20.62
CA PRO B 337 11.30 -5.97 20.39
C PRO B 337 12.27 -6.67 19.43
N TYR B 338 13.14 -5.90 18.77
CA TYR B 338 14.08 -6.50 17.82
C TYR B 338 15.44 -6.69 18.50
N HIS B 339 15.49 -6.43 19.80
CA HIS B 339 16.78 -6.37 20.49
C HIS B 339 17.65 -7.61 20.27
N GLU B 340 17.10 -8.77 20.53
CA GLU B 340 17.93 -9.96 20.53
C GLU B 340 18.16 -10.44 19.09
N PHE B 341 17.15 -10.27 18.24
CA PHE B 341 17.25 -10.59 16.80
C PHE B 341 18.46 -9.86 16.16
N LEU B 342 18.59 -8.58 16.47
CA LEU B 342 19.64 -7.77 15.85
C LEU B 342 20.99 -7.90 16.56
N ALA B 343 20.96 -8.18 17.85
CA ALA B 343 22.21 -8.24 18.62
C ALA B 343 23.08 -9.43 18.17
N GLY B 344 22.42 -10.45 17.65
CA GLY B 344 23.12 -11.60 17.13
C GLY B 344 23.87 -11.34 15.83
N MET B 345 23.58 -10.22 15.17
CA MET B 345 24.22 -9.92 13.87
C MET B 345 25.60 -9.27 13.95
N GLY B 346 25.96 -8.76 15.13
CA GLY B 346 27.27 -8.16 15.32
C GLY B 346 27.28 -6.64 15.20
N GLY B 347 28.46 -6.07 14.92
CA GLY B 347 28.69 -4.62 14.94
C GLY B 347 29.13 -4.10 16.32
N ASN B 348 29.13 -4.98 17.33
CA ASN B 348 29.42 -4.49 18.67
C ASN B 348 30.85 -4.76 19.14
N THR B 349 31.70 -5.12 18.18
CA THR B 349 33.15 -5.19 18.37
C THR B 349 33.83 -4.11 17.54
N LEU B 350 34.72 -3.35 18.17
CA LEU B 350 35.43 -2.30 17.45
C LEU B 350 36.50 -2.96 16.56
N LEU B 351 36.27 -2.94 15.25
CA LEU B 351 37.22 -3.57 14.31
C LEU B 351 38.41 -2.64 14.07
N ASP B 352 39.57 -3.23 13.78
CA ASP B 352 40.78 -2.45 13.51
C ASP B 352 40.59 -1.34 12.47
N ALA B 353 39.87 -1.62 11.38
CA ALA B 353 39.69 -0.58 10.36
C ALA B 353 38.79 0.57 10.84
N GLU B 354 37.85 0.26 11.74
CA GLU B 354 36.95 1.28 12.32
C GLU B 354 37.78 2.14 13.28
N ARG B 355 38.56 1.49 14.16
CA ARG B 355 39.47 2.22 15.06
C ARG B 355 40.38 3.17 14.28
N ALA B 356 41.01 2.66 13.23
CA ALA B 356 41.93 3.47 12.42
C ALA B 356 41.24 4.67 11.78
N ALA B 357 40.00 4.45 11.31
CA ALA B 357 39.24 5.53 10.67
C ALA B 357 38.98 6.67 11.66
N ILE B 358 38.71 6.31 12.91
CA ILE B 358 38.44 7.27 13.96
C ILE B 358 39.73 7.96 14.43
N GLU B 359 40.82 7.21 14.48
CA GLU B 359 42.12 7.77 14.90
C GLU B 359 42.62 8.83 13.94
N GLU B 360 42.21 8.77 12.68
CA GLU B 360 42.61 9.77 11.69
C GLU B 360 42.04 11.14 12.05
N ILE B 361 40.96 11.17 12.81
CA ILE B 361 40.29 12.43 13.08
C ILE B 361 40.80 13.11 14.37
N VAL B 362 41.34 12.31 15.29
CA VAL B 362 41.77 12.85 16.58
C VAL B 362 42.72 14.09 16.49
N PRO B 363 43.72 14.05 15.59
CA PRO B 363 44.58 15.25 15.42
C PRO B 363 43.84 16.57 15.16
N LEU B 364 42.66 16.49 14.54
CA LEU B 364 41.93 17.69 14.15
C LEU B 364 41.34 18.43 15.34
N LEU B 365 41.26 17.75 16.48
CA LEU B 365 40.73 18.36 17.71
C LEU B 365 41.61 19.52 18.16
N ALA B 366 42.91 19.44 17.86
CA ALA B 366 43.88 20.48 18.25
C ALA B 366 43.54 21.87 17.75
N ASP B 367 42.86 21.93 16.60
CA ASP B 367 42.59 23.22 15.94
C ASP B 367 41.26 23.86 16.33
N ILE B 368 40.57 23.25 17.29
CA ILE B 368 39.32 23.83 17.75
C ILE B 368 39.64 24.87 18.82
N ALA C 2 -17.60 24.93 23.91
CA ALA C 2 -16.55 23.86 24.01
C ALA C 2 -17.04 22.58 23.31
N ILE C 3 -16.35 22.21 22.24
CA ILE C 3 -16.72 21.03 21.44
C ILE C 3 -15.62 20.00 21.63
N GLY C 4 -15.92 18.86 22.24
CA GLY C 4 -14.88 17.85 22.50
C GLY C 4 -14.58 17.04 21.25
N TYR C 5 -13.40 16.46 21.20
CA TYR C 5 -12.97 15.66 20.05
C TYR C 5 -12.09 14.53 20.55
N VAL C 6 -12.46 13.31 20.20
CA VAL C 6 -11.65 12.17 20.64
C VAL C 6 -11.03 11.48 19.43
N TRP C 7 -9.71 11.39 19.44
CA TRP C 7 -8.97 10.49 18.58
C TRP C 7 -7.93 9.84 19.45
N ASN C 8 -7.66 8.56 19.22
CA ASN C 8 -6.55 7.89 19.88
C ASN C 8 -5.74 7.22 18.81
N THR C 9 -4.43 7.36 18.92
CA THR C 9 -3.53 6.74 17.92
C THR C 9 -3.90 5.29 17.60
N LEU C 10 -4.28 4.53 18.63
CA LEU C 10 -4.58 3.12 18.44
C LEU C 10 -5.82 2.84 17.55
N TYR C 11 -6.72 3.83 17.44
CA TYR C 11 -7.85 3.70 16.50
C TYR C 11 -7.34 3.45 15.06
N GLY C 12 -6.16 3.99 14.76
CA GLY C 12 -5.51 3.77 13.48
C GLY C 12 -4.72 2.51 13.34
N TRP C 13 -4.59 1.74 14.44
CA TRP C 13 -3.79 0.53 14.46
C TRP C 13 -4.60 -0.77 14.43
N VAL C 14 -5.93 -0.67 14.26
CA VAL C 14 -6.79 -1.86 14.22
C VAL C 14 -6.29 -2.76 13.11
N ASP C 15 -6.13 -4.05 13.42
CA ASP C 15 -5.62 -5.01 12.45
C ASP C 15 -6.81 -5.69 11.82
N THR C 16 -7.11 -5.36 10.57
CA THR C 16 -8.24 -5.93 9.87
C THR C 16 -7.80 -7.15 9.03
N GLY C 17 -6.55 -7.56 9.15
CA GLY C 17 -6.08 -8.80 8.52
C GLY C 17 -5.60 -8.60 7.10
N THR C 18 -5.76 -9.64 6.28
CA THR C 18 -5.22 -9.62 4.90
C THR C 18 -6.29 -9.98 3.87
N GLY C 19 -7.55 -10.04 4.30
CA GLY C 19 -8.66 -10.29 3.37
C GLY C 19 -9.36 -9.01 2.94
N SER C 20 -10.32 -9.15 2.03
CA SER C 20 -11.09 -8.01 1.57
C SER C 20 -12.26 -7.69 2.49
N LEU C 21 -12.89 -8.74 3.00
CA LEU C 21 -14.12 -8.62 3.77
C LEU C 21 -14.08 -9.78 4.74
N ALA C 22 -14.26 -10.97 4.20
CA ALA C 22 -13.85 -12.18 4.91
C ALA C 22 -12.32 -12.32 4.77
N ALA C 23 -11.73 -13.30 5.43
CA ALA C 23 -10.31 -13.61 5.30
C ALA C 23 -9.94 -13.99 3.86
N ALA C 24 -8.66 -13.80 3.53
CA ALA C 24 -8.16 -14.33 2.26
C ALA C 24 -8.32 -15.85 2.32
N ASN C 25 -8.56 -16.47 1.18
CA ASN C 25 -8.75 -17.92 1.15
C ASN C 25 -8.28 -18.44 -0.18
N LEU C 26 -7.28 -19.31 -0.15
CA LEU C 26 -6.64 -19.68 -1.39
C LEU C 26 -7.50 -20.59 -2.25
N THR C 27 -8.21 -21.53 -1.64
CA THR C 27 -9.07 -22.43 -2.40
C THR C 27 -10.18 -21.66 -3.11
N ALA C 28 -10.73 -20.64 -2.45
CA ALA C 28 -11.73 -19.74 -3.04
C ALA C 28 -11.12 -18.79 -4.06
N ARG C 29 -9.79 -18.77 -4.11
CA ARG C 29 -9.02 -17.82 -4.95
C ARG C 29 -9.34 -16.35 -4.61
N MET C 30 -9.48 -16.08 -3.31
CA MET C 30 -9.62 -14.73 -2.81
C MET C 30 -8.20 -14.29 -2.45
N GLN C 31 -7.60 -13.53 -3.36
CA GLN C 31 -6.22 -13.08 -3.19
C GLN C 31 -6.07 -12.14 -1.99
N PRO C 32 -5.00 -12.31 -1.19
CA PRO C 32 -4.80 -11.37 -0.07
C PRO C 32 -4.70 -9.95 -0.62
N ILE C 33 -4.97 -8.96 0.23
CA ILE C 33 -4.90 -7.54 -0.17
C ILE C 33 -4.38 -6.71 1.00
N SER C 34 -3.72 -5.58 0.73
CA SER C 34 -3.12 -4.79 1.84
C SER C 34 -4.20 -4.09 2.66
N HIS C 35 -5.24 -3.59 1.97
CA HIS C 35 -6.29 -2.81 2.62
C HIS C 35 -7.64 -3.52 2.53
N HIS C 36 -8.02 -4.15 3.63
CA HIS C 36 -9.37 -4.68 3.84
C HIS C 36 -10.37 -3.50 3.63
N LEU C 37 -11.61 -3.81 3.23
CA LEU C 37 -12.60 -2.75 3.10
C LEU C 37 -12.66 -1.80 4.31
N ALA C 38 -12.53 -2.36 5.51
CA ALA C 38 -12.66 -1.61 6.77
C ALA C 38 -11.32 -1.12 7.37
N HIS C 39 -10.28 -1.09 6.53
CA HIS C 39 -8.93 -0.74 6.98
C HIS C 39 -8.96 0.64 7.67
N PRO C 40 -8.20 0.79 8.77
CA PRO C 40 -8.28 2.02 9.59
C PRO C 40 -7.82 3.29 8.89
N ASP C 41 -7.16 3.21 7.73
CA ASP C 41 -6.69 4.42 7.09
C ASP C 41 -7.82 5.41 6.77
N THR C 42 -9.00 4.90 6.44
CA THR C 42 -10.12 5.77 6.10
C THR C 42 -10.43 6.73 7.23
N LYS C 43 -10.59 6.20 8.45
CA LYS C 43 -10.87 7.07 9.58
C LYS C 43 -9.64 7.89 10.02
N ARG C 44 -8.44 7.35 9.82
CA ARG C 44 -7.23 8.11 10.13
C ARG C 44 -7.14 9.34 9.21
N ARG C 45 -7.53 9.18 7.96
CA ARG C 45 -7.48 10.31 7.03
C ARG C 45 -8.48 11.41 7.44
N PHE C 46 -9.57 10.99 8.06
CA PHE C 46 -10.57 11.94 8.58
C PHE C 46 -9.91 12.74 9.73
N HIS C 47 -9.34 12.02 10.69
CA HIS C 47 -8.59 12.71 11.75
C HIS C 47 -7.53 13.66 11.21
N GLU C 48 -6.69 13.17 10.28
CA GLU C 48 -5.64 14.02 9.74
C GLU C 48 -6.20 15.26 9.08
N LEU C 49 -7.39 15.14 8.48
CA LEU C 49 -7.98 16.32 7.86
C LEU C 49 -8.53 17.27 8.92
N VAL C 50 -9.08 16.74 10.01
CA VAL C 50 -9.49 17.58 11.14
C VAL C 50 -8.28 18.44 11.59
N CYS C 51 -7.10 17.85 11.63
CA CYS C 51 -5.89 18.55 12.06
C CYS C 51 -5.41 19.50 10.99
N ALA C 52 -5.23 18.98 9.77
CA ALA C 52 -4.60 19.77 8.71
C ALA C 52 -5.48 20.94 8.27
N SER C 53 -6.80 20.81 8.39
CA SER C 53 -7.72 21.90 7.98
C SER C 53 -7.73 23.05 8.99
N GLY C 54 -7.10 22.84 10.14
CA GLY C 54 -7.16 23.81 11.24
C GLY C 54 -8.37 23.66 12.15
N GLN C 55 -9.28 22.71 11.85
CA GLN C 55 -10.49 22.54 12.68
C GLN C 55 -10.10 22.17 14.12
N ILE C 56 -9.00 21.44 14.27
CA ILE C 56 -8.53 21.03 15.58
C ILE C 56 -8.33 22.21 16.54
N GLU C 57 -8.04 23.37 15.99
CA GLU C 57 -7.80 24.56 16.79
C GLU C 57 -9.08 25.04 17.48
N HIS C 58 -10.22 24.58 16.98
CA HIS C 58 -11.51 25.00 17.46
C HIS C 58 -12.16 23.93 18.30
N LEU C 59 -11.40 22.86 18.55
CA LEU C 59 -11.89 21.70 19.29
C LEU C 59 -11.14 21.57 20.59
N THR C 60 -11.75 20.87 21.56
CA THR C 60 -11.11 20.53 22.83
C THR C 60 -10.77 19.03 22.79
N PRO C 61 -9.49 18.69 22.58
CA PRO C 61 -9.12 17.27 22.56
C PRO C 61 -9.38 16.60 23.90
N ILE C 62 -10.05 15.45 23.84
CA ILE C 62 -10.41 14.69 25.03
C ILE C 62 -9.74 13.32 24.89
N ALA C 63 -9.02 12.88 25.90
CA ALA C 63 -8.34 11.60 25.81
C ALA C 63 -9.36 10.48 26.05
N ALA C 64 -9.32 9.44 25.23
CA ALA C 64 -10.11 8.24 25.49
C ALA C 64 -9.64 7.60 26.80
N VAL C 65 -10.55 6.99 27.54
CA VAL C 65 -10.17 6.19 28.71
C VAL C 65 -10.67 4.79 28.41
N ALA C 66 -9.86 3.75 28.67
CA ALA C 66 -10.29 2.39 28.34
C ALA C 66 -11.57 2.02 29.11
N ALA C 67 -12.60 1.59 28.38
CA ALA C 67 -13.82 1.07 29.01
C ALA C 67 -13.47 -0.10 29.96
N THR C 68 -14.02 -0.03 31.17
CA THR C 68 -13.85 -1.14 32.11
C THR C 68 -14.77 -2.30 31.75
N ASP C 69 -14.49 -3.45 32.34
CA ASP C 69 -15.41 -4.57 32.22
C ASP C 69 -16.82 -4.15 32.61
N ALA C 70 -16.98 -3.45 33.74
CA ALA C 70 -18.29 -3.00 34.18
C ALA C 70 -19.01 -2.13 33.13
N ASP C 71 -18.27 -1.22 32.50
CA ASP C 71 -18.86 -0.37 31.42
C ASP C 71 -19.38 -1.24 30.29
N ILE C 72 -18.55 -2.17 29.84
CA ILE C 72 -18.92 -3.03 28.71
C ILE C 72 -20.13 -3.90 29.06
N LEU C 73 -20.15 -4.40 30.31
CA LEU C 73 -21.21 -5.30 30.75
C LEU C 73 -22.62 -4.65 30.91
N ARG C 74 -22.70 -3.33 30.83
CA ARG C 74 -24.00 -2.66 30.79
C ARG C 74 -24.69 -2.86 29.46
N ALA C 75 -23.89 -3.15 28.42
CA ALA C 75 -24.46 -3.45 27.10
C ALA C 75 -24.30 -4.89 26.65
N HIS C 76 -23.36 -5.62 27.22
CA HIS C 76 -23.00 -6.93 26.70
C HIS C 76 -22.97 -8.02 27.76
N SER C 77 -23.07 -9.25 27.28
CA SER C 77 -23.00 -10.43 28.14
C SER C 77 -21.56 -10.69 28.65
N ALA C 78 -21.47 -11.36 29.80
CA ALA C 78 -20.19 -11.78 30.31
C ALA C 78 -19.48 -12.74 29.33
N ALA C 79 -20.25 -13.61 28.66
CA ALA C 79 -19.68 -14.55 27.70
C ALA C 79 -19.04 -13.78 26.55
N HIS C 80 -19.72 -12.73 26.09
CA HIS C 80 -19.16 -11.96 24.98
C HIS C 80 -17.82 -11.32 25.37
N LEU C 81 -17.79 -10.65 26.51
CA LEU C 81 -16.56 -10.03 26.98
C LEU C 81 -15.43 -11.05 27.13
N GLU C 82 -15.75 -12.21 27.72
CA GLU C 82 -14.73 -13.23 27.90
C GLU C 82 -14.21 -13.75 26.56
N ASN C 83 -15.11 -13.89 25.60
CA ASN C 83 -14.72 -14.37 24.27
C ASN C 83 -13.78 -13.36 23.58
N MET C 84 -14.05 -12.07 23.76
CA MET C 84 -13.18 -11.05 23.17
C MET C 84 -11.81 -11.04 23.85
N LYS C 85 -11.78 -11.23 25.17
CA LYS C 85 -10.49 -11.38 25.83
C LYS C 85 -9.72 -12.57 25.24
N ARG C 86 -10.42 -13.67 25.02
CA ARG C 86 -9.82 -14.87 24.43
C ARG C 86 -9.18 -14.60 23.05
N VAL C 87 -9.96 -14.05 22.12
CA VAL C 87 -9.45 -13.75 20.79
C VAL C 87 -8.27 -12.76 20.83
N SER C 88 -8.39 -11.72 21.64
CA SER C 88 -7.34 -10.70 21.74
C SER C 88 -5.99 -11.31 22.18
N ASN C 89 -6.07 -12.37 22.99
CA ASN C 89 -4.87 -13.00 23.53
C ASN C 89 -4.19 -13.93 22.55
N LEU C 90 -4.85 -14.26 21.44
CA LEU C 90 -4.21 -15.12 20.40
C LEU C 90 -3.03 -14.39 19.72
N PRO C 91 -1.97 -15.12 19.30
CA PRO C 91 -0.78 -14.49 18.71
C PRO C 91 -1.04 -13.50 17.59
N THR C 92 -2.02 -13.79 16.73
CA THR C 92 -2.33 -12.88 15.63
C THR C 92 -3.79 -12.46 15.72
N GLY C 93 -4.36 -12.58 16.93
CA GLY C 93 -5.79 -12.35 17.11
C GLY C 93 -6.59 -13.32 16.25
N GLY C 94 -7.73 -12.88 15.76
CA GLY C 94 -8.55 -13.82 15.00
C GLY C 94 -9.93 -13.29 14.74
N ASP C 95 -10.69 -14.03 13.94
CA ASP C 95 -12.09 -13.67 13.71
C ASP C 95 -12.86 -13.83 15.01
N THR C 96 -13.84 -12.96 15.21
CA THR C 96 -14.57 -12.92 16.47
C THR C 96 -15.90 -13.66 16.42
N GLY C 97 -16.20 -14.32 15.30
CA GLY C 97 -17.44 -15.07 15.20
C GLY C 97 -18.16 -15.14 13.85
N ASP C 98 -18.36 -14.00 13.21
CA ASP C 98 -19.19 -13.95 12.00
C ASP C 98 -18.41 -14.06 10.67
N GLY C 99 -17.10 -14.24 10.75
CA GLY C 99 -16.25 -14.45 9.58
C GLY C 99 -15.82 -13.18 8.84
N ILE C 100 -16.35 -12.02 9.25
CA ILE C 100 -15.92 -10.75 8.62
C ILE C 100 -15.41 -9.75 9.65
N THR C 101 -15.24 -10.22 10.89
CA THR C 101 -14.91 -9.35 12.01
C THR C 101 -13.66 -9.79 12.75
N MET C 102 -12.55 -9.33 12.23
CA MET C 102 -11.26 -9.68 12.74
C MET C 102 -10.88 -8.75 13.87
N MET C 103 -10.22 -9.30 14.88
CA MET C 103 -9.57 -8.49 15.89
C MET C 103 -8.11 -8.92 15.95
N GLY C 104 -7.19 -7.96 15.98
CA GLY C 104 -5.77 -8.29 15.96
C GLY C 104 -5.32 -8.71 17.34
N ASN C 105 -4.09 -9.18 17.42
CA ASN C 105 -3.49 -9.41 18.73
C ASN C 105 -3.57 -8.14 19.58
N GLY C 106 -4.05 -8.31 20.80
CA GLY C 106 -4.18 -7.20 21.72
C GLY C 106 -5.30 -6.27 21.36
N GLY C 107 -6.12 -6.62 20.36
CA GLY C 107 -7.17 -5.73 19.82
C GLY C 107 -8.24 -5.33 20.81
N LEU C 108 -8.38 -6.11 21.87
CA LEU C 108 -9.32 -5.74 22.94
C LEU C 108 -8.97 -4.38 23.54
N GLU C 109 -7.68 -4.07 23.68
CA GLU C 109 -7.27 -2.76 24.17
C GLU C 109 -7.89 -1.64 23.32
N ILE C 110 -7.90 -1.83 22.00
CA ILE C 110 -8.42 -0.79 21.09
C ILE C 110 -9.96 -0.73 21.20
N ALA C 111 -10.59 -1.90 21.27
CA ALA C 111 -12.04 -1.96 21.45
C ALA C 111 -12.45 -1.25 22.75
N ARG C 112 -11.70 -1.47 23.83
CA ARG C 112 -11.98 -0.75 25.09
C ARG C 112 -11.81 0.75 24.93
N LEU C 113 -10.77 1.20 24.19
CA LEU C 113 -10.56 2.62 23.96
C LEU C 113 -11.60 3.27 23.04
N SER C 114 -12.12 2.46 22.12
CA SER C 114 -13.19 2.90 21.25
C SER C 114 -14.46 3.16 22.08
N ALA C 115 -14.88 2.18 22.87
CA ALA C 115 -16.09 2.35 23.68
C ALA C 115 -15.84 3.44 24.73
N GLY C 116 -14.64 3.44 25.33
CA GLY C 116 -14.23 4.41 26.38
C GLY C 116 -14.18 5.83 25.85
N GLY C 117 -13.86 5.99 24.57
CA GLY C 117 -13.91 7.33 23.94
C GLY C 117 -15.33 7.90 23.87
N ALA C 118 -16.27 7.06 23.47
CA ALA C 118 -17.68 7.41 23.53
C ALA C 118 -18.09 7.75 24.96
N VAL C 119 -17.71 6.93 25.92
CA VAL C 119 -18.13 7.17 27.31
C VAL C 119 -17.56 8.49 27.86
N GLU C 120 -16.28 8.69 27.63
CA GLU C 120 -15.58 9.85 28.19
C GLU C 120 -16.20 11.13 27.65
N LEU C 121 -16.48 11.17 26.35
CA LEU C 121 -17.14 12.33 25.78
C LEU C 121 -18.56 12.53 26.31
N THR C 122 -19.31 11.45 26.43
CA THR C 122 -20.63 11.47 27.02
C THR C 122 -20.60 12.06 28.44
N ARG C 123 -19.67 11.58 29.26
CA ARG C 123 -19.51 12.07 30.65
C ARG C 123 -19.33 13.59 30.69
N ARG C 124 -18.48 14.11 29.79
CA ARG C 124 -18.12 15.51 29.82
C ARG C 124 -19.17 16.42 29.22
N VAL C 125 -19.89 15.93 28.20
CA VAL C 125 -21.04 16.66 27.66
C VAL C 125 -22.19 16.70 28.67
N ALA C 126 -22.44 15.58 29.36
CA ALA C 126 -23.53 15.52 30.33
C ALA C 126 -23.32 16.42 31.55
N THR C 127 -22.08 16.58 31.97
CA THR C 127 -21.77 17.45 33.11
C THR C 127 -21.87 18.93 32.77
N GLY C 128 -21.89 19.26 31.47
CA GLY C 128 -21.81 20.64 31.03
C GLY C 128 -20.39 21.17 30.84
N GLU C 129 -19.38 20.33 31.10
CA GLU C 129 -17.99 20.69 30.79
C GLU C 129 -17.82 21.02 29.29
N LEU C 130 -18.46 20.22 28.44
CA LEU C 130 -18.48 20.46 27.00
C LEU C 130 -19.92 20.63 26.55
N SER C 131 -20.13 21.35 25.48
CA SER C 131 -21.48 21.48 24.97
C SER C 131 -21.89 20.31 24.07
N ALA C 132 -20.89 19.69 23.41
CA ALA C 132 -21.16 18.65 22.40
C ALA C 132 -19.80 18.08 22.05
N GLY C 133 -19.77 17.04 21.22
CA GLY C 133 -18.50 16.54 20.76
C GLY C 133 -18.62 15.47 19.70
N TYR C 134 -17.46 15.10 19.15
CA TYR C 134 -17.31 14.06 18.13
C TYR C 134 -16.22 13.10 18.58
N ALA C 135 -16.61 11.84 18.79
CA ALA C 135 -15.69 10.77 19.11
C ALA C 135 -15.41 9.98 17.82
N LEU C 136 -14.22 10.21 17.28
CA LEU C 136 -13.82 9.56 16.05
C LEU C 136 -13.17 8.24 16.43
N VAL C 137 -14.02 7.29 16.81
CA VAL C 137 -13.54 6.01 17.32
C VAL C 137 -13.43 4.96 16.22
N ASN C 138 -12.73 3.89 16.56
CA ASN C 138 -12.59 2.70 15.70
C ASN C 138 -12.01 1.63 16.64
N PRO C 139 -12.58 0.41 16.64
CA PRO C 139 -13.66 -0.15 15.79
C PRO C 139 -15.04 0.44 16.06
N PRO C 140 -15.97 0.30 15.10
CA PRO C 140 -17.35 0.77 15.22
C PRO C 140 -18.17 -0.16 16.10
N GLY C 141 -19.45 0.21 16.33
CA GLY C 141 -20.22 -0.47 17.38
C GLY C 141 -21.58 -1.03 17.06
N HIS C 142 -22.28 -0.42 16.10
CA HIS C 142 -23.74 -0.57 16.07
C HIS C 142 -24.31 -1.95 15.70
N HIS C 143 -23.51 -2.81 15.05
CA HIS C 143 -23.98 -4.16 14.73
C HIS C 143 -23.77 -5.16 15.86
N ALA C 144 -23.01 -4.80 16.90
CA ALA C 144 -22.76 -5.76 18.01
C ALA C 144 -23.97 -5.82 18.94
N PRO C 145 -24.64 -7.00 19.02
CA PRO C 145 -25.76 -7.13 19.95
C PRO C 145 -25.25 -7.52 21.31
N HIS C 146 -26.16 -7.88 22.22
CA HIS C 146 -25.76 -8.16 23.59
C HIS C 146 -24.66 -9.21 23.67
N ASN C 147 -24.80 -10.29 22.90
CA ASN C 147 -23.99 -11.48 23.08
C ASN C 147 -23.05 -11.80 21.93
N ALA C 148 -22.71 -10.84 21.08
CA ALA C 148 -21.78 -11.14 19.98
C ALA C 148 -21.12 -9.89 19.40
N ALA C 149 -20.02 -10.14 18.68
CA ALA C 149 -19.38 -9.18 17.80
C ALA C 149 -19.99 -9.48 16.41
N MET C 150 -20.08 -8.45 15.58
CA MET C 150 -20.69 -8.63 14.26
C MET C 150 -20.38 -7.44 13.39
N GLY C 151 -20.20 -7.68 12.09
CA GLY C 151 -20.17 -6.57 11.11
C GLY C 151 -19.11 -5.53 11.44
N PHE C 152 -17.90 -5.99 11.78
CA PHE C 152 -16.76 -5.12 12.13
C PHE C 152 -16.81 -4.53 13.53
N CYS C 153 -17.88 -4.84 14.27
CA CYS C 153 -18.10 -4.23 15.58
C CYS C 153 -17.81 -5.23 16.69
N ILE C 154 -16.94 -4.83 17.63
CA ILE C 154 -16.63 -5.66 18.81
C ILE C 154 -17.58 -5.39 19.98
N PHE C 155 -17.69 -4.12 20.36
CA PHE C 155 -18.63 -3.66 21.39
C PHE C 155 -19.47 -2.54 20.84
N ASN C 156 -20.70 -2.46 21.36
CA ASN C 156 -21.63 -1.46 20.88
C ASN C 156 -21.33 -0.15 21.59
N ASN C 157 -20.44 0.66 21.02
CA ASN C 157 -19.94 1.90 21.61
C ASN C 157 -21.04 2.82 22.07
N THR C 158 -22.02 3.04 21.19
CA THR C 158 -23.07 3.98 21.58
C THR C 158 -23.94 3.41 22.70
N SER C 159 -24.11 2.09 22.72
CA SER C 159 -24.88 1.47 23.81
C SER C 159 -24.12 1.46 25.13
N VAL C 160 -22.79 1.31 25.05
CA VAL C 160 -21.97 1.41 26.26
C VAL C 160 -22.10 2.80 26.85
N ALA C 161 -22.04 3.79 25.97
CA ALA C 161 -22.24 5.19 26.38
C ALA C 161 -23.62 5.45 26.93
N ALA C 162 -24.67 4.92 26.28
CA ALA C 162 -26.04 5.18 26.74
C ALA C 162 -26.25 4.48 28.07
N GLY C 163 -25.69 3.29 28.22
CA GLY C 163 -25.79 2.55 29.49
C GLY C 163 -25.11 3.32 30.61
N TYR C 164 -23.97 3.94 30.33
CA TYR C 164 -23.25 4.73 31.33
C TYR C 164 -24.10 5.95 31.70
N ALA C 165 -24.70 6.60 30.70
CA ALA C 165 -25.51 7.79 30.96
C ALA C 165 -26.72 7.44 31.85
N ARG C 166 -27.35 6.29 31.57
CA ARG C 166 -28.46 5.77 32.36
C ARG C 166 -27.99 5.38 33.77
N ALA C 167 -27.03 4.48 33.87
CA ALA C 167 -26.72 3.88 35.16
C ALA C 167 -25.83 4.73 36.07
N VAL C 168 -24.91 5.49 35.50
CA VAL C 168 -23.94 6.24 36.27
C VAL C 168 -24.37 7.69 36.41
N LEU C 169 -24.84 8.28 35.31
CA LEU C 169 -25.24 9.69 35.31
C LEU C 169 -26.69 9.91 35.70
N GLY C 170 -27.47 8.82 35.77
CA GLY C 170 -28.87 8.92 36.21
C GLY C 170 -29.81 9.59 35.23
N MET C 171 -29.48 9.57 33.95
CA MET C 171 -30.42 10.04 32.95
C MET C 171 -31.54 9.05 32.74
N GLU C 172 -32.75 9.56 32.55
CA GLU C 172 -33.91 8.71 32.43
C GLU C 172 -34.18 8.28 31.01
N ARG C 173 -33.83 9.17 30.07
CA ARG C 173 -34.12 8.97 28.66
C ARG C 173 -32.95 9.37 27.80
N VAL C 174 -32.49 8.44 26.97
CA VAL C 174 -31.39 8.72 26.01
C VAL C 174 -31.91 8.34 24.63
N ALA C 175 -31.51 9.09 23.60
CA ALA C 175 -31.84 8.68 22.20
C ALA C 175 -30.56 8.33 21.45
N ILE C 176 -30.60 7.24 20.66
CA ILE C 176 -29.46 6.89 19.80
C ILE C 176 -29.97 6.97 18.37
N LEU C 177 -29.46 7.93 17.60
CA LEU C 177 -29.85 8.09 16.21
C LEU C 177 -28.68 7.59 15.38
N ASP C 178 -28.97 6.59 14.57
CA ASP C 178 -27.92 5.88 13.84
C ASP C 178 -28.14 6.17 12.36
N TRP C 179 -27.27 7.00 11.76
CA TRP C 179 -27.41 7.24 10.31
C TRP C 179 -26.31 6.59 9.46
N ASP C 180 -25.52 5.72 10.07
CA ASP C 180 -24.72 4.75 9.30
C ASP C 180 -25.69 4.09 8.32
N VAL C 181 -25.23 3.82 7.10
CA VAL C 181 -26.12 3.26 6.05
C VAL C 181 -26.66 1.83 6.32
N HIS C 182 -26.07 1.14 7.29
CA HIS C 182 -26.47 -0.22 7.59
C HIS C 182 -27.34 -0.20 8.84
N HIS C 183 -28.19 -1.21 8.96
CA HIS C 183 -29.12 -1.26 10.10
C HIS C 183 -28.38 -1.44 11.43
N GLY C 184 -28.71 -0.60 12.42
CA GLY C 184 -28.09 -0.72 13.75
C GLY C 184 -28.75 -1.83 14.52
N ASN C 185 -28.54 -3.07 14.06
CA ASN C 185 -29.23 -4.25 14.65
C ASN C 185 -28.78 -4.50 16.09
N GLY C 186 -27.50 -4.23 16.38
CA GLY C 186 -26.97 -4.53 17.73
C GLY C 186 -27.66 -3.61 18.73
N THR C 187 -27.73 -2.34 18.37
CA THR C 187 -28.35 -1.32 19.23
C THR C 187 -29.85 -1.62 19.43
N GLN C 188 -30.53 -1.98 18.33
CA GLN C 188 -31.92 -2.39 18.39
C GLN C 188 -32.11 -3.56 19.37
N ASP C 189 -31.28 -4.59 19.25
CA ASP C 189 -31.33 -5.76 20.15
C ASP C 189 -31.13 -5.41 21.61
N ILE C 190 -30.10 -4.62 21.90
CA ILE C 190 -29.71 -4.33 23.30
C ILE C 190 -30.85 -3.64 24.04
N TRP C 191 -31.52 -2.71 23.37
CA TRP C 191 -32.53 -1.87 24.02
C TRP C 191 -33.96 -2.29 23.66
N TRP C 192 -34.12 -3.46 23.08
CA TRP C 192 -35.41 -3.89 22.48
C TRP C 192 -36.60 -3.76 23.45
N ASN C 193 -36.37 -4.18 24.71
CA ASN C 193 -37.45 -4.20 25.69
C ASN C 193 -37.47 -2.93 26.55
N ASP C 194 -36.67 -1.94 26.17
CA ASP C 194 -36.33 -0.81 27.06
C ASP C 194 -36.79 0.52 26.51
N PRO C 195 -37.75 1.17 27.16
CA PRO C 195 -38.20 2.47 26.65
C PRO C 195 -37.28 3.63 27.03
N SER C 196 -36.26 3.38 27.86
CA SER C 196 -35.41 4.44 28.37
C SER C 196 -34.28 4.80 27.39
N VAL C 197 -34.20 4.05 26.29
CA VAL C 197 -33.28 4.42 25.19
C VAL C 197 -34.05 4.28 23.88
N LEU C 198 -34.39 5.40 23.24
CA LEU C 198 -35.06 5.37 21.97
C LEU C 198 -33.98 5.09 20.94
N THR C 199 -34.20 4.06 20.14
CA THR C 199 -33.21 3.67 19.13
C THR C 199 -33.80 3.92 17.75
N ILE C 200 -33.12 4.71 16.92
CA ILE C 200 -33.63 5.06 15.57
C ILE C 200 -32.52 4.69 14.62
N SER C 201 -32.87 4.00 13.55
CA SER C 201 -31.89 3.68 12.51
C SER C 201 -32.44 4.07 11.15
N LEU C 202 -31.69 4.91 10.40
CA LEU C 202 -31.95 5.09 8.95
C LEU C 202 -30.97 4.16 8.25
N HIS C 203 -31.42 3.43 7.25
CA HIS C 203 -30.48 2.53 6.58
C HIS C 203 -30.99 2.18 5.20
N GLN C 204 -30.06 1.72 4.35
CA GLN C 204 -30.48 1.09 3.11
C GLN C 204 -31.14 -0.26 3.39
N HIS C 205 -32.32 -0.45 2.79
CA HIS C 205 -33.12 -1.64 3.05
C HIS C 205 -32.38 -2.94 2.80
N LEU C 206 -32.23 -3.73 3.87
CA LEU C 206 -31.62 -5.07 3.82
C LEU C 206 -30.19 -5.09 3.25
N CYS C 207 -29.45 -4.01 3.51
CA CYS C 207 -28.06 -3.93 3.06
C CYS C 207 -27.20 -4.80 4.00
N PHE C 208 -27.24 -4.49 5.29
CA PHE C 208 -26.63 -5.37 6.28
C PHE C 208 -27.22 -5.00 7.64
N PRO C 209 -27.65 -6.01 8.44
CA PRO C 209 -27.73 -7.44 8.14
C PRO C 209 -28.79 -7.71 7.08
N PRO C 210 -28.77 -8.90 6.51
CA PRO C 210 -29.73 -9.19 5.42
C PRO C 210 -31.18 -9.44 5.89
N ASP C 211 -31.40 -9.54 7.19
CA ASP C 211 -32.67 -10.08 7.72
C ASP C 211 -33.30 -9.16 8.75
N SER C 212 -32.88 -7.90 8.79
CA SER C 212 -33.38 -6.99 9.83
C SER C 212 -33.51 -5.58 9.32
N GLY C 213 -34.14 -4.74 10.14
CA GLY C 213 -34.27 -3.35 9.84
C GLY C 213 -35.65 -2.98 9.27
N TYR C 214 -36.57 -3.94 9.25
CA TYR C 214 -37.95 -3.63 8.81
C TYR C 214 -38.62 -2.62 9.75
N SER C 215 -39.55 -1.85 9.20
CA SER C 215 -40.28 -0.86 10.00
C SER C 215 -41.22 -1.50 11.02
N THR C 216 -41.50 -2.79 10.85
CA THR C 216 -42.37 -3.48 11.80
C THR C 216 -41.60 -3.89 13.06
N GLU C 217 -40.28 -3.69 13.09
CA GLU C 217 -39.49 -4.00 14.29
C GLU C 217 -39.56 -2.82 15.24
N ARG C 218 -40.42 -2.93 16.27
CA ARG C 218 -40.82 -1.74 17.04
C ARG C 218 -40.54 -1.79 18.53
N GLY C 219 -39.82 -2.82 18.95
CA GLY C 219 -39.55 -3.05 20.36
C GLY C 219 -40.59 -4.01 20.93
N ALA C 220 -40.44 -4.36 22.21
CA ALA C 220 -41.36 -5.30 22.86
C ALA C 220 -41.63 -4.88 24.29
N GLY C 221 -42.79 -5.29 24.80
CA GLY C 221 -43.12 -4.99 26.20
C GLY C 221 -43.12 -3.50 26.45
N ASN C 222 -42.46 -3.08 27.52
CA ASN C 222 -42.39 -1.66 27.81
C ASN C 222 -41.64 -0.85 26.75
N GLY C 223 -40.82 -1.55 25.96
CA GLY C 223 -40.07 -0.92 24.87
C GLY C 223 -40.85 -0.77 23.60
N HIS C 224 -42.09 -1.30 23.57
CA HIS C 224 -42.83 -1.21 22.31
C HIS C 224 -43.12 0.24 21.93
N GLY C 225 -42.70 0.60 20.71
CA GLY C 225 -42.82 1.96 20.22
C GLY C 225 -41.53 2.77 20.37
N TYR C 226 -40.50 2.16 20.97
CA TYR C 226 -39.26 2.90 21.24
C TYR C 226 -38.06 2.39 20.43
N ASN C 227 -38.36 1.72 19.32
CA ASN C 227 -37.38 1.43 18.29
C ASN C 227 -38.02 1.83 16.99
N ILE C 228 -37.32 2.63 16.18
CA ILE C 228 -37.88 3.06 14.90
C ILE C 228 -36.86 2.82 13.80
N ASN C 229 -37.22 1.99 12.82
CA ASN C 229 -36.39 1.72 11.63
C ASN C 229 -36.96 2.51 10.44
N VAL C 230 -36.05 3.15 9.69
CA VAL C 230 -36.46 3.82 8.47
C VAL C 230 -35.63 3.20 7.33
N PRO C 231 -36.06 2.04 6.80
CA PRO C 231 -35.38 1.48 5.63
C PRO C 231 -35.68 2.28 4.36
N LEU C 232 -34.62 2.64 3.66
CA LEU C 232 -34.68 3.44 2.44
C LEU C 232 -34.16 2.66 1.23
N PRO C 233 -34.70 2.96 0.03
CA PRO C 233 -34.29 2.24 -1.17
C PRO C 233 -32.85 2.61 -1.61
N PRO C 234 -32.12 1.65 -2.19
CA PRO C 234 -30.86 1.99 -2.84
C PRO C 234 -31.01 3.19 -3.78
N GLY C 235 -29.97 4.02 -3.85
CA GLY C 235 -29.99 5.20 -4.68
C GLY C 235 -30.56 6.44 -4.01
N SER C 236 -30.98 6.31 -2.76
CA SER C 236 -31.48 7.46 -1.98
C SER C 236 -30.35 8.42 -1.69
N GLY C 237 -30.63 9.71 -1.84
CA GLY C 237 -29.61 10.73 -1.56
C GLY C 237 -30.03 11.79 -0.56
N ASN C 238 -29.42 12.96 -0.68
CA ASN C 238 -29.70 14.09 0.23
C ASN C 238 -31.17 14.37 0.42
N ALA C 239 -31.96 14.30 -0.66
CA ALA C 239 -33.35 14.68 -0.50
C ALA C 239 -34.12 13.67 0.38
N ALA C 240 -33.87 12.39 0.12
CA ALA C 240 -34.51 11.33 0.91
C ALA C 240 -34.07 11.41 2.36
N TYR C 241 -32.78 11.59 2.59
CA TYR C 241 -32.26 11.59 3.98
C TYR C 241 -32.82 12.77 4.76
N LEU C 242 -32.85 13.94 4.14
CA LEU C 242 -33.38 15.13 4.82
C LEU C 242 -34.91 15.06 5.04
N HIS C 243 -35.62 14.46 4.09
CA HIS C 243 -37.06 14.23 4.25
C HIS C 243 -37.30 13.29 5.44
N ALA C 244 -36.50 12.21 5.54
CA ALA C 244 -36.55 11.27 6.69
C ALA C 244 -36.28 12.00 8.02
N MET C 245 -35.26 12.86 8.03
CA MET C 245 -34.95 13.65 9.25
C MET C 245 -36.16 14.49 9.63
N ASP C 246 -36.75 15.17 8.65
CA ASP C 246 -37.80 16.15 8.92
C ASP C 246 -39.15 15.52 9.29
N GLN C 247 -39.44 14.39 8.65
CA GLN C 247 -40.73 13.73 8.76
C GLN C 247 -40.76 12.73 9.90
N VAL C 248 -39.61 12.12 10.16
CA VAL C 248 -39.56 11.05 11.16
C VAL C 248 -38.62 11.33 12.32
N VAL C 249 -37.36 11.59 12.01
CA VAL C 249 -36.35 11.59 13.09
C VAL C 249 -36.57 12.73 14.09
N LEU C 250 -36.63 13.96 13.58
CA LEU C 250 -36.79 15.11 14.44
C LEU C 250 -38.12 15.09 15.22
N PRO C 251 -39.27 14.78 14.56
CA PRO C 251 -40.53 14.57 15.29
C PRO C 251 -40.41 13.51 16.40
N ALA C 252 -39.70 12.42 16.14
CA ALA C 252 -39.57 11.36 17.13
C ALA C 252 -38.77 11.88 18.34
N LEU C 253 -37.66 12.55 18.07
CA LEU C 253 -36.84 13.11 19.14
C LEU C 253 -37.66 14.10 19.99
N ARG C 254 -38.39 14.99 19.32
CA ARG C 254 -39.21 16.01 20.02
C ARG C 254 -40.28 15.35 20.90
N ALA C 255 -40.88 14.28 20.38
CA ALA C 255 -41.91 13.52 21.10
C ALA C 255 -41.31 12.80 22.30
N TYR C 256 -40.12 12.23 22.11
CA TYR C 256 -39.48 11.43 23.15
C TYR C 256 -38.84 12.24 24.29
N ARG C 257 -38.34 13.43 23.99
CA ARG C 257 -37.68 14.29 24.99
C ARG C 257 -36.50 13.61 25.68
N PRO C 258 -35.48 13.21 24.90
CA PRO C 258 -34.33 12.56 25.55
C PRO C 258 -33.55 13.59 26.33
N GLN C 259 -32.75 13.16 27.30
CA GLN C 259 -31.88 14.07 28.03
C GLN C 259 -30.49 14.18 27.41
N LEU C 260 -30.25 13.34 26.39
CA LEU C 260 -28.99 13.29 25.66
C LEU C 260 -29.30 12.63 24.34
N ILE C 261 -28.74 13.18 23.25
CA ILE C 261 -28.78 12.50 21.94
C ILE C 261 -27.37 11.99 21.62
N ILE C 262 -27.27 10.71 21.30
CA ILE C 262 -26.02 10.08 20.81
C ILE C 262 -26.29 9.78 19.34
N VAL C 263 -25.41 10.24 18.45
CA VAL C 263 -25.55 9.96 17.01
C VAL C 263 -24.51 8.93 16.61
N GLY C 264 -24.97 7.81 16.07
CA GLY C 264 -24.10 6.81 15.43
C GLY C 264 -23.82 7.36 14.06
N SER C 265 -22.67 8.03 13.95
CA SER C 265 -22.33 8.83 12.80
C SER C 265 -21.48 8.04 11.82
N GLY C 266 -22.13 7.35 10.89
CA GLY C 266 -21.37 6.72 9.81
C GLY C 266 -21.48 7.56 8.57
N PHE C 267 -20.52 7.38 7.65
CA PHE C 267 -20.54 8.13 6.38
C PHE C 267 -20.64 7.19 5.17
N ASP C 268 -21.07 5.94 5.42
CA ASP C 268 -21.17 4.96 4.36
C ASP C 268 -22.41 5.12 3.48
N ALA C 269 -23.27 6.10 3.80
CA ALA C 269 -24.33 6.48 2.87
C ALA C 269 -23.78 7.43 1.81
N SER C 270 -22.47 7.73 1.86
CA SER C 270 -21.93 8.72 0.90
C SER C 270 -21.96 8.20 -0.54
N MET C 271 -21.98 9.17 -1.46
CA MET C 271 -22.03 8.91 -2.89
C MET C 271 -20.93 7.99 -3.41
N LEU C 272 -19.82 7.89 -2.68
CA LEU C 272 -18.64 7.16 -3.17
C LEU C 272 -18.30 5.95 -2.32
N ASP C 273 -19.24 5.51 -1.46
CA ASP C 273 -18.92 4.37 -0.62
C ASP C 273 -19.07 3.04 -1.34
N PRO C 274 -18.11 2.12 -1.17
CA PRO C 274 -18.29 0.80 -1.79
C PRO C 274 -19.33 -0.11 -1.10
N LEU C 275 -19.60 0.12 0.18
CA LEU C 275 -20.44 -0.81 0.92
C LEU C 275 -21.93 -0.46 1.08
N ALA C 276 -22.37 0.51 0.28
CA ALA C 276 -23.78 0.78 0.11
C ALA C 276 -23.97 1.57 -1.17
N ARG C 277 -25.22 1.77 -1.51
CA ARG C 277 -25.63 2.30 -2.80
C ARG C 277 -26.33 3.65 -2.66
N MET C 278 -26.01 4.40 -1.62
CA MET C 278 -26.72 5.66 -1.38
C MET C 278 -25.91 6.85 -1.93
N MET C 279 -26.52 8.04 -1.92
CA MET C 279 -26.01 9.17 -2.71
C MET C 279 -25.81 10.41 -1.87
N VAL C 280 -25.60 10.24 -0.56
CA VAL C 280 -25.46 11.40 0.29
C VAL C 280 -24.12 12.07 0.01
N THR C 281 -24.10 13.40 -0.05
CA THR C 281 -22.85 14.13 -0.22
C THR C 281 -22.45 14.82 1.10
N ALA C 282 -21.25 15.40 1.14
CA ALA C 282 -20.81 16.08 2.38
C ALA C 282 -21.82 17.14 2.80
N ASP C 283 -22.38 17.84 1.83
CA ASP C 283 -23.39 18.86 2.17
C ASP C 283 -24.65 18.23 2.77
N GLY C 284 -25.02 17.03 2.31
CA GLY C 284 -26.11 16.28 2.95
C GLY C 284 -25.81 16.01 4.40
N PHE C 285 -24.63 15.44 4.66
CA PHE C 285 -24.28 15.15 6.07
C PHE C 285 -24.26 16.42 6.91
N ARG C 286 -23.76 17.50 6.32
CA ARG C 286 -23.74 18.81 6.93
C ARG C 286 -25.15 19.18 7.39
N GLN C 287 -26.11 19.07 6.47
CA GLN C 287 -27.50 19.43 6.80
C GLN C 287 -28.13 18.52 7.83
N MET C 288 -27.87 17.20 7.73
CA MET C 288 -28.29 16.27 8.79
C MET C 288 -27.75 16.64 10.17
N ALA C 289 -26.47 16.99 10.24
CA ALA C 289 -25.83 17.33 11.50
C ALA C 289 -26.44 18.62 12.03
N ARG C 290 -26.60 19.62 11.14
CA ARG C 290 -27.13 20.92 11.55
C ARG C 290 -28.52 20.73 12.15
N ARG C 291 -29.38 19.97 11.46
CA ARG C 291 -30.74 19.72 11.96
C ARG C 291 -30.76 19.05 13.33
N THR C 292 -29.87 18.06 13.51
CA THR C 292 -29.85 17.27 14.74
C THR C 292 -29.27 18.10 15.88
N ILE C 293 -28.23 18.89 15.62
CA ILE C 293 -27.62 19.72 16.67
C ILE C 293 -28.65 20.79 17.08
N ASP C 294 -29.36 21.35 16.12
CA ASP C 294 -30.36 22.38 16.45
C ASP C 294 -31.50 21.76 17.28
N CYS C 295 -31.89 20.54 16.94
CA CYS C 295 -32.88 19.81 17.73
C CYS C 295 -32.39 19.64 19.18
N ALA C 296 -31.14 19.21 19.34
CA ALA C 296 -30.59 19.08 20.67
C ALA C 296 -30.61 20.41 21.44
N ALA C 297 -30.27 21.51 20.75
CA ALA C 297 -30.35 22.85 21.33
C ALA C 297 -31.74 23.12 21.90
N ASP C 298 -32.77 22.76 21.13
CA ASP C 298 -34.20 22.95 21.47
C ASP C 298 -34.67 22.08 22.63
N ILE C 299 -34.22 20.82 22.70
CA ILE C 299 -34.88 19.87 23.63
C ILE C 299 -34.04 19.32 24.78
N CYS C 300 -32.72 19.31 24.64
CA CYS C 300 -31.88 18.78 25.72
C CYS C 300 -30.61 19.59 25.97
N ASP C 301 -30.76 20.92 26.01
CA ASP C 301 -29.67 21.84 26.34
C ASP C 301 -28.45 21.63 25.44
N GLY C 302 -28.68 21.23 24.19
CA GLY C 302 -27.60 21.03 23.20
C GLY C 302 -26.73 19.81 23.46
N ARG C 303 -27.17 18.92 24.34
CA ARG C 303 -26.33 17.75 24.71
C ARG C 303 -26.38 16.71 23.62
N ILE C 304 -25.34 16.72 22.79
CA ILE C 304 -25.29 15.80 21.66
C ILE C 304 -23.86 15.29 21.49
N VAL C 305 -23.76 13.99 21.27
CA VAL C 305 -22.45 13.33 21.14
C VAL C 305 -22.50 12.50 19.87
N PHE C 306 -21.65 12.87 18.89
CA PHE C 306 -21.45 12.06 17.69
C PHE C 306 -20.40 10.98 17.95
N VAL C 307 -20.67 9.75 17.51
CA VAL C 307 -19.74 8.65 17.68
C VAL C 307 -19.55 7.99 16.33
N GLN C 308 -18.31 7.93 15.85
CA GLN C 308 -18.06 7.37 14.50
C GLN C 308 -18.58 5.93 14.36
N GLU C 309 -19.32 5.66 13.28
CA GLU C 309 -19.67 4.28 12.91
C GLU C 309 -18.90 3.95 11.63
N GLY C 310 -19.58 3.49 10.59
CA GLY C 310 -18.88 3.09 9.36
C GLY C 310 -18.55 4.19 8.37
N GLY C 311 -18.15 3.76 7.17
CA GLY C 311 -17.68 4.68 6.14
C GLY C 311 -16.37 4.13 5.60
N TYR C 312 -16.34 4.00 4.28
CA TYR C 312 -15.35 3.11 3.63
C TYR C 312 -14.69 3.76 2.44
N SER C 313 -14.90 5.07 2.24
CA SER C 313 -14.16 5.82 1.19
C SER C 313 -13.00 6.63 1.80
N PRO C 314 -11.75 6.17 1.62
CA PRO C 314 -10.65 7.00 2.17
C PRO C 314 -10.52 8.35 1.45
N HIS C 315 -11.07 8.41 0.24
CA HIS C 315 -11.01 9.61 -0.55
C HIS C 315 -11.99 10.69 -0.06
N TYR C 316 -13.24 10.27 0.14
CA TYR C 316 -14.34 11.19 0.38
C TYR C 316 -14.79 11.27 1.84
N LEU C 317 -14.66 10.18 2.59
CA LEU C 317 -15.13 10.22 3.97
C LEU C 317 -14.52 11.38 4.77
N PRO C 318 -13.20 11.67 4.64
CA PRO C 318 -12.70 12.84 5.38
C PRO C 318 -13.51 14.12 5.19
N PHE C 319 -13.99 14.39 3.97
CA PHE C 319 -14.75 15.63 3.75
C PHE C 319 -16.16 15.58 4.27
N CYS C 320 -16.76 14.41 4.27
CA CYS C 320 -18.07 14.20 4.94
C CYS C 320 -17.95 14.43 6.44
N GLY C 321 -16.94 13.81 7.03
CA GLY C 321 -16.66 13.96 8.45
C GLY C 321 -16.37 15.40 8.81
N LEU C 322 -15.55 16.07 7.99
CA LEU C 322 -15.17 17.44 8.29
C LEU C 322 -16.43 18.29 8.29
N ALA C 323 -17.34 18.05 7.36
CA ALA C 323 -18.58 18.86 7.31
C ALA C 323 -19.36 18.79 8.60
N VAL C 324 -19.43 17.61 9.20
CA VAL C 324 -20.11 17.48 10.49
C VAL C 324 -19.34 18.25 11.56
N ILE C 325 -18.01 18.08 11.61
CA ILE C 325 -17.18 18.79 12.59
C ILE C 325 -17.39 20.32 12.48
N GLU C 326 -17.45 20.83 11.25
CA GLU C 326 -17.68 22.26 11.02
C GLU C 326 -19.04 22.72 11.56
N GLU C 327 -20.06 21.87 11.47
CA GLU C 327 -21.37 22.24 12.03
C GLU C 327 -21.34 22.29 13.55
N LEU C 328 -20.47 21.49 14.17
CA LEU C 328 -20.28 21.55 15.62
C LEU C 328 -19.56 22.83 16.05
N THR C 329 -18.47 23.18 15.36
CA THR C 329 -17.63 24.31 15.77
C THR C 329 -18.18 25.62 15.22
N GLY C 330 -18.97 25.53 14.16
CA GLY C 330 -19.45 26.71 13.47
C GLY C 330 -18.38 27.43 12.67
N VAL C 331 -17.23 26.80 12.45
CA VAL C 331 -16.15 27.39 11.67
C VAL C 331 -16.09 26.62 10.35
N ARG C 332 -16.47 27.27 9.25
CA ARG C 332 -16.68 26.59 7.96
C ARG C 332 -15.60 26.99 6.97
N SER C 333 -14.43 26.39 7.15
CA SER C 333 -13.16 26.88 6.63
C SER C 333 -12.52 26.06 5.48
N LEU C 334 -13.26 25.15 4.86
CA LEU C 334 -12.71 24.40 3.73
C LEU C 334 -13.84 23.90 2.83
N PRO C 335 -13.73 24.11 1.51
CA PRO C 335 -14.77 23.57 0.63
C PRO C 335 -14.67 22.05 0.49
N ASP C 336 -15.78 21.41 0.16
CA ASP C 336 -15.73 20.04 -0.34
C ASP C 336 -15.20 20.09 -1.77
N PRO C 337 -13.98 19.56 -2.01
CA PRO C 337 -13.43 19.69 -3.36
C PRO C 337 -14.14 18.83 -4.41
N TYR C 338 -14.94 17.87 -3.95
CA TYR C 338 -15.74 17.01 -4.84
C TYR C 338 -17.13 17.60 -5.14
N HIS C 339 -17.39 18.80 -4.64
CA HIS C 339 -18.74 19.38 -4.70
C HIS C 339 -19.35 19.31 -6.09
N GLU C 340 -18.64 19.81 -7.09
CA GLU C 340 -19.22 19.92 -8.41
C GLU C 340 -19.17 18.62 -9.20
N PHE C 341 -18.11 17.82 -8.99
CA PHE C 341 -18.01 16.47 -9.52
C PHE C 341 -19.27 15.67 -9.15
N LEU C 342 -19.70 15.79 -7.89
CA LEU C 342 -20.81 14.99 -7.38
C LEU C 342 -22.18 15.66 -7.64
N ALA C 343 -22.15 16.97 -7.88
CA ALA C 343 -23.37 17.80 -8.01
C ALA C 343 -24.38 17.30 -9.03
N GLY C 344 -23.88 16.81 -10.17
CA GLY C 344 -24.73 16.50 -11.31
C GLY C 344 -25.22 15.07 -11.28
N MET C 345 -24.77 14.29 -10.29
CA MET C 345 -25.08 12.86 -10.26
C MET C 345 -26.49 12.52 -9.77
N GLY C 346 -27.11 13.46 -9.06
CA GLY C 346 -28.46 13.23 -8.56
C GLY C 346 -28.52 12.90 -7.09
N GLY C 347 -29.69 12.46 -6.65
CA GLY C 347 -29.93 12.24 -5.24
C GLY C 347 -30.63 13.40 -4.58
N ASN C 348 -30.65 14.57 -5.23
CA ASN C 348 -31.20 15.79 -4.64
C ASN C 348 -32.67 16.06 -4.91
N THR C 349 -33.33 15.11 -5.57
CA THR C 349 -34.77 15.15 -5.80
C THR C 349 -35.40 13.98 -5.05
N LEU C 350 -36.45 14.28 -4.28
CA LEU C 350 -37.15 13.24 -3.52
C LEU C 350 -38.00 12.42 -4.48
N LEU C 351 -37.60 11.17 -4.71
CA LEU C 351 -38.36 10.31 -5.63
C LEU C 351 -39.60 9.76 -4.97
N ASP C 352 -40.61 9.42 -5.75
CA ASP C 352 -41.88 8.94 -5.19
C ASP C 352 -41.68 7.70 -4.32
N ALA C 353 -40.84 6.77 -4.75
CA ALA C 353 -40.58 5.56 -3.98
C ALA C 353 -39.87 5.87 -2.64
N GLU C 354 -39.01 6.88 -2.65
CA GLU C 354 -38.30 7.34 -1.43
C GLU C 354 -39.32 7.98 -0.48
N ARG C 355 -40.16 8.84 -1.06
CA ARG C 355 -41.22 9.50 -0.32
C ARG C 355 -42.15 8.48 0.30
N ALA C 356 -42.55 7.47 -0.45
CA ALA C 356 -43.44 6.43 0.08
C ALA C 356 -42.76 5.68 1.20
N ALA C 357 -41.47 5.37 1.03
CA ALA C 357 -40.79 4.59 2.05
C ALA C 357 -40.79 5.33 3.40
N ILE C 358 -40.67 6.65 3.34
CA ILE C 358 -40.58 7.45 4.54
C ILE C 358 -41.98 7.65 5.14
N GLU C 359 -42.98 7.82 4.27
CA GLU C 359 -44.36 8.03 4.74
C GLU C 359 -44.92 6.84 5.53
N GLU C 360 -44.47 5.64 5.20
CA GLU C 360 -44.83 4.40 5.92
C GLU C 360 -44.47 4.47 7.40
N ILE C 361 -43.50 5.32 7.76
CA ILE C 361 -42.99 5.34 9.14
C ILE C 361 -43.71 6.38 10.01
N VAL C 362 -44.24 7.39 9.35
CA VAL C 362 -44.88 8.50 10.09
C VAL C 362 -45.90 8.01 11.15
N PRO C 363 -46.77 7.03 10.80
CA PRO C 363 -47.72 6.55 11.80
C PRO C 363 -47.08 6.09 13.11
N LEU C 364 -45.81 5.64 13.07
CA LEU C 364 -45.17 5.12 14.31
C LEU C 364 -44.93 6.17 15.40
N LEU C 365 -44.92 7.42 14.97
CA LEU C 365 -44.64 8.53 15.85
C LEU C 365 -45.69 8.62 16.95
N ALA C 366 -46.89 8.12 16.62
CA ALA C 366 -48.01 8.27 17.55
C ALA C 366 -47.83 7.44 18.80
N ASP C 367 -46.98 6.43 18.77
CA ASP C 367 -46.75 5.55 19.94
C ASP C 367 -45.64 5.99 20.88
N ILE C 368 -45.01 7.12 20.58
CA ILE C 368 -43.93 7.62 21.43
C ILE C 368 -44.55 8.45 22.55
N ALA D 2 -11.37 -21.63 -30.01
CA ALA D 2 -10.26 -20.82 -29.48
C ALA D 2 -10.68 -19.42 -29.06
N ILE D 3 -10.43 -19.15 -27.79
CA ILE D 3 -10.78 -17.88 -27.19
C ILE D 3 -9.51 -17.08 -26.87
N GLY D 4 -9.33 -15.94 -27.50
CA GLY D 4 -8.14 -15.16 -27.27
C GLY D 4 -8.21 -14.40 -25.95
N TYR D 5 -7.02 -14.10 -25.39
CA TYR D 5 -6.95 -13.35 -24.15
C TYR D 5 -5.70 -12.47 -24.21
N VAL D 6 -5.88 -11.18 -23.96
CA VAL D 6 -4.79 -10.22 -24.00
C VAL D 6 -4.58 -9.63 -22.61
N TRP D 7 -3.38 -9.85 -22.08
CA TRP D 7 -2.89 -9.06 -20.95
C TRP D 7 -1.48 -8.65 -21.32
N ASN D 8 -1.09 -7.44 -20.97
CA ASN D 8 0.29 -7.06 -21.16
C ASN D 8 0.74 -6.56 -19.80
N THR D 9 1.95 -6.96 -19.39
CA THR D 9 2.49 -6.49 -18.10
C THR D 9 2.31 -5.01 -17.86
N LEU D 10 2.51 -4.19 -18.92
CA LEU D 10 2.47 -2.75 -18.77
C LEU D 10 1.08 -2.19 -18.41
N TYR D 11 0.04 -2.95 -18.72
CA TYR D 11 -1.33 -2.55 -18.30
C TYR D 11 -1.39 -2.37 -16.79
N GLY D 12 -0.54 -3.13 -16.08
CA GLY D 12 -0.43 -3.06 -14.63
C GLY D 12 0.48 -1.97 -14.10
N TRP D 13 1.15 -1.27 -15.02
CA TRP D 13 2.17 -0.26 -14.67
C TRP D 13 1.67 1.18 -14.92
N VAL D 14 0.40 1.33 -15.29
CA VAL D 14 -0.16 2.65 -15.53
C VAL D 14 0.06 3.47 -14.28
N ASP D 15 0.59 4.68 -14.46
CA ASP D 15 0.83 5.55 -13.33
C ASP D 15 -0.32 6.52 -13.18
N THR D 16 -1.15 6.27 -12.16
CA THR D 16 -2.31 7.09 -11.87
C THR D 16 -1.96 8.21 -10.89
N GLY D 17 -0.69 8.34 -10.51
CA GLY D 17 -0.27 9.52 -9.75
C GLY D 17 -0.44 9.31 -8.27
N THR D 18 -0.65 10.38 -7.51
CA THR D 18 -0.77 10.26 -6.05
C THR D 18 -2.06 10.88 -5.51
N GLY D 19 -2.99 11.23 -6.39
CA GLY D 19 -4.30 11.71 -5.99
C GLY D 19 -5.34 10.59 -5.85
N SER D 20 -6.53 10.96 -5.39
CA SER D 20 -7.68 10.04 -5.28
C SER D 20 -8.48 9.93 -6.59
N LEU D 21 -8.56 11.06 -7.29
CA LEU D 21 -9.40 11.18 -8.47
C LEU D 21 -8.75 12.29 -9.30
N ALA D 22 -8.88 13.54 -8.85
CA ALA D 22 -7.96 14.60 -9.26
C ALA D 22 -6.62 14.42 -8.52
N ALA D 23 -5.64 15.26 -8.85
CA ALA D 23 -4.33 15.20 -8.20
C ALA D 23 -4.48 15.51 -6.72
N ALA D 24 -3.54 15.06 -5.90
CA ALA D 24 -3.41 15.57 -4.53
C ALA D 24 -3.21 17.09 -4.61
N ASN D 25 -3.73 17.82 -3.62
CA ASN D 25 -3.61 19.29 -3.66
C ASN D 25 -3.58 19.78 -2.25
N LEU D 26 -2.49 20.44 -1.89
CA LEU D 26 -2.31 20.74 -0.48
C LEU D 26 -3.23 21.85 -0.01
N THR D 27 -3.46 22.89 -0.83
CA THR D 27 -4.37 23.96 -0.38
C THR D 27 -5.81 23.48 -0.18
N ALA D 28 -6.26 22.56 -1.04
CA ALA D 28 -7.55 21.90 -0.90
C ALA D 28 -7.59 20.89 0.26
N ARG D 29 -6.40 20.59 0.79
CA ARG D 29 -6.23 19.55 1.83
C ARG D 29 -6.71 18.17 1.36
N MET D 30 -6.40 17.88 0.10
CA MET D 30 -6.60 16.56 -0.45
C MET D 30 -5.29 15.81 -0.27
N GLN D 31 -5.27 14.98 0.76
CA GLN D 31 -4.08 14.25 1.14
C GLN D 31 -3.66 13.22 0.07
N PRO D 32 -2.36 13.10 -0.21
CA PRO D 32 -1.93 12.04 -1.15
C PRO D 32 -2.36 10.66 -0.66
N ILE D 33 -2.46 9.73 -1.59
CA ILE D 33 -2.89 8.37 -1.25
C ILE D 33 -2.16 7.39 -2.17
N SER D 34 -1.82 6.20 -1.64
CA SER D 34 -1.06 5.25 -2.45
C SER D 34 -1.85 4.79 -3.68
N HIS D 35 -3.15 4.56 -3.51
CA HIS D 35 -4.01 4.01 -4.57
C HIS D 35 -5.14 4.97 -5.00
N HIS D 36 -4.93 5.59 -6.15
CA HIS D 36 -5.96 6.37 -6.82
C HIS D 36 -7.16 5.44 -7.09
N LEU D 37 -8.36 6.00 -7.16
CA LEU D 37 -9.52 5.18 -7.51
C LEU D 37 -9.30 4.20 -8.69
N ALA D 38 -8.58 4.66 -9.71
CA ALA D 38 -8.33 3.91 -10.97
C ALA D 38 -6.98 3.19 -11.00
N HIS D 39 -6.40 2.99 -9.82
CA HIS D 39 -5.11 2.33 -9.71
C HIS D 39 -5.12 0.98 -10.45
N PRO D 40 -4.01 0.62 -11.15
CA PRO D 40 -4.06 -0.58 -12.01
C PRO D 40 -4.21 -1.91 -11.25
N ASP D 41 -4.05 -1.91 -9.92
CA ASP D 41 -4.16 -3.18 -9.19
C ASP D 41 -5.50 -3.89 -9.37
N THR D 42 -6.58 -3.11 -9.54
CA THR D 42 -7.90 -3.71 -9.67
C THR D 42 -7.90 -4.64 -10.89
N LYS D 43 -7.45 -4.11 -12.03
CA LYS D 43 -7.44 -4.93 -13.23
C LYS D 43 -6.35 -6.02 -13.19
N ARG D 44 -5.24 -5.72 -12.53
CA ARG D 44 -4.22 -6.75 -12.39
C ARG D 44 -4.75 -7.92 -11.55
N ARG D 45 -5.51 -7.64 -10.48
CA ARG D 45 -6.12 -8.74 -9.71
C ARG D 45 -7.06 -9.63 -10.52
N PHE D 46 -7.73 -9.00 -11.50
CA PHE D 46 -8.60 -9.75 -12.39
C PHE D 46 -7.70 -10.70 -13.26
N HIS D 47 -6.65 -10.15 -13.89
CA HIS D 47 -5.72 -10.98 -14.67
C HIS D 47 -5.19 -12.14 -13.80
N GLU D 48 -4.75 -11.82 -12.59
CA GLU D 48 -4.16 -12.86 -11.75
C GLU D 48 -5.18 -13.94 -11.40
N LEU D 49 -6.45 -13.56 -11.24
CA LEU D 49 -7.49 -14.54 -11.03
C LEU D 49 -7.74 -15.40 -12.27
N VAL D 50 -7.67 -14.79 -13.45
CA VAL D 50 -7.77 -15.56 -14.67
C VAL D 50 -6.70 -16.66 -14.70
N CYS D 51 -5.49 -16.33 -14.26
CA CYS D 51 -4.41 -17.31 -14.19
C CYS D 51 -4.61 -18.32 -13.05
N ALA D 52 -4.87 -17.82 -11.84
CA ALA D 52 -4.88 -18.68 -10.66
C ALA D 52 -6.07 -19.63 -10.63
N SER D 53 -7.17 -19.21 -11.27
CA SER D 53 -8.38 -20.04 -11.36
C SER D 53 -8.19 -21.19 -12.34
N GLY D 54 -7.14 -21.11 -13.16
CA GLY D 54 -6.89 -22.07 -14.23
C GLY D 54 -7.64 -21.76 -15.53
N GLN D 55 -8.41 -20.67 -15.56
CA GLN D 55 -9.06 -20.28 -16.85
C GLN D 55 -8.01 -20.06 -17.92
N ILE D 56 -6.82 -19.60 -17.52
CA ILE D 56 -5.80 -19.28 -18.53
C ILE D 56 -5.48 -20.52 -19.38
N GLU D 57 -5.67 -21.71 -18.82
CA GLU D 57 -5.38 -22.97 -19.53
C GLU D 57 -6.34 -23.21 -20.67
N HIS D 58 -7.50 -22.53 -20.63
CA HIS D 58 -8.55 -22.72 -21.63
C HIS D 58 -8.56 -21.56 -22.62
N LEU D 59 -7.58 -20.67 -22.47
CA LEU D 59 -7.44 -19.46 -23.29
C LEU D 59 -6.22 -19.52 -24.18
N THR D 60 -6.27 -18.76 -25.28
CA THR D 60 -5.14 -18.63 -26.15
C THR D 60 -4.53 -17.27 -25.91
N PRO D 61 -3.37 -17.20 -25.20
CA PRO D 61 -2.77 -15.86 -25.01
C PRO D 61 -2.36 -15.16 -26.31
N ILE D 62 -2.76 -13.90 -26.44
CA ILE D 62 -2.49 -13.08 -27.63
C ILE D 62 -1.65 -11.89 -27.17
N ALA D 63 -0.49 -11.68 -27.81
CA ALA D 63 0.32 -10.51 -27.51
C ALA D 63 -0.28 -9.22 -28.06
N ALA D 64 -0.34 -8.19 -27.22
CA ALA D 64 -0.71 -6.86 -27.69
C ALA D 64 0.37 -6.36 -28.66
N VAL D 65 -0.04 -5.62 -29.67
CA VAL D 65 0.93 -4.93 -30.51
C VAL D 65 0.65 -3.42 -30.33
N ALA D 66 1.68 -2.59 -30.30
CA ALA D 66 1.44 -1.15 -30.10
C ALA D 66 0.64 -0.56 -31.27
N ALA D 67 -0.46 0.12 -30.98
CA ALA D 67 -1.24 0.75 -32.06
C ALA D 67 -0.37 1.79 -32.73
N THR D 68 -0.46 1.87 -34.05
CA THR D 68 0.32 2.87 -34.76
C THR D 68 -0.36 4.22 -34.74
N ASP D 69 0.37 5.25 -35.17
CA ASP D 69 -0.25 6.55 -35.37
C ASP D 69 -1.43 6.40 -36.31
N ALA D 70 -1.28 5.65 -37.42
CA ALA D 70 -2.41 5.45 -38.36
C ALA D 70 -3.63 4.82 -37.70
N ASP D 71 -3.40 3.85 -36.80
CA ASP D 71 -4.50 3.17 -36.11
C ASP D 71 -5.23 4.18 -35.22
N ILE D 72 -4.47 4.99 -34.49
CA ILE D 72 -5.08 5.94 -33.56
C ILE D 72 -5.85 7.00 -34.31
N LEU D 73 -5.30 7.39 -35.46
CA LEU D 73 -5.90 8.45 -36.24
C LEU D 73 -7.22 8.07 -36.91
N ARG D 74 -7.55 6.78 -36.94
CA ARG D 74 -8.89 6.37 -37.39
C ARG D 74 -9.98 6.79 -36.42
N ALA D 75 -9.61 7.04 -35.16
CA ALA D 75 -10.56 7.41 -34.10
C ALA D 75 -10.35 8.80 -33.55
N HIS D 76 -9.13 9.33 -33.70
CA HIS D 76 -8.73 10.56 -33.01
C HIS D 76 -8.10 11.58 -33.92
N SER D 77 -8.13 12.82 -33.47
CA SER D 77 -7.50 13.93 -34.20
C SER D 77 -5.98 13.89 -34.07
N ALA D 78 -5.31 14.47 -35.06
CA ALA D 78 -3.86 14.58 -35.04
C ALA D 78 -3.40 15.41 -33.83
N ALA D 79 -4.16 16.46 -33.49
CA ALA D 79 -3.85 17.32 -32.34
C ALA D 79 -3.87 16.53 -31.04
N HIS D 80 -4.84 15.62 -30.89
CA HIS D 80 -4.93 14.82 -29.67
C HIS D 80 -3.73 13.88 -29.54
N LEU D 81 -3.41 13.19 -30.63
CA LEU D 81 -2.26 12.30 -30.63
C LEU D 81 -1.00 13.07 -30.25
N GLU D 82 -0.80 14.24 -30.87
CA GLU D 82 0.41 15.02 -30.54
C GLU D 82 0.45 15.48 -29.08
N ASN D 83 -0.71 15.86 -28.55
CA ASN D 83 -0.80 16.26 -27.18
C ASN D 83 -0.41 15.08 -26.24
N MET D 84 -0.81 13.89 -26.60
CA MET D 84 -0.49 12.70 -25.76
C MET D 84 1.00 12.40 -25.82
N LYS D 85 1.60 12.54 -27.01
CA LYS D 85 3.06 12.42 -27.11
C LYS D 85 3.74 13.46 -26.19
N ARG D 86 3.24 14.69 -26.20
CA ARG D 86 3.83 15.76 -25.39
C ARG D 86 3.80 15.41 -23.90
N VAL D 87 2.64 15.02 -23.39
CA VAL D 87 2.48 14.74 -21.94
C VAL D 87 3.33 13.52 -21.54
N SER D 88 3.36 12.52 -22.42
CA SER D 88 4.12 11.29 -22.14
C SER D 88 5.62 11.56 -21.99
N ASN D 89 6.09 12.59 -22.71
CA ASN D 89 7.51 12.99 -22.67
C ASN D 89 7.92 13.72 -21.40
N LEU D 90 6.95 14.19 -20.62
CA LEU D 90 7.25 14.91 -19.39
C LEU D 90 7.90 13.98 -18.35
N PRO D 91 8.81 14.51 -17.53
CA PRO D 91 9.57 13.66 -16.58
C PRO D 91 8.71 12.78 -15.68
N THR D 92 7.58 13.30 -15.18
CA THR D 92 6.67 12.47 -14.40
C THR D 92 5.30 12.36 -15.06
N GLY D 93 5.27 12.67 -16.35
CA GLY D 93 4.02 12.69 -17.11
C GLY D 93 3.17 13.87 -16.65
N GLY D 94 1.86 13.67 -16.62
CA GLY D 94 0.97 14.72 -16.11
C GLY D 94 -0.47 14.55 -16.55
N ASP D 95 -1.33 15.46 -16.09
CA ASP D 95 -2.73 15.45 -16.50
C ASP D 95 -2.86 15.70 -17.99
N THR D 96 -3.85 15.05 -18.58
CA THR D 96 -3.99 15.09 -20.04
C THR D 96 -5.01 16.10 -20.52
N GLY D 97 -5.66 16.80 -19.59
CA GLY D 97 -6.61 17.85 -19.99
C GLY D 97 -7.75 18.10 -19.05
N ASP D 98 -8.37 17.04 -18.52
CA ASP D 98 -9.62 17.19 -17.77
C ASP D 98 -9.49 17.25 -16.24
N GLY D 99 -8.25 17.21 -15.74
CA GLY D 99 -8.03 17.29 -14.30
C GLY D 99 -8.13 15.97 -13.55
N ILE D 100 -8.64 14.92 -14.20
CA ILE D 100 -8.74 13.60 -13.53
C ILE D 100 -8.08 12.48 -14.32
N THR D 101 -7.33 12.83 -15.37
CA THR D 101 -6.77 11.82 -16.29
C THR D 101 -5.25 11.96 -16.38
N MET D 102 -4.57 11.36 -15.40
CA MET D 102 -3.12 11.35 -15.29
C MET D 102 -2.55 10.33 -16.27
N MET D 103 -1.43 10.71 -16.91
CA MET D 103 -0.64 9.74 -17.66
C MET D 103 0.80 9.83 -17.16
N GLY D 104 1.40 8.69 -16.83
CA GLY D 104 2.79 8.65 -16.37
C GLY D 104 3.81 8.98 -17.42
N ASN D 105 5.04 9.16 -16.99
CA ASN D 105 6.15 9.25 -17.91
C ASN D 105 6.16 8.02 -18.81
N GLY D 106 6.19 8.24 -20.14
CA GLY D 106 6.21 7.15 -21.10
C GLY D 106 4.87 6.46 -21.30
N GLY D 107 3.81 7.00 -20.67
CA GLY D 107 2.52 6.34 -20.62
C GLY D 107 1.82 6.19 -21.97
N LEU D 108 2.26 6.99 -22.95
CA LEU D 108 1.76 6.78 -24.31
C LEU D 108 2.05 5.36 -24.79
N GLU D 109 3.20 4.81 -24.40
CA GLU D 109 3.52 3.45 -24.77
C GLU D 109 2.40 2.50 -24.27
N ILE D 110 1.92 2.71 -23.03
CA ILE D 110 0.90 1.82 -22.51
C ILE D 110 -0.43 2.10 -23.24
N ALA D 111 -0.75 3.39 -23.47
CA ALA D 111 -1.98 3.70 -24.21
C ALA D 111 -1.96 3.04 -25.61
N ARG D 112 -0.82 3.05 -26.28
CA ARG D 112 -0.71 2.33 -27.57
C ARG D 112 -0.97 0.83 -27.46
N LEU D 113 -0.39 0.21 -26.42
CA LEU D 113 -0.57 -1.22 -26.20
C LEU D 113 -2.00 -1.57 -25.81
N SER D 114 -2.69 -0.64 -25.15
CA SER D 114 -4.07 -0.89 -24.76
C SER D 114 -4.97 -0.91 -26.00
N ALA D 115 -4.84 0.12 -26.85
CA ALA D 115 -5.61 0.19 -28.08
C ALA D 115 -5.18 -0.95 -29.00
N GLY D 116 -3.88 -1.23 -29.04
CA GLY D 116 -3.31 -2.30 -29.87
C GLY D 116 -3.74 -3.68 -29.44
N GLY D 117 -3.94 -3.89 -28.13
CA GLY D 117 -4.52 -5.15 -27.62
C GLY D 117 -5.92 -5.42 -28.16
N ALA D 118 -6.75 -4.38 -28.20
CA ALA D 118 -8.08 -4.47 -28.79
C ALA D 118 -7.97 -4.74 -30.30
N VAL D 119 -7.07 -4.03 -30.98
CA VAL D 119 -6.90 -4.25 -32.41
C VAL D 119 -6.41 -5.65 -32.73
N GLU D 120 -5.38 -6.11 -32.03
CA GLU D 120 -4.81 -7.42 -32.31
C GLU D 120 -5.84 -8.53 -32.12
N LEU D 121 -6.68 -8.40 -31.10
CA LEU D 121 -7.66 -9.44 -30.82
C LEU D 121 -8.75 -9.39 -31.92
N THR D 122 -9.13 -8.19 -32.29
CA THR D 122 -10.10 -8.00 -33.36
C THR D 122 -9.62 -8.61 -34.67
N ARG D 123 -8.35 -8.37 -35.01
CA ARG D 123 -7.76 -8.95 -36.21
C ARG D 123 -7.87 -10.46 -36.21
N ARG D 124 -7.50 -11.09 -35.10
CA ARG D 124 -7.43 -12.54 -35.07
C ARG D 124 -8.81 -13.20 -34.99
N VAL D 125 -9.79 -12.51 -34.41
CA VAL D 125 -11.15 -13.03 -34.39
C VAL D 125 -11.74 -12.94 -35.82
N ALA D 126 -11.49 -11.82 -36.49
CA ALA D 126 -11.93 -11.63 -37.89
C ALA D 126 -11.28 -12.60 -38.88
N THR D 127 -10.03 -12.96 -38.67
CA THR D 127 -9.37 -13.91 -39.58
C THR D 127 -9.98 -15.31 -39.44
N GLY D 128 -10.66 -15.55 -38.33
CA GLY D 128 -11.19 -16.87 -38.01
C GLY D 128 -10.20 -17.71 -37.22
N GLU D 129 -9.04 -17.15 -36.90
CA GLU D 129 -8.06 -17.85 -36.07
C GLU D 129 -8.62 -18.08 -34.68
N LEU D 130 -9.35 -17.10 -34.17
CA LEU D 130 -10.02 -17.19 -32.87
C LEU D 130 -11.50 -17.02 -33.08
N SER D 131 -12.30 -17.64 -32.21
CA SER D 131 -13.74 -17.45 -32.28
C SER D 131 -14.22 -16.19 -31.56
N ALA D 132 -13.49 -15.77 -30.52
CA ALA D 132 -13.92 -14.64 -29.69
C ALA D 132 -12.73 -14.37 -28.76
N GLY D 133 -12.84 -13.34 -27.94
CA GLY D 133 -11.74 -13.06 -27.02
C GLY D 133 -12.08 -12.00 -25.99
N TYR D 134 -11.18 -11.89 -25.00
CA TYR D 134 -11.24 -10.81 -24.00
C TYR D 134 -9.90 -10.07 -23.93
N ALA D 135 -9.89 -8.76 -24.17
CA ALA D 135 -8.66 -7.96 -24.10
C ALA D 135 -8.76 -7.21 -22.78
N LEU D 136 -7.95 -7.66 -21.80
CA LEU D 136 -7.99 -7.05 -20.48
C LEU D 136 -7.02 -5.88 -20.46
N VAL D 137 -7.40 -4.81 -21.12
CA VAL D 137 -6.52 -3.68 -21.35
C VAL D 137 -6.66 -2.61 -20.28
N ASN D 138 -5.68 -1.71 -20.26
CA ASN D 138 -5.66 -0.56 -19.35
C ASN D 138 -4.55 0.32 -19.93
N PRO D 139 -4.79 1.64 -20.07
CA PRO D 139 -5.96 2.46 -19.69
C PRO D 139 -7.22 2.17 -20.53
N PRO D 140 -8.38 2.55 -19.98
CA PRO D 140 -9.69 2.33 -20.64
C PRO D 140 -9.88 3.32 -21.77
N GLY D 141 -11.01 3.21 -22.47
CA GLY D 141 -11.16 4.09 -23.64
C GLY D 141 -12.42 4.90 -23.85
N HIS D 142 -13.54 4.46 -23.31
CA HIS D 142 -14.83 4.90 -23.89
C HIS D 142 -15.19 6.37 -23.67
N HIS D 143 -14.49 7.06 -22.75
CA HIS D 143 -14.75 8.47 -22.50
C HIS D 143 -13.97 9.38 -23.44
N ALA D 144 -12.99 8.84 -24.15
CA ALA D 144 -12.12 9.68 -24.98
C ALA D 144 -12.86 9.96 -26.30
N PRO D 145 -13.21 11.23 -26.53
CA PRO D 145 -13.86 11.55 -27.81
C PRO D 145 -12.79 11.76 -28.89
N HIS D 146 -13.21 12.18 -30.07
CA HIS D 146 -12.25 12.37 -31.15
C HIS D 146 -11.02 13.22 -30.80
N ASN D 147 -11.24 14.34 -30.10
CA ASN D 147 -10.21 15.36 -29.89
C ASN D 147 -9.68 15.54 -28.47
N ALA D 148 -9.89 14.55 -27.61
CA ALA D 148 -9.41 14.68 -26.23
C ALA D 148 -9.25 13.36 -25.50
N ALA D 149 -8.48 13.43 -24.42
CA ALA D 149 -8.48 12.40 -23.36
C ALA D 149 -9.50 12.82 -22.31
N MET D 150 -10.13 11.86 -21.64
CA MET D 150 -11.17 12.23 -20.68
C MET D 150 -11.47 11.03 -19.79
N GLY D 151 -11.79 11.26 -18.51
CA GLY D 151 -12.37 10.19 -17.67
C GLY D 151 -11.50 8.94 -17.58
N PHE D 152 -10.20 9.16 -17.34
CA PHE D 152 -9.18 8.10 -17.28
C PHE D 152 -8.79 7.50 -18.64
N CYS D 153 -9.42 7.96 -19.72
CA CYS D 153 -9.18 7.35 -21.02
C CYS D 153 -8.32 8.23 -21.90
N ILE D 154 -7.29 7.63 -22.50
CA ILE D 154 -6.36 8.35 -23.37
C ILE D 154 -6.79 8.24 -24.83
N PHE D 155 -6.95 7.00 -25.28
CA PHE D 155 -7.49 6.68 -26.61
C PHE D 155 -8.69 5.79 -26.47
N ASN D 156 -9.61 5.92 -27.41
CA ASN D 156 -10.82 5.15 -27.36
C ASN D 156 -10.57 3.79 -28.00
N ASN D 157 -10.17 2.82 -27.17
CA ASN D 157 -9.73 1.50 -27.62
C ASN D 157 -10.73 0.79 -28.52
N THR D 158 -12.00 0.77 -28.10
CA THR D 158 -12.99 0.03 -28.90
C THR D 158 -13.21 0.74 -30.24
N SER D 159 -13.10 2.07 -30.27
CA SER D 159 -13.25 2.80 -31.56
C SER D 159 -12.02 2.63 -32.44
N VAL D 160 -10.84 2.54 -31.82
CA VAL D 160 -9.65 2.20 -32.59
C VAL D 160 -9.83 0.83 -33.27
N ALA D 161 -10.35 -0.14 -32.53
CA ALA D 161 -10.58 -1.49 -33.04
C ALA D 161 -11.67 -1.47 -34.12
N ALA D 162 -12.74 -0.72 -33.89
CA ALA D 162 -13.84 -0.65 -34.87
C ALA D 162 -13.32 0.00 -36.15
N GLY D 163 -12.50 1.03 -36.01
CA GLY D 163 -11.97 1.75 -37.20
C GLY D 163 -11.08 0.81 -38.01
N TYR D 164 -10.26 0.03 -37.30
CA TYR D 164 -9.42 -1.00 -37.94
C TYR D 164 -10.31 -2.03 -38.67
N ALA D 165 -11.37 -2.50 -38.02
CA ALA D 165 -12.28 -3.49 -38.61
C ALA D 165 -12.91 -2.92 -39.90
N ARG D 166 -13.25 -1.64 -39.88
CA ARG D 166 -13.88 -0.97 -41.02
C ARG D 166 -12.87 -0.73 -42.15
N ALA D 167 -11.78 -0.02 -41.84
CA ALA D 167 -10.81 0.44 -42.83
C ALA D 167 -9.89 -0.64 -43.37
N VAL D 168 -9.43 -1.53 -42.49
CA VAL D 168 -8.43 -2.52 -42.85
C VAL D 168 -9.08 -3.84 -43.22
N LEU D 169 -10.04 -4.28 -42.41
CA LEU D 169 -10.63 -5.61 -42.58
C LEU D 169 -11.82 -5.58 -43.53
N GLY D 170 -12.29 -4.39 -43.85
CA GLY D 170 -13.37 -4.22 -44.85
C GLY D 170 -14.77 -4.59 -44.35
N MET D 171 -14.94 -4.67 -43.03
CA MET D 171 -16.30 -4.84 -42.51
C MET D 171 -17.17 -3.62 -42.79
N GLU D 172 -18.45 -3.84 -43.13
CA GLU D 172 -19.34 -2.72 -43.44
C GLU D 172 -20.02 -2.19 -42.19
N ARG D 173 -20.22 -3.07 -41.21
CA ARG D 173 -21.00 -2.74 -40.01
C ARG D 173 -20.35 -3.36 -38.79
N VAL D 174 -20.16 -2.52 -37.78
CA VAL D 174 -19.58 -2.95 -36.50
C VAL D 174 -20.47 -2.41 -35.39
N ALA D 175 -20.68 -3.18 -34.32
CA ALA D 175 -21.44 -2.60 -33.20
C ALA D 175 -20.53 -2.59 -31.97
N ILE D 176 -20.61 -1.52 -31.20
CA ILE D 176 -19.90 -1.39 -29.92
C ILE D 176 -20.96 -1.27 -28.85
N LEU D 177 -21.02 -2.28 -27.98
CA LEU D 177 -21.93 -2.31 -26.84
C LEU D 177 -21.13 -2.02 -25.59
N ASP D 178 -21.50 -0.96 -24.89
CA ASP D 178 -20.69 -0.49 -23.77
C ASP D 178 -21.53 -0.65 -22.52
N TRP D 179 -21.18 -1.62 -21.65
CA TRP D 179 -21.94 -1.77 -20.42
C TRP D 179 -21.18 -1.31 -19.17
N ASP D 180 -20.08 -0.59 -19.40
CA ASP D 180 -19.44 0.19 -18.34
C ASP D 180 -20.57 1.09 -17.81
N VAL D 181 -20.62 1.29 -16.51
CA VAL D 181 -21.70 2.03 -15.85
C VAL D 181 -21.78 3.52 -16.23
N HIS D 182 -20.71 4.01 -16.84
CA HIS D 182 -20.65 5.44 -17.21
C HIS D 182 -20.96 5.56 -18.68
N HIS D 183 -21.52 6.69 -19.06
CA HIS D 183 -21.86 6.92 -20.47
C HIS D 183 -20.62 6.91 -21.37
N GLY D 184 -20.67 6.13 -22.44
CA GLY D 184 -19.60 6.09 -23.46
C GLY D 184 -19.67 7.33 -24.36
N ASN D 185 -19.46 8.49 -23.76
CA ASN D 185 -19.54 9.76 -24.51
C ASN D 185 -18.49 9.83 -25.62
N GLY D 186 -17.30 9.28 -25.40
CA GLY D 186 -16.25 9.37 -26.42
C GLY D 186 -16.64 8.59 -27.66
N THR D 187 -17.10 7.36 -27.47
CA THR D 187 -17.51 6.49 -28.57
C THR D 187 -18.68 7.13 -29.31
N GLN D 188 -19.60 7.71 -28.56
CA GLN D 188 -20.75 8.38 -29.15
C GLN D 188 -20.31 9.52 -30.06
N ASP D 189 -19.32 10.26 -29.60
CA ASP D 189 -18.81 11.43 -30.34
C ASP D 189 -18.16 10.98 -31.64
N ILE D 190 -17.28 9.98 -31.54
CA ILE D 190 -16.48 9.54 -32.66
C ILE D 190 -17.35 9.08 -33.83
N TRP D 191 -18.40 8.31 -33.54
CA TRP D 191 -19.19 7.71 -34.62
C TRP D 191 -20.54 8.42 -34.83
N TRP D 192 -20.68 9.59 -34.22
CA TRP D 192 -21.95 10.36 -34.20
C TRP D 192 -22.62 10.47 -35.58
N ASN D 193 -21.83 10.73 -36.61
CA ASN D 193 -22.38 10.92 -37.99
C ASN D 193 -22.36 9.65 -38.83
N ASP D 194 -22.09 8.52 -38.20
CA ASP D 194 -21.65 7.35 -38.95
C ASP D 194 -22.54 6.13 -38.67
N PRO D 195 -23.35 5.69 -39.67
CA PRO D 195 -24.19 4.52 -39.41
C PRO D 195 -23.45 3.18 -39.45
N SER D 196 -22.15 3.19 -39.81
CA SER D 196 -21.40 1.94 -40.05
C SER D 196 -20.85 1.39 -38.75
N VAL D 197 -20.99 2.18 -37.68
CA VAL D 197 -20.68 1.70 -36.32
C VAL D 197 -21.85 2.07 -35.44
N LEU D 198 -22.63 1.06 -35.05
CA LEU D 198 -23.73 1.25 -34.12
C LEU D 198 -23.12 1.35 -32.72
N THR D 199 -23.40 2.43 -32.02
CA THR D 199 -22.85 2.65 -30.65
C THR D 199 -23.99 2.60 -29.65
N ILE D 200 -23.88 1.67 -28.69
CA ILE D 200 -24.91 1.51 -27.67
C ILE D 200 -24.25 1.66 -26.30
N SER D 201 -24.84 2.46 -25.42
CA SER D 201 -24.32 2.61 -24.04
C SER D 201 -25.43 2.40 -23.01
N LEU D 202 -25.28 1.41 -22.14
CA LEU D 202 -26.09 1.30 -20.91
C LEU D 202 -25.33 2.02 -19.81
N HIS D 203 -25.99 2.84 -19.02
CA HIS D 203 -25.24 3.57 -18.01
C HIS D 203 -26.15 4.12 -16.95
N GLN D 204 -25.57 4.36 -15.77
CA GLN D 204 -26.31 5.10 -14.74
C GLN D 204 -26.52 6.52 -15.21
N HIS D 205 -27.77 6.96 -15.20
CA HIS D 205 -28.09 8.30 -15.70
C HIS D 205 -27.27 9.40 -15.01
N LEU D 206 -26.53 10.18 -15.82
CA LEU D 206 -25.77 11.36 -15.38
C LEU D 206 -24.69 11.06 -14.35
N CYS D 207 -24.18 9.83 -14.36
CA CYS D 207 -23.13 9.47 -13.43
C CYS D 207 -21.83 10.13 -13.93
N PHE D 208 -21.40 9.83 -15.16
CA PHE D 208 -20.23 10.50 -15.75
C PHE D 208 -20.26 10.23 -17.25
N PRO D 209 -20.06 11.27 -18.09
CA PRO D 209 -19.93 12.70 -17.75
C PRO D 209 -21.26 13.35 -17.36
N PRO D 210 -21.20 14.53 -16.72
CA PRO D 210 -22.43 15.24 -16.39
C PRO D 210 -23.13 15.68 -17.68
N ASP D 211 -24.44 15.85 -17.63
CA ASP D 211 -25.19 16.37 -18.81
C ASP D 211 -24.94 15.59 -20.11
N SER D 212 -24.87 14.27 -20.02
CA SER D 212 -24.47 13.44 -21.16
C SER D 212 -25.20 12.12 -21.03
N GLY D 213 -25.55 11.48 -22.15
CA GLY D 213 -26.07 10.12 -22.12
C GLY D 213 -27.58 10.03 -22.17
N TYR D 214 -28.24 11.16 -22.48
CA TYR D 214 -29.71 11.17 -22.66
C TYR D 214 -30.14 10.34 -23.87
N SER D 215 -31.33 9.76 -23.81
CA SER D 215 -31.77 8.90 -24.91
C SER D 215 -32.10 9.70 -26.16
N THR D 216 -32.20 11.02 -26.01
CA THR D 216 -32.40 11.91 -27.17
C THR D 216 -31.15 12.08 -28.03
N GLU D 217 -30.00 11.59 -27.55
CA GLU D 217 -28.75 11.71 -28.29
C GLU D 217 -28.69 10.52 -29.21
N ARG D 218 -29.06 10.73 -30.48
CA ARG D 218 -29.30 9.63 -31.44
C ARG D 218 -28.41 9.60 -32.69
N GLY D 219 -27.45 10.50 -32.75
CA GLY D 219 -26.57 10.58 -33.91
C GLY D 219 -27.07 11.69 -34.83
N ALA D 220 -26.35 11.93 -35.92
CA ALA D 220 -26.75 13.01 -36.85
C ALA D 220 -26.50 12.62 -38.29
N GLY D 221 -27.23 13.26 -39.23
CA GLY D 221 -27.06 12.92 -40.63
C GLY D 221 -27.32 11.45 -40.92
N ASN D 222 -26.45 10.82 -41.70
CA ASN D 222 -26.56 9.39 -42.02
C ASN D 222 -26.49 8.50 -40.77
N GLY D 223 -25.89 9.06 -39.74
CA GLY D 223 -25.75 8.33 -38.48
C GLY D 223 -26.94 8.47 -37.55
N HIS D 224 -27.97 9.21 -37.98
CA HIS D 224 -29.12 9.41 -37.12
C HIS D 224 -29.85 8.09 -36.95
N GLY D 225 -30.02 7.70 -35.68
CA GLY D 225 -30.63 6.42 -35.34
C GLY D 225 -29.61 5.33 -35.04
N TYR D 226 -28.32 5.64 -35.14
CA TYR D 226 -27.27 4.63 -34.93
C TYR D 226 -26.41 4.92 -33.72
N ASN D 227 -26.96 5.71 -32.81
CA ASN D 227 -26.43 5.82 -31.45
C ASN D 227 -27.59 5.62 -30.48
N ILE D 228 -27.43 4.69 -29.53
CA ILE D 228 -28.49 4.40 -28.57
C ILE D 228 -28.00 4.46 -27.14
N ASN D 229 -28.52 5.41 -26.38
CA ASN D 229 -28.25 5.52 -24.94
C ASN D 229 -29.38 4.93 -24.12
N VAL D 230 -29.03 4.12 -23.12
CA VAL D 230 -30.00 3.58 -22.20
C VAL D 230 -29.66 4.02 -20.77
N PRO D 231 -30.00 5.26 -20.39
CA PRO D 231 -29.72 5.66 -19.00
C PRO D 231 -30.67 4.98 -18.02
N LEU D 232 -30.10 4.46 -16.93
CA LEU D 232 -30.83 3.72 -15.90
C LEU D 232 -30.72 4.45 -14.58
N PRO D 233 -31.74 4.31 -13.71
CA PRO D 233 -31.63 4.98 -12.40
C PRO D 233 -30.61 4.33 -11.44
N PRO D 234 -30.01 5.14 -10.58
CA PRO D 234 -29.17 4.57 -9.52
C PRO D 234 -29.92 3.48 -8.76
N GLY D 235 -29.18 2.49 -8.28
CA GLY D 235 -29.75 1.34 -7.58
C GLY D 235 -30.29 0.24 -8.48
N SER D 236 -30.19 0.40 -9.80
CA SER D 236 -30.54 -0.66 -10.76
C SER D 236 -29.59 -1.85 -10.62
N GLY D 237 -30.13 -3.06 -10.59
CA GLY D 237 -29.29 -4.26 -10.54
C GLY D 237 -29.55 -5.26 -11.63
N ASN D 238 -29.42 -6.55 -11.30
CA ASN D 238 -29.45 -7.59 -12.31
C ASN D 238 -30.77 -7.54 -13.11
N ALA D 239 -31.90 -7.29 -12.42
CA ALA D 239 -33.19 -7.33 -13.14
C ALA D 239 -33.24 -6.24 -14.20
N ALA D 240 -32.87 -5.02 -13.82
CA ALA D 240 -32.89 -3.87 -14.74
C ALA D 240 -31.93 -4.09 -15.90
N TYR D 241 -30.71 -4.54 -15.61
CA TYR D 241 -29.74 -4.75 -16.68
C TYR D 241 -30.17 -5.84 -17.65
N LEU D 242 -30.71 -6.94 -17.14
CA LEU D 242 -31.08 -8.02 -18.05
C LEU D 242 -32.31 -7.63 -18.88
N HIS D 243 -33.21 -6.86 -18.27
CA HIS D 243 -34.37 -6.34 -18.99
C HIS D 243 -33.91 -5.39 -20.10
N ALA D 244 -32.93 -4.53 -19.80
CA ALA D 244 -32.36 -3.64 -20.86
C ALA D 244 -31.72 -4.46 -21.98
N MET D 245 -31.02 -5.53 -21.62
CA MET D 245 -30.42 -6.42 -22.61
C MET D 245 -31.51 -7.00 -23.53
N ASP D 246 -32.58 -7.51 -22.90
CA ASP D 246 -33.64 -8.22 -23.63
C ASP D 246 -34.54 -7.29 -24.45
N GLN D 247 -34.85 -6.12 -23.90
CA GLN D 247 -35.79 -5.18 -24.52
C GLN D 247 -35.11 -4.22 -25.48
N VAL D 248 -33.84 -3.89 -25.23
CA VAL D 248 -33.18 -2.86 -26.06
C VAL D 248 -31.93 -3.36 -26.78
N VAL D 249 -30.96 -3.86 -26.02
CA VAL D 249 -29.65 -4.12 -26.58
C VAL D 249 -29.63 -5.25 -27.62
N LEU D 250 -30.16 -6.41 -27.24
CA LEU D 250 -30.14 -7.54 -28.15
C LEU D 250 -31.01 -7.25 -29.38
N PRO D 251 -32.22 -6.68 -29.19
CA PRO D 251 -33.02 -6.30 -30.38
C PRO D 251 -32.29 -5.34 -31.32
N ALA D 252 -31.59 -4.37 -30.74
CA ALA D 252 -30.80 -3.40 -31.53
C ALA D 252 -29.72 -4.11 -32.36
N LEU D 253 -28.94 -4.98 -31.72
CA LEU D 253 -27.91 -5.73 -32.41
C LEU D 253 -28.50 -6.57 -33.54
N ARG D 254 -29.61 -7.25 -33.23
CA ARG D 254 -30.20 -8.17 -34.21
C ARG D 254 -30.74 -7.38 -35.42
N ALA D 255 -31.33 -6.24 -35.15
CA ALA D 255 -31.80 -5.34 -36.23
C ALA D 255 -30.66 -4.81 -37.08
N TYR D 256 -29.52 -4.53 -36.44
CA TYR D 256 -28.41 -3.88 -37.11
C TYR D 256 -27.58 -4.82 -37.98
N ARG D 257 -27.48 -6.08 -37.57
CA ARG D 257 -26.69 -7.10 -38.29
C ARG D 257 -25.23 -6.70 -38.45
N PRO D 258 -24.52 -6.44 -37.33
CA PRO D 258 -23.13 -6.06 -37.40
C PRO D 258 -22.34 -7.30 -37.82
N GLN D 259 -21.17 -7.10 -38.42
CA GLN D 259 -20.29 -8.21 -38.78
C GLN D 259 -19.35 -8.58 -37.63
N LEU D 260 -19.34 -7.74 -36.60
CA LEU D 260 -18.48 -7.89 -35.41
C LEU D 260 -19.16 -7.15 -34.29
N ILE D 261 -19.14 -7.75 -33.09
CA ILE D 261 -19.65 -7.06 -31.92
C ILE D 261 -18.46 -6.84 -30.99
N ILE D 262 -18.22 -5.58 -30.63
CA ILE D 262 -17.14 -5.24 -29.65
C ILE D 262 -17.87 -4.82 -28.39
N VAL D 263 -17.54 -5.45 -27.24
CA VAL D 263 -18.18 -5.08 -25.99
C VAL D 263 -17.18 -4.29 -25.17
N GLY D 264 -17.58 -3.09 -24.77
CA GLY D 264 -16.85 -2.25 -23.81
C GLY D 264 -17.28 -2.77 -22.45
N SER D 265 -16.45 -3.66 -21.92
CA SER D 265 -16.81 -4.46 -20.79
C SER D 265 -16.23 -3.84 -19.52
N GLY D 266 -16.99 -2.94 -18.90
CA GLY D 266 -16.62 -2.46 -17.56
C GLY D 266 -17.39 -3.24 -16.50
N PHE D 267 -16.86 -3.24 -15.28
CA PHE D 267 -17.56 -3.90 -14.16
C PHE D 267 -17.89 -2.91 -13.04
N ASP D 268 -17.94 -1.63 -13.40
CA ASP D 268 -18.25 -0.60 -12.43
C ASP D 268 -19.74 -0.47 -12.12
N ALA D 269 -20.58 -1.26 -12.79
CA ALA D 269 -21.99 -1.38 -12.35
C ALA D 269 -22.10 -2.38 -11.21
N SER D 270 -20.99 -2.93 -10.73
CA SER D 270 -21.11 -3.94 -9.68
C SER D 270 -21.61 -3.38 -8.35
N MET D 271 -22.18 -4.28 -7.56
CA MET D 271 -22.73 -3.96 -6.24
C MET D 271 -21.74 -3.24 -5.30
N LEU D 272 -20.46 -3.46 -5.50
CA LEU D 272 -19.45 -2.94 -4.54
C LEU D 272 -18.60 -1.83 -5.14
N ASP D 273 -18.99 -1.31 -6.30
CA ASP D 273 -18.14 -0.30 -6.88
C ASP D 273 -18.31 1.08 -6.23
N PRO D 274 -17.18 1.79 -5.94
CA PRO D 274 -17.30 3.15 -5.39
C PRO D 274 -17.76 4.23 -6.40
N LEU D 275 -17.53 4.00 -7.70
CA LEU D 275 -17.78 5.05 -8.70
C LEU D 275 -19.13 5.00 -9.42
N ALA D 276 -20.03 4.16 -8.94
CA ALA D 276 -21.42 4.22 -9.37
C ALA D 276 -22.27 3.57 -8.27
N ARG D 277 -23.60 3.65 -8.45
CA ARG D 277 -24.57 3.22 -7.42
C ARG D 277 -25.44 2.06 -7.91
N MET D 278 -24.88 1.20 -8.79
CA MET D 278 -25.63 0.10 -9.37
C MET D 278 -25.41 -1.19 -8.60
N MET D 279 -26.20 -2.20 -8.93
CA MET D 279 -26.29 -3.37 -8.04
C MET D 279 -26.06 -4.69 -8.77
N VAL D 280 -25.32 -4.64 -9.86
CA VAL D 280 -25.07 -5.86 -10.61
C VAL D 280 -24.10 -6.79 -9.86
N THR D 281 -24.38 -8.09 -9.86
CA THR D 281 -23.46 -9.03 -9.28
C THR D 281 -22.73 -9.81 -10.37
N ALA D 282 -21.77 -10.64 -9.96
CA ALA D 282 -21.04 -11.46 -10.93
C ALA D 282 -22.00 -12.32 -11.80
N ASP D 283 -23.06 -12.84 -11.18
CA ASP D 283 -24.04 -13.64 -11.91
C ASP D 283 -24.78 -12.78 -12.93
N GLY D 284 -25.01 -11.51 -12.58
CA GLY D 284 -25.61 -10.56 -13.55
C GLY D 284 -24.72 -10.40 -14.78
N PHE D 285 -23.44 -10.10 -14.53
CA PHE D 285 -22.47 -10.00 -15.63
C PHE D 285 -22.38 -11.29 -16.45
N ARG D 286 -22.42 -12.42 -15.77
CA ARG D 286 -22.41 -13.72 -16.40
C ARG D 286 -23.57 -13.82 -17.40
N GLN D 287 -24.76 -13.41 -16.96
CA GLN D 287 -25.96 -13.56 -17.82
C GLN D 287 -25.88 -12.58 -18.97
N MET D 288 -25.36 -11.39 -18.69
CA MET D 288 -25.20 -10.40 -19.77
C MET D 288 -24.24 -10.92 -20.84
N ALA D 289 -23.12 -11.48 -20.36
CA ALA D 289 -22.13 -12.06 -21.28
C ALA D 289 -22.70 -13.22 -22.09
N ARG D 290 -23.38 -14.14 -21.41
CA ARG D 290 -23.99 -15.29 -22.05
C ARG D 290 -24.95 -14.82 -23.15
N ARG D 291 -25.81 -13.85 -22.82
CA ARG D 291 -26.77 -13.33 -23.83
C ARG D 291 -26.04 -12.72 -25.05
N THR D 292 -24.96 -12.00 -24.80
CA THR D 292 -24.30 -11.29 -25.88
C THR D 292 -23.52 -12.24 -26.78
N ILE D 293 -22.85 -13.21 -26.17
CA ILE D 293 -22.07 -14.18 -26.93
C ILE D 293 -23.02 -15.01 -27.80
N ASP D 294 -24.15 -15.41 -27.21
CA ASP D 294 -25.16 -16.22 -27.91
C ASP D 294 -25.74 -15.42 -29.09
N CYS D 295 -25.97 -14.13 -28.88
CA CYS D 295 -26.42 -13.23 -29.95
C CYS D 295 -25.36 -13.13 -31.06
N ALA D 296 -24.08 -13.00 -30.71
CA ALA D 296 -23.00 -13.01 -31.68
C ALA D 296 -22.97 -14.31 -32.47
N ALA D 297 -23.22 -15.45 -31.80
CA ALA D 297 -23.30 -16.75 -32.49
C ALA D 297 -24.38 -16.73 -33.57
N ASP D 298 -25.50 -16.08 -33.25
CA ASP D 298 -26.68 -15.99 -34.12
C ASP D 298 -26.44 -15.10 -35.32
N ILE D 299 -25.84 -13.93 -35.10
CA ILE D 299 -25.86 -12.89 -36.13
C ILE D 299 -24.53 -12.60 -36.84
N CYS D 300 -23.41 -12.97 -36.22
CA CYS D 300 -22.12 -12.67 -36.86
C CYS D 300 -21.07 -13.75 -36.67
N ASP D 301 -21.48 -15.01 -36.85
CA ASP D 301 -20.59 -16.14 -36.87
C ASP D 301 -19.78 -16.17 -35.58
N GLY D 302 -20.36 -15.61 -34.51
CA GLY D 302 -19.76 -15.68 -33.17
C GLY D 302 -18.65 -14.67 -32.94
N ARG D 303 -18.46 -13.75 -33.88
CA ARG D 303 -17.33 -12.81 -33.78
C ARG D 303 -17.62 -11.72 -32.74
N ILE D 304 -17.04 -11.89 -31.56
CA ILE D 304 -17.28 -10.97 -30.45
C ILE D 304 -15.97 -10.80 -29.68
N VAL D 305 -15.67 -9.54 -29.42
CA VAL D 305 -14.43 -9.15 -28.76
C VAL D 305 -14.80 -8.28 -27.57
N PHE D 306 -14.43 -8.73 -26.37
CA PHE D 306 -14.65 -7.93 -25.17
C PHE D 306 -13.38 -7.13 -24.89
N VAL D 307 -13.55 -5.85 -24.56
CA VAL D 307 -12.44 -4.98 -24.24
C VAL D 307 -12.70 -4.32 -22.92
N GLN D 308 -11.75 -4.47 -21.98
CA GLN D 308 -11.97 -3.90 -20.66
C GLN D 308 -12.16 -2.40 -20.66
N GLU D 309 -13.18 -1.96 -19.91
CA GLU D 309 -13.37 -0.56 -19.62
C GLU D 309 -13.13 -0.35 -18.11
N GLY D 310 -14.06 0.27 -17.40
CA GLY D 310 -13.80 0.62 -16.01
C GLY D 310 -14.14 -0.51 -15.03
N GLY D 311 -14.18 -0.14 -13.75
CA GLY D 311 -14.37 -1.09 -12.64
C GLY D 311 -13.33 -0.74 -11.60
N TYR D 312 -13.77 -0.60 -10.34
CA TYR D 312 -12.98 0.08 -9.29
C TYR D 312 -13.01 -0.68 -7.98
N SER D 313 -13.52 -1.91 -7.99
CA SER D 313 -13.44 -2.75 -6.77
C SER D 313 -12.33 -3.80 -6.92
N PRO D 314 -11.18 -3.61 -6.24
CA PRO D 314 -10.15 -4.66 -6.36
C PRO D 314 -10.61 -5.96 -5.70
N HIS D 315 -11.57 -5.83 -4.78
CA HIS D 315 -12.10 -7.00 -4.10
C HIS D 315 -12.98 -7.84 -5.01
N TYR D 316 -13.92 -7.18 -5.68
CA TYR D 316 -14.98 -7.92 -6.35
C TYR D 316 -14.84 -7.99 -7.87
N LEU D 317 -14.21 -6.98 -8.46
CA LEU D 317 -14.12 -6.93 -9.91
C LEU D 317 -13.55 -8.24 -10.49
N PRO D 318 -12.49 -8.80 -9.86
CA PRO D 318 -11.94 -10.03 -10.43
C PRO D 318 -13.00 -11.12 -10.60
N PHE D 319 -13.95 -11.25 -9.66
CA PHE D 319 -14.99 -12.29 -9.80
C PHE D 319 -16.02 -11.96 -10.86
N CYS D 320 -16.30 -10.67 -11.01
CA CYS D 320 -17.20 -10.24 -12.09
C CYS D 320 -16.58 -10.52 -13.47
N GLY D 321 -15.31 -10.16 -13.63
CA GLY D 321 -14.59 -10.44 -14.89
C GLY D 321 -14.44 -11.92 -15.14
N LEU D 322 -14.10 -12.69 -14.09
CA LEU D 322 -13.96 -14.11 -14.24
C LEU D 322 -15.26 -14.73 -14.77
N ALA D 323 -16.41 -14.27 -14.27
CA ALA D 323 -17.69 -14.79 -14.74
C ALA D 323 -17.79 -14.63 -16.27
N VAL D 324 -17.36 -13.48 -16.79
CA VAL D 324 -17.43 -13.27 -18.24
C VAL D 324 -16.48 -14.20 -18.98
N ILE D 325 -15.24 -14.32 -18.48
CA ILE D 325 -14.27 -15.25 -19.07
C ILE D 325 -14.82 -16.68 -19.14
N GLU D 326 -15.43 -17.14 -18.05
CA GLU D 326 -16.03 -18.47 -17.98
C GLU D 326 -17.14 -18.66 -19.01
N GLU D 327 -17.89 -17.60 -19.29
CA GLU D 327 -18.91 -17.68 -20.35
C GLU D 327 -18.28 -17.83 -21.73
N LEU D 328 -17.08 -17.26 -21.92
CA LEU D 328 -16.36 -17.42 -23.20
C LEU D 328 -15.77 -18.82 -23.33
N THR D 329 -15.20 -19.35 -22.25
CA THR D 329 -14.54 -20.65 -22.31
C THR D 329 -15.50 -21.83 -22.15
N GLY D 330 -16.64 -21.59 -21.52
CA GLY D 330 -17.58 -22.65 -21.14
C GLY D 330 -17.13 -23.47 -19.96
N VAL D 331 -16.02 -23.08 -19.32
CA VAL D 331 -15.50 -23.84 -18.17
C VAL D 331 -15.86 -23.09 -16.90
N ARG D 332 -16.80 -23.62 -16.12
CA ARG D 332 -17.33 -22.86 -14.97
C ARG D 332 -16.92 -23.53 -13.68
N SER D 333 -15.72 -23.20 -13.20
CA SER D 333 -15.01 -23.95 -12.17
C SER D 333 -14.74 -23.19 -10.85
N LEU D 334 -15.29 -22.00 -10.66
CA LEU D 334 -15.07 -21.31 -9.40
C LEU D 334 -16.33 -20.58 -9.01
N PRO D 335 -16.78 -20.74 -7.77
CA PRO D 335 -17.92 -19.94 -7.32
C PRO D 335 -17.54 -18.49 -7.07
N ASP D 336 -18.54 -17.61 -7.09
CA ASP D 336 -18.39 -16.25 -6.59
C ASP D 336 -18.47 -16.36 -5.06
N PRO D 337 -17.36 -16.07 -4.35
CA PRO D 337 -17.42 -16.26 -2.91
C PRO D 337 -18.27 -15.20 -2.19
N TYR D 338 -18.67 -14.17 -2.92
CA TYR D 338 -19.52 -13.11 -2.38
C TYR D 338 -21.01 -13.37 -2.65
N HIS D 339 -21.32 -14.48 -3.32
CA HIS D 339 -22.70 -14.73 -3.77
C HIS D 339 -23.71 -14.59 -2.61
N GLU D 340 -23.47 -15.29 -1.50
CA GLU D 340 -24.46 -15.29 -0.41
C GLU D 340 -24.60 -13.88 0.17
N PHE D 341 -23.45 -13.26 0.49
CA PHE D 341 -23.32 -11.91 1.06
C PHE D 341 -24.10 -10.87 0.27
N LEU D 342 -23.98 -10.92 -1.05
CA LEU D 342 -24.61 -9.93 -1.93
C LEU D 342 -26.06 -10.25 -2.30
N ALA D 343 -26.41 -11.52 -2.19
CA ALA D 343 -27.70 -12.09 -2.62
C ALA D 343 -28.89 -11.31 -2.11
N GLY D 344 -28.81 -10.93 -0.84
CA GLY D 344 -29.96 -10.38 -0.15
C GLY D 344 -30.05 -8.87 -0.20
N MET D 345 -29.17 -8.21 -0.96
CA MET D 345 -29.14 -6.76 -0.96
C MET D 345 -30.15 -6.15 -1.92
N GLY D 346 -30.67 -6.95 -2.87
CA GLY D 346 -31.62 -6.45 -3.84
C GLY D 346 -31.04 -6.27 -5.23
N GLY D 347 -31.85 -5.70 -6.11
CA GLY D 347 -31.48 -5.49 -7.51
C GLY D 347 -32.06 -6.56 -8.41
N ASN D 348 -32.57 -7.65 -7.82
CA ASN D 348 -33.06 -8.77 -8.61
C ASN D 348 -34.54 -8.75 -8.98
N THR D 349 -35.20 -7.67 -8.63
CA THR D 349 -36.60 -7.46 -9.02
C THR D 349 -36.65 -6.18 -9.84
N LEU D 350 -37.34 -6.25 -10.98
CA LEU D 350 -37.43 -5.10 -11.86
C LEU D 350 -38.38 -4.06 -11.25
N LEU D 351 -37.83 -2.94 -10.82
CA LEU D 351 -38.63 -1.87 -10.21
C LEU D 351 -39.33 -1.07 -11.30
N ASP D 352 -40.45 -0.44 -10.93
CA ASP D 352 -41.26 0.23 -11.94
C ASP D 352 -40.53 1.39 -12.61
N ALA D 353 -39.73 2.16 -11.86
CA ALA D 353 -38.93 3.25 -12.46
C ALA D 353 -37.85 2.74 -13.43
N GLU D 354 -37.33 1.54 -13.18
CA GLU D 354 -36.34 0.89 -14.06
C GLU D 354 -37.02 0.43 -15.35
N ARG D 355 -38.18 -0.21 -15.20
CA ARG D 355 -38.96 -0.62 -16.37
C ARG D 355 -39.26 0.57 -17.27
N ALA D 356 -39.75 1.65 -16.65
CA ALA D 356 -40.11 2.88 -17.38
C ALA D 356 -38.92 3.44 -18.16
N ALA D 357 -37.75 3.44 -17.52
CA ALA D 357 -36.56 4.01 -18.11
C ALA D 357 -36.19 3.25 -19.38
N ILE D 358 -36.31 1.93 -19.33
CA ILE D 358 -35.99 1.06 -20.46
C ILE D 358 -37.05 1.17 -21.56
N GLU D 359 -38.32 1.20 -21.14
CA GLU D 359 -39.44 1.35 -22.09
C GLU D 359 -39.34 2.61 -22.96
N GLU D 360 -38.83 3.71 -22.40
CA GLU D 360 -38.58 4.95 -23.15
C GLU D 360 -37.72 4.71 -24.41
N ILE D 361 -36.84 3.71 -24.35
CA ILE D 361 -35.85 3.51 -25.43
C ILE D 361 -36.40 2.68 -26.59
N VAL D 362 -37.36 1.82 -26.30
CA VAL D 362 -37.83 0.85 -27.29
C VAL D 362 -38.30 1.44 -28.64
N PRO D 363 -39.05 2.58 -28.65
CA PRO D 363 -39.47 3.19 -29.94
C PRO D 363 -38.31 3.49 -30.92
N LEU D 364 -37.12 3.73 -30.37
CA LEU D 364 -35.95 4.07 -31.20
C LEU D 364 -35.45 2.90 -32.04
N LEU D 365 -35.77 1.68 -31.61
CA LEU D 365 -35.31 0.50 -32.32
C LEU D 365 -35.80 0.38 -33.78
N ALA D 366 -36.98 0.92 -34.07
CA ALA D 366 -37.53 0.81 -35.44
C ALA D 366 -36.72 1.58 -36.49
N ASP D 367 -35.86 2.49 -36.05
CA ASP D 367 -35.05 3.32 -36.96
C ASP D 367 -33.71 2.69 -37.34
N ILE D 368 -33.39 1.57 -36.72
CA ILE D 368 -32.18 0.85 -37.07
C ILE D 368 -32.47 0.02 -38.33
ZN ZN E . 18.39 -14.44 2.39
K K F . 24.10 -18.28 1.30
K K G . 26.84 -32.33 1.57
C ACT H . 16.25 -15.64 2.93
O ACT H . 17.41 -16.06 3.20
OXT ACT H . 16.19 -14.44 2.54
CH3 ACT H . 14.99 -16.44 3.07
ZN ZN I . 20.51 10.00 5.67
K K J . 26.04 12.62 9.02
K K K . 31.68 25.67 10.34
C ACT L . 19.14 11.60 4.36
O ACT L . 18.72 10.45 4.62
OXT ACT L . 20.37 11.79 4.62
CH3 ACT L . 18.19 12.65 3.85
ZN ZN M . -22.16 0.90 8.08
K K N . -28.35 2.97 10.55
K K O . -35.56 0.86 22.74
C ACT P . -20.72 -0.50 9.64
O ACT P . -21.97 -0.48 9.75
OXT ACT P . -20.25 0.05 8.58
CH3 ACT P . -19.83 -1.09 10.71
ZN ZN Q . -16.84 3.41 -15.99
K K R . -22.94 5.75 -34.74
K K S . -21.82 2.59 -20.81
C ACT T . -14.68 4.51 -16.83
O ACT T . -15.81 4.74 -17.32
OXT ACT T . -14.74 3.94 -15.71
CH3 ACT T . -13.37 4.86 -17.51
#